data_3S4W
#
_entry.id   3S4W
#
_cell.length_a   83.800
_cell.length_b   110.400
_cell.length_c   350.500
_cell.angle_alpha   90.00
_cell.angle_beta   90.00
_cell.angle_gamma   90.00
#
_symmetry.space_group_name_H-M   'P 21 21 21'
#
loop_
_entity.id
_entity.type
_entity.pdbx_description
1 polymer 'Fanconi anemia group I protein homolog'
2 polymer 'Fanconi anemia group D2 protein homolog'
#
loop_
_entity_poly.entity_id
_entity_poly.type
_entity_poly.pdbx_seq_one_letter_code
_entity_poly.pdbx_strand_id
1 'polypeptide(L)'
;MDLKILSLATDKTTDKLQEFLQTLKDDDLASLLQNQAVKGRAVGTLLRAVLKGSPCSEEDGALRRYKIYSCCIQLVESGD
LQQDVASEIIGLLMLEVHHFPGPLLVDLASDFVGAVREDRLVNGKSLELLPIILTALATKKEVLACGKGDLNGEEYKRQL
IDTLCSVRWPQRYMIQLTSVFKDVCLTPEEMNLVVAKVLTMFSKLNLQEIPPLVYQLLVLSSKGSRRSVLDGIIAFFREL
DKQHREEQSSDELSELITAPADELYHVEGTVILHIVFAIKLDCELGRELLKHLKAGQQGDPSKCLCPFSIALLLSLTRIQ
RFEEQVFDLLKTSVVKSFKDLQLLQGSKFLQTLVPQRTCVSTMILEVVRNSVHSWDHVTQGLIEFGFILMDSYGPKKILD
GKAVEIGTSLSKMTNQHACKLGANILLETFKIHEMIRQEILEQVLNRVVTRTSSPINHFLDLFSDIIMYAPLILQNCSKV
TETFDYLTFLPLQTVQGLLKAVQPLLKISMSMRDSLILVLRKAMFASQLDARKSAVAGFLLLLKNFKVLGSLPSSQCTQS
IGVTQVRVDVHSRYSAVANETFCLEIIDSLKRSLGQQADIRLMLYDGFYDVLRRNSQLASSIMQTLFSQLKQFYEPEPDL
LPPLKLGACVLTQGSQIFLQEPLDHLLSCIQHCLAWYKSRVVPLQQGDEGEEEEEELYSELDDMLESITVRMIKSELEDF
ELDKSADFSQNTNVGIKNNICACLIMGVCEVLMEYNFSISNFSKSKFEEILSLFTCYKKFSDILSEKAGKGKAKMTSKVS
DSLLSLKFVSDLLTALFRDSIQSHEESLSVLRSSGEFMHYAVNVTLQKIQQLIRTGHVSGPDGQNPDKIFQNLCDITRVL
LWRYTSIPTSVEESGKKEKGKSISLLCLEGLQKTFSVVLQFYQPKVQQFLQALDVMGTEEEEAGVTVTQRASFQIRQFQR
SLLNLLSSEEDDFNSKEALLLIAVLSTLSRLLEPTSPQFVQMLSWTSKICKEYSQEDASFCKSLMNLFFSLHVLYKSPVT
LLRDLSQDIHGQLGDIDQDVEIEKTDHFAVVNLRTAAPTVCLLVLSQAEKVLEEVDWLIAKIKGSANQETLSDKVTPEDA
SSQAVPPTLLIEKAIVMQLGTLVTFFHELVQTALPSGSCVDTLLKGLSKIYSTLTAFVKYYLQVCQSSRGIPNTVEKLVK
LSGSHLTPVCYSFISYVQNKSSDAPKCSEKEKAAVSTTMAKVLRETKPIPNLVFAIEQYEKFLIQLSKKSKVNLMQHMKL
STSRDFKIKGSVLDMVLREDEEHHHHHH
;
A
2 'polypeptide(L)'
;SHNSHEVEENGSVFVKLLKASGLTLKTGENQNQLGVDQVIFQRKLFQALRKHPAYPKVIEEFVNGLESYTEDSESLRNCL
LSCERLQDEEASMGTFYSKSLIKLLLGIDILQPAIIKMLFEKVPQFLFESENRDGINMARLIINQLKWLDRIVDGKDLTA
QMMQLISVAPVNLQHDFITSLPEILGDSQHANVGKELGELLVQNTSLTVPILDVFSSLRLDPNFLSKIRQLVMGKLSSVR
LEDFPVIVKFLLHSVTDTTSLEVIAELRENLNVQQFILPSRIQASQSKLKSKGLASSSGNQENSDKDCIVLVFDVIKSAI
RYEKTISEAWFKAIERIESAAEHKSLDVVMLLIIYSTSTQTKKGVEKLLRNKIQSDCIQEQLLDSAFSTHYLVLKDICPS
ILLLAQTLFHSQDQRIILFGSLLYKYAFKFFDTYCQQEVVGALVTHVCSGTEAEVDTALDVLLELIVLNASAMRLNAAFV
KGILDYLENMSPQQIRKIFCILSTLAFSQQPGTSNHIQDDMHLVIRKQLSSTVFKYKLIGIIGAVTMAGIMAEDRSVPSN
SSQRSANVSSEQRTQVTSLLQLVHSCTEHSPWASSLYYDEFANLIQERKLAPKTLEWVGQTIFNDFQDAFVVDFCAAPEG
DFPFPVKALYGLEEYSTQDGIVINLLPLFYQECAKDASRATSQESSQRSMSSLCLASHFRLLRLCVARQHDGNLDEIDGL
LDCPLFLPDLEPGEKLESMSAKDRSLMCSLTFLTFNWFREVVNAFCQQTSPEMKGKVLSRLKDLVELQGILEKYLAVIPD
YVPPFASVDLDTLDMMPRKTFVSLQNYRAFFRELDIEVFSILHSGLVTKFILDTEMHTEATEVVQLGPAELLFLLEDLSQ
KLENMLTAPFAKRICCFKNKGRQNIGFSHLHQRSVQDIVHCVVQLLTPMCNHLENIHNFFQCLGAEHLSADDKARATAQE
QHTMACCYQKLLQVLHALFAWKGFTHQSKHRLLHSALEVLSNRLKQMEQDQPLEELVSQSFSYLQNFHHSVPSFQCGLYL
LRLLMALLEKSAVPNQKKEKLASLAKQLLCRAWPHGEKEKNPTFNDHLHDVLYIYLEHTDNVLKAIEEITGVGVPELVSA
PKDAASSTFPTLTRHTFVIFFRVMMAELEKTVKGLQAGTAADSQQVHEEKLLYWNMAVRDFSILLNLMKVFDSYPVLHVC
LKYGRRFVEAFLKQCMPLLDFSFRKHREDVLSLLQTLQLNTRLLHHLCGHSKIRQDTRLTKHVPLLKKSLELLVCRVKAM
LVLNNCREAFWLGTLKNRDLQGEEIISQDPSSSESNAEDSEDG
;
B
#
# COMPACT_ATOMS: atom_id res chain seq x y z
N MET A 1 48.51 57.14 -1.79
CA MET A 1 49.19 56.04 -1.13
C MET A 1 48.86 54.71 -1.79
N ASP A 2 47.62 54.59 -2.28
CA ASP A 2 47.12 53.36 -2.87
C ASP A 2 48.04 52.77 -3.94
N LEU A 3 48.36 53.58 -4.95
CA LEU A 3 49.20 53.15 -6.06
C LEU A 3 50.59 52.69 -5.62
N LYS A 4 51.17 53.38 -4.64
CA LYS A 4 52.49 53.03 -4.14
C LYS A 4 52.48 51.65 -3.48
N ILE A 5 51.32 51.21 -3.05
CA ILE A 5 51.14 49.87 -2.51
C ILE A 5 50.87 48.88 -3.64
N LEU A 6 50.51 49.41 -4.81
CA LEU A 6 50.30 48.59 -5.99
C LEU A 6 51.63 48.22 -6.65
N SER A 7 52.63 49.07 -6.45
CA SER A 7 53.99 48.80 -6.94
C SER A 7 54.64 47.72 -6.08
N LEU A 8 54.26 47.67 -4.81
CA LEU A 8 54.84 46.71 -3.86
C LEU A 8 54.31 45.30 -4.12
N ALA A 9 53.12 45.23 -4.72
CA ALA A 9 52.49 43.96 -5.06
C ALA A 9 53.09 43.44 -6.36
N THR A 10 54.01 44.22 -6.89
CA THR A 10 54.71 43.92 -8.14
C THR A 10 56.12 43.39 -7.87
N ASP A 11 56.94 44.20 -7.20
CA ASP A 11 58.38 43.95 -7.17
C ASP A 11 58.81 42.76 -6.30
N LYS A 12 58.73 42.90 -4.99
CA LYS A 12 59.16 41.83 -4.08
C LYS A 12 58.56 41.84 -2.67
N THR A 13 58.56 40.66 -2.05
CA THR A 13 58.02 40.41 -0.71
C THR A 13 58.93 41.02 0.37
N THR A 14 58.41 41.15 1.60
CA THR A 14 59.19 41.76 2.68
C THR A 14 59.55 43.21 2.34
N ASP A 15 60.84 43.48 2.14
CA ASP A 15 61.38 44.83 2.22
C ASP A 15 60.50 45.88 1.54
N LYS A 16 59.98 45.59 0.35
CA LYS A 16 59.11 46.56 -0.31
C LYS A 16 57.85 46.82 0.50
N LEU A 17 57.12 45.76 0.82
CA LEU A 17 55.81 45.85 1.44
C LEU A 17 55.82 46.32 2.89
N GLN A 18 56.64 45.66 3.72
CA GLN A 18 56.62 45.84 5.16
C GLN A 18 57.30 47.14 5.63
N GLU A 19 58.08 47.75 4.75
CA GLU A 19 58.75 48.99 5.07
C GLU A 19 57.77 50.16 5.11
N PHE A 20 56.85 50.18 4.14
CA PHE A 20 55.85 51.24 4.05
C PHE A 20 54.77 51.09 5.14
N LEU A 21 54.65 49.88 5.68
CA LEU A 21 53.69 49.61 6.74
C LEU A 21 54.11 50.29 8.05
N GLN A 22 55.34 50.00 8.47
CA GLN A 22 55.86 50.50 9.73
C GLN A 22 55.87 52.02 9.78
N THR A 23 55.78 52.65 8.60
CA THR A 23 55.84 54.10 8.50
C THR A 23 54.51 54.78 8.81
N LEU A 24 53.42 54.00 8.80
CA LEU A 24 52.10 54.60 8.99
C LEU A 24 51.67 54.58 10.45
N LYS A 25 51.20 53.43 10.91
CA LYS A 25 50.85 53.20 12.32
C LYS A 25 49.74 54.12 12.82
N ASP A 26 49.50 55.21 12.10
CA ASP A 26 48.53 56.21 12.55
C ASP A 26 47.09 55.70 12.68
N ASP A 27 46.41 55.54 11.54
CA ASP A 27 45.02 55.12 11.53
C ASP A 27 44.67 54.26 10.32
N ASP A 28 44.08 53.09 10.55
CA ASP A 28 43.53 52.36 9.41
C ASP A 28 42.01 52.49 9.25
N LEU A 29 41.37 53.20 10.18
CA LEU A 29 39.91 53.36 10.15
C LEU A 29 39.40 54.34 9.09
N ALA A 30 40.01 55.51 9.02
CA ALA A 30 39.55 56.60 8.15
C ALA A 30 39.73 56.27 6.66
N SER A 31 40.76 55.50 6.35
CA SER A 31 41.08 55.13 4.98
C SER A 31 40.10 54.09 4.43
N LEU A 32 39.84 53.05 5.21
CA LEU A 32 38.98 51.96 4.75
C LEU A 32 37.49 52.34 4.80
N LEU A 33 37.13 53.26 5.69
CA LEU A 33 35.76 53.72 5.84
C LEU A 33 35.32 54.49 4.60
N GLN A 34 36.30 55.06 3.92
CA GLN A 34 36.09 55.95 2.79
C GLN A 34 36.47 55.29 1.47
N ASN A 35 37.72 54.88 1.33
CA ASN A 35 38.21 54.31 0.09
C ASN A 35 37.38 53.12 -0.33
N GLN A 36 36.53 52.66 0.58
CA GLN A 36 35.47 51.73 0.25
C GLN A 36 34.28 52.47 -0.40
N ALA A 37 34.05 53.70 0.05
CA ALA A 37 32.87 54.46 -0.36
C ALA A 37 32.97 55.05 -1.77
N VAL A 38 34.19 55.30 -2.24
CA VAL A 38 34.40 55.78 -3.60
C VAL A 38 34.22 54.63 -4.58
N LYS A 39 35.16 53.69 -4.57
CA LYS A 39 35.02 52.44 -5.32
C LYS A 39 35.38 51.26 -4.42
N GLY A 40 34.40 50.41 -4.13
CA GLY A 40 34.60 49.30 -3.22
C GLY A 40 35.68 48.34 -3.66
N ARG A 41 36.00 48.36 -4.96
CA ARG A 41 36.99 47.44 -5.52
C ARG A 41 38.42 47.94 -5.33
N ALA A 42 38.55 49.14 -4.77
CA ALA A 42 39.86 49.66 -4.37
C ALA A 42 40.29 49.02 -3.05
N VAL A 43 39.30 48.59 -2.28
CA VAL A 43 39.53 47.91 -1.00
C VAL A 43 39.88 46.43 -1.18
N GLY A 44 39.23 45.80 -2.16
CA GLY A 44 39.45 44.40 -2.45
C GLY A 44 40.93 44.05 -2.60
N THR A 45 41.62 44.78 -3.45
CA THR A 45 43.05 44.54 -3.68
C THR A 45 43.90 45.22 -2.60
N LEU A 46 43.28 46.12 -1.86
CA LEU A 46 43.94 46.80 -0.75
C LEU A 46 44.34 45.78 0.31
N LEU A 47 43.41 44.88 0.62
CA LEU A 47 43.65 43.81 1.58
C LEU A 47 44.73 42.85 1.09
N ARG A 48 44.64 42.45 -0.18
CA ARG A 48 45.56 41.49 -0.75
C ARG A 48 47.02 41.95 -0.64
N ALA A 49 47.25 43.25 -0.81
CA ALA A 49 48.59 43.82 -0.75
C ALA A 49 49.10 43.93 0.68
N VAL A 50 48.26 44.49 1.56
CA VAL A 50 48.64 44.73 2.94
C VAL A 50 48.83 43.43 3.71
N LEU A 51 48.04 42.42 3.37
CA LEU A 51 48.09 41.13 4.04
C LEU A 51 49.34 40.32 3.71
N LYS A 52 49.80 40.39 2.45
CA LYS A 52 51.00 39.68 2.04
C LYS A 52 52.24 40.51 2.39
N GLY A 53 52.00 41.75 2.78
CA GLY A 53 53.05 42.59 3.33
C GLY A 53 53.13 42.42 4.84
N SER A 54 52.32 41.52 5.39
CA SER A 54 52.36 41.23 6.82
C SER A 54 52.20 39.73 7.16
N PRO A 55 53.16 38.90 6.72
CA PRO A 55 53.05 37.45 6.95
C PRO A 55 53.09 37.09 8.44
N CYS A 56 52.96 35.81 8.74
CA CYS A 56 52.99 35.33 10.13
C CYS A 56 54.37 34.82 10.51
N SER A 57 55.31 34.90 9.57
CA SER A 57 56.71 34.56 9.84
C SER A 57 57.44 35.78 10.40
N GLU A 58 56.73 36.90 10.48
CA GLU A 58 57.24 38.10 11.12
C GLU A 58 56.19 38.70 12.06
N GLU A 59 56.58 38.90 13.31
CA GLU A 59 55.67 39.39 14.35
C GLU A 59 55.10 40.77 14.01
N ASP A 60 55.93 41.63 13.42
CA ASP A 60 55.49 42.98 13.07
C ASP A 60 54.44 42.92 11.97
N GLY A 61 54.52 41.88 11.14
CA GLY A 61 53.49 41.62 10.15
C GLY A 61 52.28 40.96 10.77
N ALA A 62 52.52 40.02 11.69
CA ALA A 62 51.45 39.33 12.39
C ALA A 62 50.62 40.28 13.24
N LEU A 63 51.28 41.00 14.13
CA LEU A 63 50.60 41.93 15.04
C LEU A 63 49.91 43.07 14.31
N ARG A 64 50.32 43.29 13.07
CA ARG A 64 49.65 44.28 12.23
C ARG A 64 48.38 43.71 11.60
N ARG A 65 48.45 42.47 11.14
CA ARG A 65 47.29 41.79 10.58
C ARG A 65 46.14 41.75 11.57
N TYR A 66 46.48 41.57 12.84
CA TYR A 66 45.50 41.53 13.91
C TYR A 66 44.69 42.83 13.98
N LYS A 67 45.38 43.95 13.77
CA LYS A 67 44.74 45.27 13.77
C LYS A 67 43.97 45.47 12.47
N ILE A 68 44.53 44.95 11.38
CA ILE A 68 43.89 44.96 10.08
C ILE A 68 42.56 44.20 10.14
N TYR A 69 42.64 42.96 10.59
CA TYR A 69 41.45 42.12 10.73
C TYR A 69 40.37 42.79 11.57
N SER A 70 40.78 43.30 12.73
CA SER A 70 39.86 44.00 13.63
C SER A 70 39.12 45.11 12.89
N CYS A 71 39.82 45.82 12.02
CA CYS A 71 39.25 46.96 11.29
C CYS A 71 38.36 46.52 10.11
N CYS A 72 38.60 45.33 9.59
CA CYS A 72 37.78 44.77 8.52
C CYS A 72 36.47 44.16 9.05
N ILE A 73 36.50 43.72 10.31
CA ILE A 73 35.32 43.14 10.95
C ILE A 73 34.31 44.20 11.35
N GLN A 74 34.79 45.24 12.01
CA GLN A 74 33.92 46.32 12.49
C GLN A 74 33.08 46.90 11.38
N LEU A 75 33.73 47.34 10.31
CA LEU A 75 33.06 48.03 9.21
C LEU A 75 31.98 47.18 8.55
N VAL A 76 32.29 45.91 8.33
CA VAL A 76 31.33 45.00 7.70
C VAL A 76 29.98 45.08 8.42
N GLU A 77 30.02 45.06 9.75
CA GLU A 77 28.80 45.08 10.55
C GLU A 77 28.35 46.48 11.00
N SER A 78 29.17 47.49 10.77
CA SER A 78 28.86 48.82 11.29
C SER A 78 28.15 49.70 10.26
N GLY A 79 28.92 50.20 9.30
CA GLY A 79 28.39 51.05 8.26
C GLY A 79 27.56 50.21 7.31
N ASP A 80 26.78 50.88 6.45
CA ASP A 80 25.98 50.17 5.48
C ASP A 80 26.81 50.05 4.21
N LEU A 81 27.26 48.84 3.94
CA LEU A 81 28.13 48.58 2.81
C LEU A 81 27.34 47.78 1.78
N GLN A 82 27.53 48.13 0.51
CA GLN A 82 26.91 47.33 -0.54
C GLN A 82 27.37 45.90 -0.27
N GLN A 83 26.41 44.98 -0.18
CA GLN A 83 26.73 43.61 0.22
C GLN A 83 27.92 43.10 -0.57
N ASP A 84 28.03 43.55 -1.82
CA ASP A 84 29.12 43.15 -2.70
C ASP A 84 30.48 43.46 -2.05
N VAL A 85 30.59 44.66 -1.50
CA VAL A 85 31.81 45.09 -0.82
C VAL A 85 31.99 44.35 0.52
N ALA A 86 30.95 44.33 1.33
CA ALA A 86 30.99 43.68 2.64
C ALA A 86 31.42 42.22 2.52
N SER A 87 30.83 41.52 1.56
CA SER A 87 31.18 40.13 1.27
C SER A 87 32.66 39.98 0.92
N GLU A 88 33.09 40.73 -0.09
CA GLU A 88 34.47 40.67 -0.55
C GLU A 88 35.45 40.82 0.62
N ILE A 89 35.15 41.75 1.51
CA ILE A 89 35.99 41.99 2.67
C ILE A 89 36.13 40.71 3.48
N ILE A 90 35.01 40.09 3.81
CA ILE A 90 35.00 38.89 4.64
C ILE A 90 35.63 37.72 3.92
N GLY A 91 35.34 37.60 2.62
CA GLY A 91 35.88 36.52 1.82
C GLY A 91 37.40 36.44 1.89
N LEU A 92 38.05 37.60 1.82
CA LEU A 92 39.51 37.70 1.85
C LEU A 92 40.07 37.43 3.24
N LEU A 93 39.32 37.85 4.26
CA LEU A 93 39.65 37.57 5.65
C LEU A 93 39.69 36.07 5.87
N MET A 94 38.59 35.40 5.52
CA MET A 94 38.48 33.96 5.59
C MET A 94 39.58 33.30 4.76
N LEU A 95 39.88 33.92 3.63
CA LEU A 95 40.96 33.48 2.75
C LEU A 95 42.30 33.46 3.47
N GLU A 96 42.67 34.59 4.06
CA GLU A 96 44.01 34.77 4.63
C GLU A 96 44.12 34.46 6.11
N VAL A 97 43.04 33.96 6.71
CA VAL A 97 43.03 33.71 8.16
C VAL A 97 43.72 32.39 8.48
N HIS A 98 44.20 31.71 7.45
CA HIS A 98 44.82 30.39 7.60
C HIS A 98 46.04 30.34 8.52
N HIS A 99 47.04 31.17 8.22
CA HIS A 99 48.34 31.03 8.87
C HIS A 99 48.55 31.83 10.16
N PHE A 100 47.49 32.49 10.63
CA PHE A 100 47.58 33.18 11.91
C PHE A 100 48.09 32.25 13.00
N PRO A 101 49.10 32.70 13.76
CA PRO A 101 49.69 31.92 14.86
C PRO A 101 48.71 31.67 15.99
N GLY A 102 49.00 30.67 16.82
CA GLY A 102 48.10 30.31 17.91
C GLY A 102 47.67 31.50 18.74
N PRO A 103 48.64 32.28 19.24
CA PRO A 103 48.32 33.44 20.08
C PRO A 103 47.28 34.38 19.48
N LEU A 104 47.43 34.73 18.20
CA LEU A 104 46.55 35.72 17.57
C LEU A 104 45.15 35.18 17.26
N LEU A 105 45.06 33.92 16.86
CA LEU A 105 43.78 33.30 16.59
C LEU A 105 42.86 33.37 17.80
N VAL A 106 43.39 32.98 18.96
CA VAL A 106 42.62 33.04 20.20
C VAL A 106 42.12 34.45 20.46
N ASP A 107 43.01 35.42 20.27
CA ASP A 107 42.68 36.84 20.45
C ASP A 107 41.60 37.29 19.48
N LEU A 108 41.67 36.79 18.25
CA LEU A 108 40.67 37.09 17.23
C LEU A 108 39.29 36.59 17.63
N ALA A 109 39.19 35.31 17.95
CA ALA A 109 37.92 34.69 18.29
C ALA A 109 37.37 35.17 19.63
N SER A 110 38.24 35.71 20.49
CA SER A 110 37.82 36.25 21.78
C SER A 110 37.17 37.62 21.63
N ASP A 111 37.45 38.31 20.52
CA ASP A 111 36.83 39.59 20.23
C ASP A 111 35.42 39.43 19.70
N PHE A 112 35.14 38.25 19.15
CA PHE A 112 33.79 37.88 18.78
C PHE A 112 32.97 37.62 20.05
N VAL A 113 33.57 36.89 20.98
CA VAL A 113 32.94 36.59 22.26
C VAL A 113 32.59 37.87 23.01
N GLY A 114 33.47 38.87 22.92
CA GLY A 114 33.23 40.16 23.54
C GLY A 114 32.14 40.93 22.81
N ALA A 115 32.10 40.78 21.49
CA ALA A 115 31.09 41.42 20.67
C ALA A 115 29.73 40.75 20.89
N VAL A 116 29.75 39.46 21.17
CA VAL A 116 28.53 38.70 21.42
C VAL A 116 27.79 39.23 22.65
N ARG A 117 28.55 39.74 23.61
CA ARG A 117 27.96 40.25 24.83
C ARG A 117 26.92 41.33 24.54
N GLU A 118 27.37 42.50 24.14
CA GLU A 118 26.47 43.51 23.61
C GLU A 118 27.04 44.15 22.36
N ASP A 119 26.36 43.89 21.24
CA ASP A 119 26.65 44.54 19.97
C ASP A 119 25.38 44.54 19.14
N ARG A 120 25.11 45.62 18.42
CA ARG A 120 24.20 45.50 17.30
C ARG A 120 25.10 45.28 16.09
N LEU A 121 25.11 44.04 15.63
CA LEU A 121 25.99 43.66 14.55
C LEU A 121 25.34 44.06 13.24
N VAL A 122 24.04 43.78 13.14
CA VAL A 122 23.29 43.95 11.91
C VAL A 122 23.83 42.94 10.90
N ASN A 123 25.00 42.40 11.21
CA ASN A 123 25.62 41.37 10.42
C ASN A 123 26.26 40.28 11.27
N GLY A 124 25.78 39.05 11.11
CA GLY A 124 26.50 37.89 11.62
C GLY A 124 27.66 37.67 10.67
N LYS A 125 27.75 38.53 9.66
CA LYS A 125 28.79 38.45 8.65
C LYS A 125 30.18 38.45 9.29
N SER A 126 30.27 38.98 10.50
CA SER A 126 31.49 38.89 11.28
C SER A 126 31.72 37.43 11.65
N LEU A 127 30.63 36.76 12.00
CA LEU A 127 30.67 35.40 12.55
C LEU A 127 31.09 34.33 11.56
N GLU A 128 31.21 34.70 10.28
CA GLU A 128 31.61 33.74 9.27
C GLU A 128 33.07 33.30 9.44
N LEU A 129 33.83 34.08 10.21
CA LEU A 129 35.22 33.76 10.49
C LEU A 129 35.36 32.70 11.58
N LEU A 130 34.48 32.75 12.57
CA LEU A 130 34.53 31.83 13.71
C LEU A 130 34.69 30.36 13.33
N PRO A 131 33.93 29.89 12.33
CA PRO A 131 34.06 28.49 11.91
C PRO A 131 35.47 28.14 11.47
N ILE A 132 36.07 28.98 10.62
CA ILE A 132 37.40 28.71 10.12
C ILE A 132 38.45 28.98 11.19
N ILE A 133 38.18 29.96 12.05
CA ILE A 133 39.09 30.31 13.14
C ILE A 133 39.32 29.10 14.05
N LEU A 134 38.23 28.50 14.52
CA LEU A 134 38.31 27.39 15.46
C LEU A 134 38.90 26.13 14.84
N THR A 135 38.65 25.92 13.55
CA THR A 135 39.15 24.74 12.86
C THR A 135 40.66 24.85 12.61
N ALA A 136 41.15 26.08 12.54
CA ALA A 136 42.57 26.34 12.42
C ALA A 136 43.25 25.98 13.73
N LEU A 137 42.59 26.32 14.84
CA LEU A 137 43.09 25.98 16.16
C LEU A 137 43.16 24.46 16.35
N ALA A 138 42.21 23.74 15.76
CA ALA A 138 42.15 22.29 15.86
C ALA A 138 43.31 21.62 15.12
N THR A 139 44.03 22.40 14.32
CA THR A 139 45.10 21.86 13.51
C THR A 139 46.43 21.85 14.26
N LYS A 140 46.46 22.52 15.41
CA LYS A 140 47.66 22.57 16.23
C LYS A 140 47.45 21.98 17.63
N LYS A 141 48.09 20.85 17.90
CA LYS A 141 47.95 20.17 19.17
C LYS A 141 48.98 20.61 20.21
N GLU A 142 49.82 21.57 19.85
CA GLU A 142 50.90 22.02 20.71
C GLU A 142 50.55 23.28 21.47
N VAL A 143 51.07 23.39 22.69
CA VAL A 143 50.79 24.53 23.56
C VAL A 143 51.13 25.82 22.84
N LEU A 144 50.32 26.85 23.07
CA LEU A 144 50.48 28.15 22.44
C LEU A 144 50.87 29.14 23.53
N ALA A 145 51.51 30.25 23.19
CA ALA A 145 51.86 31.18 24.25
C ALA A 145 50.70 32.14 24.42
N CYS A 146 49.95 31.90 25.49
CA CYS A 146 48.86 32.76 25.94
C CYS A 146 48.69 32.45 27.42
N GLY A 147 48.31 33.44 28.21
CA GLY A 147 48.00 33.18 29.60
C GLY A 147 49.09 32.38 30.28
N LYS A 148 48.70 31.25 30.86
CA LYS A 148 49.63 30.37 31.57
C LYS A 148 50.20 29.28 30.67
N GLY A 149 49.84 29.32 29.38
CA GLY A 149 50.24 28.29 28.45
C GLY A 149 49.47 27.01 28.73
N ASP A 150 50.17 25.88 28.69
CA ASP A 150 49.60 24.58 29.08
C ASP A 150 48.24 24.29 28.46
N LEU A 151 48.04 24.78 27.23
CA LEU A 151 46.78 24.57 26.52
C LEU A 151 47.01 24.35 25.02
N ASN A 152 46.38 23.31 24.48
CA ASN A 152 46.48 23.00 23.04
C ASN A 152 45.53 23.88 22.22
N GLY A 153 45.54 23.68 20.91
CA GLY A 153 44.64 24.40 20.04
C GLY A 153 43.21 23.93 20.23
N GLU A 154 43.05 22.62 20.41
CA GLU A 154 41.74 22.02 20.62
C GLU A 154 41.09 22.48 21.92
N GLU A 155 41.89 22.55 22.98
CA GLU A 155 41.37 22.95 24.29
C GLU A 155 40.91 24.40 24.30
N TYR A 156 41.73 25.31 23.78
CA TYR A 156 41.32 26.71 23.63
C TYR A 156 40.04 26.74 22.82
N LYS A 157 40.02 25.95 21.76
CA LYS A 157 38.83 25.76 20.93
C LYS A 157 37.65 25.32 21.79
N ARG A 158 37.89 24.37 22.68
CA ARG A 158 36.85 23.87 23.57
C ARG A 158 36.45 24.96 24.58
N GLN A 159 37.45 25.61 25.16
CA GLN A 159 37.21 26.63 26.18
C GLN A 159 36.58 27.88 25.59
N LEU A 160 36.98 28.20 24.36
CA LEU A 160 36.39 29.31 23.63
C LEU A 160 34.89 29.05 23.43
N ILE A 161 34.55 27.82 23.10
CA ILE A 161 33.17 27.44 22.84
C ILE A 161 32.32 27.43 24.11
N ASP A 162 32.93 27.02 25.23
CA ASP A 162 32.25 27.00 26.51
C ASP A 162 31.86 28.42 26.93
N THR A 163 32.71 29.38 26.59
CA THR A 163 32.45 30.78 26.90
C THR A 163 31.25 31.29 26.09
N LEU A 164 31.12 30.78 24.87
CA LEU A 164 30.02 31.15 23.99
C LEU A 164 28.69 30.61 24.50
N CYS A 165 28.74 29.53 25.25
CA CYS A 165 27.53 28.94 25.83
C CYS A 165 27.08 29.70 27.08
N SER A 166 28.03 30.32 27.76
CA SER A 166 27.77 31.04 29.01
C SER A 166 27.19 32.45 28.82
N VAL A 167 27.67 33.17 27.81
CA VAL A 167 27.24 34.54 27.57
C VAL A 167 25.82 34.63 27.03
N ARG A 168 25.19 35.79 27.19
CA ARG A 168 23.87 36.03 26.63
C ARG A 168 23.96 36.13 25.12
N TRP A 169 23.14 35.36 24.42
CA TRP A 169 23.05 35.50 22.97
C TRP A 169 21.96 36.52 22.64
N PRO A 170 22.32 37.53 21.84
CA PRO A 170 21.34 38.54 21.43
C PRO A 170 20.16 37.90 20.70
N GLN A 171 18.95 38.36 21.01
CA GLN A 171 17.74 37.78 20.46
C GLN A 171 17.70 37.86 18.93
N ARG A 172 18.32 38.88 18.37
CA ARG A 172 18.30 39.09 16.92
C ARG A 172 19.18 38.08 16.18
N TYR A 173 20.40 37.89 16.68
CA TYR A 173 21.43 37.18 15.93
C TYR A 173 21.58 35.70 16.24
N MET A 174 20.76 35.17 17.15
CA MET A 174 20.93 33.78 17.58
C MET A 174 20.70 32.75 16.46
N ILE A 175 20.13 33.18 15.35
CA ILE A 175 19.98 32.31 14.19
C ILE A 175 21.35 32.10 13.58
N GLN A 176 22.08 33.20 13.46
CA GLN A 176 23.41 33.23 12.86
C GLN A 176 24.48 32.71 13.83
N LEU A 177 24.29 32.96 15.12
CA LEU A 177 25.17 32.39 16.14
C LEU A 177 25.17 30.88 16.04
N THR A 178 23.98 30.32 15.92
CA THR A 178 23.81 28.87 15.89
C THR A 178 24.33 28.27 14.58
N SER A 179 23.99 28.90 13.47
CA SER A 179 24.43 28.44 12.16
C SER A 179 25.95 28.52 12.00
N VAL A 180 26.61 29.18 12.96
CA VAL A 180 28.07 29.23 13.01
C VAL A 180 28.67 27.96 13.60
N PHE A 181 27.99 27.38 14.59
CA PHE A 181 28.39 26.10 15.17
C PHE A 181 28.17 24.96 14.17
N LYS A 182 27.45 25.26 13.10
CA LYS A 182 27.08 24.30 12.08
C LYS A 182 28.28 23.99 11.17
N ASP A 183 29.22 24.92 11.09
CA ASP A 183 30.40 24.80 10.23
C ASP A 183 31.62 24.29 10.99
N VAL A 184 31.45 23.98 12.26
CA VAL A 184 32.57 23.54 13.08
C VAL A 184 32.39 22.09 13.52
N CYS A 185 33.51 21.39 13.65
CA CYS A 185 33.50 20.02 14.14
C CYS A 185 33.45 20.04 15.67
N LEU A 186 32.56 19.23 16.24
CA LEU A 186 32.33 19.26 17.69
C LEU A 186 32.61 17.93 18.40
N THR A 187 32.89 18.04 19.69
CA THR A 187 32.96 16.88 20.60
C THR A 187 31.56 16.61 21.14
N PRO A 188 31.24 15.34 21.43
CA PRO A 188 29.90 15.01 21.92
C PRO A 188 29.45 15.88 23.10
N GLU A 189 30.39 16.31 23.95
CA GLU A 189 30.09 17.22 25.04
C GLU A 189 29.79 18.64 24.55
N GLU A 190 30.59 19.11 23.59
CA GLU A 190 30.39 20.44 23.01
C GLU A 190 29.03 20.53 22.33
N MET A 191 28.64 19.45 21.64
CA MET A 191 27.37 19.41 20.93
C MET A 191 26.16 19.56 21.87
N ASN A 192 26.12 18.77 22.92
CA ASN A 192 25.02 18.85 23.88
C ASN A 192 24.89 20.24 24.49
N LEU A 193 26.01 20.95 24.54
CA LEU A 193 26.03 22.32 25.06
C LEU A 193 25.44 23.31 24.06
N VAL A 194 25.91 23.26 22.81
CA VAL A 194 25.37 24.13 21.77
C VAL A 194 23.88 23.90 21.60
N VAL A 195 23.49 22.63 21.58
CA VAL A 195 22.09 22.25 21.45
C VAL A 195 21.28 22.71 22.65
N ALA A 196 21.72 22.33 23.84
CA ALA A 196 21.01 22.67 25.07
C ALA A 196 20.86 24.18 25.27
N LYS A 197 21.93 24.94 25.04
CA LYS A 197 21.87 26.39 25.18
C LYS A 197 20.87 27.00 24.20
N VAL A 198 20.90 26.52 22.96
CA VAL A 198 19.96 26.96 21.95
C VAL A 198 18.54 26.67 22.40
N LEU A 199 18.34 25.50 22.99
CA LEU A 199 17.05 25.10 23.54
C LEU A 199 16.67 26.03 24.68
N THR A 200 17.65 26.29 25.56
CA THR A 200 17.42 27.10 26.76
C THR A 200 16.81 28.45 26.37
N MET A 201 17.08 28.88 25.15
CA MET A 201 16.65 30.18 24.68
C MET A 201 15.28 30.15 24.01
N PHE A 202 14.74 28.95 23.83
CA PHE A 202 13.48 28.75 23.08
C PHE A 202 12.30 29.58 23.59
N SER A 203 12.00 29.49 24.88
CA SER A 203 10.82 30.13 25.45
C SER A 203 10.93 31.66 25.52
N LYS A 204 12.12 32.16 25.17
CA LYS A 204 12.37 33.60 25.14
C LYS A 204 12.18 34.22 23.76
N LEU A 205 11.73 33.43 22.79
CA LEU A 205 11.44 33.93 21.44
C LEU A 205 9.95 33.98 21.18
N ASN A 206 9.53 34.92 20.35
CA ASN A 206 8.16 34.92 19.85
C ASN A 206 7.93 33.65 19.04
N LEU A 207 6.76 33.04 19.21
CA LEU A 207 6.52 31.71 18.69
C LEU A 207 6.96 31.51 17.24
N GLN A 208 6.59 32.43 16.36
CA GLN A 208 6.82 32.26 14.92
C GLN A 208 8.29 32.28 14.50
N GLU A 209 9.17 32.67 15.42
CA GLU A 209 10.61 32.67 15.16
C GLU A 209 11.25 31.34 15.53
N ILE A 210 10.48 30.48 16.21
CA ILE A 210 10.96 29.13 16.57
C ILE A 210 11.09 28.16 15.39
N PRO A 211 10.09 28.12 14.50
CA PRO A 211 10.11 27.16 13.37
C PRO A 211 11.37 27.22 12.50
N PRO A 212 11.82 28.42 12.11
CA PRO A 212 13.08 28.47 11.35
C PRO A 212 14.28 28.11 12.23
N LEU A 213 14.15 28.36 13.53
CA LEU A 213 15.22 28.06 14.47
C LEU A 213 15.38 26.55 14.64
N VAL A 214 14.25 25.85 14.65
CA VAL A 214 14.27 24.39 14.75
C VAL A 214 15.02 23.77 13.58
N TYR A 215 14.77 24.30 12.38
CA TYR A 215 15.43 23.77 11.19
C TYR A 215 16.94 23.93 11.30
N GLN A 216 17.38 25.03 11.89
CA GLN A 216 18.81 25.27 12.07
C GLN A 216 19.40 24.31 13.10
N LEU A 217 18.61 23.99 14.12
CA LEU A 217 18.99 23.03 15.14
C LEU A 217 19.02 21.63 14.55
N LEU A 218 18.13 21.40 13.59
CA LEU A 218 17.97 20.09 12.96
C LEU A 218 19.17 19.74 12.06
N VAL A 219 19.77 20.75 11.43
CA VAL A 219 20.91 20.53 10.57
C VAL A 219 22.23 20.39 11.34
N LEU A 220 22.20 20.75 12.62
CA LEU A 220 23.33 20.52 13.51
C LEU A 220 23.35 19.07 13.96
N SER A 221 22.16 18.55 14.26
CA SER A 221 22.02 17.22 14.83
C SER A 221 22.59 16.13 13.90
N SER A 222 22.59 16.41 12.60
CA SER A 222 23.09 15.43 11.63
C SER A 222 24.48 14.93 12.02
N LYS A 223 25.34 15.84 12.48
CA LYS A 223 26.63 15.48 13.03
C LYS A 223 26.55 15.30 14.54
N GLY A 224 25.42 15.69 15.13
CA GLY A 224 25.31 15.80 16.58
C GLY A 224 24.48 14.76 17.30
N SER A 225 23.99 15.15 18.48
CA SER A 225 23.16 14.28 19.31
C SER A 225 21.67 14.51 19.03
N ARG A 226 21.00 13.48 18.50
CA ARG A 226 19.61 13.62 18.08
C ARG A 226 18.64 13.60 19.25
N ARG A 227 18.83 12.65 20.17
CA ARG A 227 17.88 12.45 21.26
C ARG A 227 17.56 13.76 21.98
N SER A 228 18.58 14.54 22.29
CA SER A 228 18.38 15.81 23.01
C SER A 228 17.68 16.84 22.12
N VAL A 229 18.12 16.94 20.87
CA VAL A 229 17.48 17.83 19.90
C VAL A 229 15.98 17.51 19.80
N LEU A 230 15.66 16.23 19.71
CA LEU A 230 14.28 15.79 19.69
C LEU A 230 13.63 16.00 21.06
N ASP A 231 14.38 15.70 22.11
CA ASP A 231 13.84 15.78 23.46
C ASP A 231 13.40 17.18 23.81
N GLY A 232 14.25 18.16 23.52
CA GLY A 232 13.93 19.55 23.76
C GLY A 232 12.74 20.03 22.94
N ILE A 233 12.81 19.83 21.62
CA ILE A 233 11.74 20.28 20.74
C ILE A 233 10.39 19.71 21.18
N ILE A 234 10.34 18.39 21.37
CA ILE A 234 9.12 17.73 21.81
C ILE A 234 8.64 18.26 23.16
N ALA A 235 9.50 18.20 24.16
CA ALA A 235 9.12 18.59 25.51
C ALA A 235 8.88 20.10 25.65
N PHE A 236 9.46 20.88 24.75
CA PHE A 236 9.18 22.32 24.75
C PHE A 236 7.72 22.55 24.38
N PHE A 237 7.25 21.86 23.35
CA PHE A 237 5.87 21.99 22.90
C PHE A 237 4.91 21.23 23.82
N ARG A 238 5.40 20.17 24.44
CA ARG A 238 4.58 19.43 25.39
C ARG A 238 4.15 20.34 26.51
N GLU A 239 5.10 21.09 27.07
CA GLU A 239 4.81 22.05 28.13
C GLU A 239 3.98 23.21 27.58
N LEU A 240 4.17 23.53 26.31
CA LEU A 240 3.43 24.61 25.66
C LEU A 240 1.99 24.20 25.37
N ASP A 241 1.79 22.91 25.12
CA ASP A 241 0.44 22.36 24.92
C ASP A 241 -0.35 22.40 26.21
N LYS A 242 0.30 22.03 27.33
CA LYS A 242 -0.35 22.00 28.63
C LYS A 242 -1.01 23.33 28.97
N GLN A 243 -0.30 24.42 28.71
CA GLN A 243 -0.82 25.75 29.00
C GLN A 243 -2.07 26.05 28.18
N HIS A 244 -2.08 25.59 26.94
CA HIS A 244 -3.21 25.84 26.04
C HIS A 244 -4.42 25.01 26.42
N ARG A 245 -4.19 23.80 26.91
CA ARG A 245 -5.29 22.94 27.35
C ARG A 245 -5.93 23.46 28.64
N GLU A 246 -5.16 24.21 29.41
CA GLU A 246 -5.62 24.78 30.67
C GLU A 246 -6.47 26.04 30.50
N GLU A 247 -6.22 26.79 29.42
CA GLU A 247 -7.01 27.98 29.10
C GLU A 247 -8.34 27.59 28.46
N GLN A 248 -8.37 26.43 27.82
CA GLN A 248 -9.56 25.95 27.12
C GLN A 248 -10.66 25.56 28.11
N SER A 249 -10.25 25.02 29.26
CA SER A 249 -11.21 24.61 30.30
C SER A 249 -11.50 25.70 31.34
N SER A 250 -10.73 26.79 31.28
CA SER A 250 -10.91 27.88 32.24
C SER A 250 -11.44 29.15 31.57
N THR A 258 -8.67 29.76 18.08
CA THR A 258 -9.34 31.05 18.20
C THR A 258 -8.30 32.14 18.50
N ALA A 259 -8.21 32.55 19.76
CA ALA A 259 -7.16 33.47 20.14
C ALA A 259 -5.76 32.84 20.02
N PRO A 260 -5.49 31.78 20.81
CA PRO A 260 -4.20 31.06 20.73
C PRO A 260 -4.06 30.08 19.56
N ALA A 261 -5.17 29.49 19.15
CA ALA A 261 -5.13 28.29 18.33
C ALA A 261 -4.42 28.51 17.00
N ASP A 262 -4.61 29.71 16.44
CA ASP A 262 -4.06 30.02 15.12
C ASP A 262 -2.53 30.02 15.10
N GLU A 263 -1.91 30.40 16.22
CA GLU A 263 -0.44 30.46 16.27
C GLU A 263 0.19 29.14 16.70
N LEU A 264 -0.12 28.72 17.92
CA LEU A 264 0.48 27.52 18.50
C LEU A 264 0.37 26.33 17.56
N TYR A 265 -0.84 26.06 17.10
CA TYR A 265 -1.08 24.85 16.31
C TYR A 265 -0.59 24.96 14.88
N HIS A 266 -0.44 26.19 14.38
CA HIS A 266 0.18 26.41 13.08
C HIS A 266 1.68 26.19 13.18
N VAL A 267 2.28 26.69 14.27
CA VAL A 267 3.71 26.54 14.48
C VAL A 267 4.10 25.06 14.63
N GLU A 268 3.33 24.32 15.41
CA GLU A 268 3.56 22.90 15.58
C GLU A 268 3.45 22.18 14.25
N GLY A 269 2.61 22.72 13.37
CA GLY A 269 2.43 22.16 12.05
C GLY A 269 3.61 22.48 11.15
N THR A 270 4.28 23.61 11.44
CA THR A 270 5.50 23.97 10.73
C THR A 270 6.70 23.22 11.29
N VAL A 271 6.77 23.14 12.62
CA VAL A 271 7.88 22.47 13.28
C VAL A 271 7.89 21.00 12.90
N ILE A 272 6.76 20.35 13.04
CA ILE A 272 6.61 18.96 12.61
C ILE A 272 7.11 18.80 11.18
N LEU A 273 6.49 19.51 10.25
CA LEU A 273 6.79 19.34 8.83
C LEU A 273 8.29 19.50 8.55
N HIS A 274 8.99 20.23 9.42
CA HIS A 274 10.45 20.39 9.30
C HIS A 274 11.21 19.14 9.73
N ILE A 275 10.82 18.54 10.84
CA ILE A 275 11.56 17.41 11.38
C ILE A 275 11.19 16.10 10.70
N VAL A 276 10.07 16.08 10.00
CA VAL A 276 9.71 14.91 9.21
C VAL A 276 10.51 14.92 7.91
N PHE A 277 10.82 16.12 7.43
CA PHE A 277 11.66 16.28 6.26
C PHE A 277 13.13 16.09 6.61
N ALA A 278 13.46 16.33 7.87
CA ALA A 278 14.82 16.09 8.33
C ALA A 278 15.05 14.60 8.47
N ILE A 279 14.03 13.89 8.96
CA ILE A 279 14.12 12.43 9.10
C ILE A 279 14.16 11.78 7.73
N LYS A 280 13.58 12.45 6.75
CA LYS A 280 13.55 11.95 5.40
C LYS A 280 14.94 12.01 4.76
N LEU A 281 15.68 13.10 5.03
CA LEU A 281 17.04 13.23 4.51
C LEU A 281 18.04 12.46 5.37
N ASP A 282 17.72 12.30 6.66
CA ASP A 282 18.58 11.57 7.58
C ASP A 282 17.78 10.56 8.41
N CYS A 283 18.11 9.27 8.26
CA CYS A 283 17.30 8.23 8.89
C CYS A 283 17.58 8.04 10.37
N GLU A 284 18.85 8.11 10.76
CA GLU A 284 19.20 7.89 12.15
C GLU A 284 18.45 8.84 13.07
N LEU A 285 17.94 9.94 12.51
CA LEU A 285 17.15 10.90 13.29
C LEU A 285 15.76 10.34 13.53
N GLY A 286 15.28 9.54 12.58
CA GLY A 286 14.01 8.86 12.74
C GLY A 286 14.12 7.69 13.70
N ARG A 287 15.16 6.88 13.53
CA ARG A 287 15.34 5.71 14.38
C ARG A 287 15.63 6.16 15.81
N GLU A 288 16.17 7.36 15.95
CA GLU A 288 16.44 7.92 17.28
C GLU A 288 15.15 8.46 17.88
N LEU A 289 14.20 8.84 17.01
CA LEU A 289 12.91 9.34 17.46
C LEU A 289 12.02 8.19 17.95
N LEU A 290 12.07 7.08 17.23
CA LEU A 290 11.29 5.91 17.63
C LEU A 290 11.86 5.28 18.89
N LYS A 291 13.16 5.01 18.90
CA LYS A 291 13.82 4.44 20.08
C LYS A 291 13.62 5.32 21.32
N HIS A 292 13.39 6.60 21.09
CA HIS A 292 13.13 7.55 22.15
C HIS A 292 11.70 7.43 22.68
N LEU A 293 10.75 7.31 21.75
CA LEU A 293 9.34 7.28 22.10
C LEU A 293 8.80 5.88 22.41
N LYS A 294 9.67 4.87 22.34
CA LYS A 294 9.22 3.51 22.59
C LYS A 294 8.47 3.44 23.91
N ALA A 295 7.28 2.84 23.88
CA ALA A 295 6.43 2.80 25.06
C ALA A 295 7.01 1.84 26.09
N GLY A 296 7.03 0.55 25.77
CA GLY A 296 7.60 -0.44 26.66
C GLY A 296 6.90 -0.46 28.00
N GLN A 297 7.66 -0.22 29.06
CA GLN A 297 7.11 -0.11 30.40
C GLN A 297 5.90 0.81 30.37
N GLN A 298 4.84 0.44 31.07
CA GLN A 298 3.54 1.10 30.93
C GLN A 298 3.33 2.38 31.75
N GLY A 299 4.24 2.67 32.68
CA GLY A 299 4.24 3.95 33.34
C GLY A 299 4.55 5.03 32.33
N ASP A 300 5.41 4.67 31.38
CA ASP A 300 5.90 5.62 30.37
C ASP A 300 4.88 6.09 29.30
N PRO A 301 4.16 5.15 28.65
CA PRO A 301 3.31 5.57 27.52
C PRO A 301 2.32 6.65 27.94
N SER A 302 2.10 6.76 29.24
CA SER A 302 1.34 7.87 29.81
C SER A 302 2.17 9.14 29.77
N LYS A 303 3.46 9.02 30.10
CA LYS A 303 4.37 10.16 30.11
C LYS A 303 5.11 10.36 28.78
N CYS A 304 5.03 9.37 27.89
CA CYS A 304 5.81 9.41 26.65
C CYS A 304 5.08 10.17 25.56
N LEU A 305 4.00 9.56 25.05
CA LEU A 305 3.23 10.16 23.98
C LEU A 305 2.41 11.33 24.49
N CYS A 306 2.26 12.34 23.65
CA CYS A 306 1.37 13.45 23.95
C CYS A 306 0.73 13.91 22.64
N PRO A 307 -0.16 14.90 22.71
CA PRO A 307 -0.75 15.37 21.45
C PRO A 307 0.30 15.69 20.39
N PHE A 308 1.36 16.41 20.78
CA PHE A 308 2.38 16.85 19.82
C PHE A 308 3.23 15.70 19.26
N SER A 309 3.80 14.89 20.15
CA SER A 309 4.63 13.78 19.73
C SER A 309 3.85 12.74 18.91
N ILE A 310 2.54 12.68 19.13
CA ILE A 310 1.67 11.78 18.35
C ILE A 310 1.36 12.38 16.98
N ALA A 311 1.08 13.68 16.96
CA ALA A 311 0.90 14.36 15.69
C ALA A 311 2.17 14.22 14.86
N LEU A 312 3.31 14.17 15.54
CA LEU A 312 4.59 14.00 14.86
C LEU A 312 4.65 12.65 14.17
N LEU A 313 4.44 11.59 14.94
CA LEU A 313 4.51 10.22 14.41
C LEU A 313 3.55 10.00 13.24
N LEU A 314 2.29 10.42 13.41
CA LEU A 314 1.30 10.31 12.35
C LEU A 314 1.79 10.99 11.08
N SER A 315 2.43 12.15 11.25
CA SER A 315 2.94 12.90 10.14
C SER A 315 4.11 12.16 9.48
N LEU A 316 4.80 11.34 10.27
CA LEU A 316 5.95 10.60 9.79
C LEU A 316 5.51 9.43 8.90
N THR A 317 4.23 9.09 9.01
CA THR A 317 3.65 8.01 8.22
C THR A 317 3.88 8.24 6.72
N ARG A 318 4.06 9.51 6.34
CA ARG A 318 4.30 9.85 4.95
C ARG A 318 5.57 9.20 4.39
N ILE A 319 6.61 9.11 5.22
CA ILE A 319 7.82 8.43 4.82
C ILE A 319 7.57 6.92 4.80
N GLN A 320 8.07 6.27 3.75
CA GLN A 320 7.77 4.86 3.49
C GLN A 320 8.31 3.90 4.55
N ARG A 321 9.57 4.07 4.93
CA ARG A 321 10.23 3.14 5.85
C ARG A 321 9.61 3.13 7.25
N PHE A 322 9.51 4.31 7.85
CA PHE A 322 9.05 4.46 9.22
C PHE A 322 7.55 4.25 9.37
N GLU A 323 6.85 4.11 8.26
CA GLU A 323 5.40 3.98 8.31
C GLU A 323 4.96 2.81 9.17
N GLU A 324 5.47 1.63 8.87
CA GLU A 324 5.05 0.44 9.59
C GLU A 324 5.52 0.44 11.04
N GLN A 325 6.75 0.91 11.27
CA GLN A 325 7.29 0.96 12.62
C GLN A 325 6.46 1.84 13.54
N VAL A 326 5.97 2.95 12.99
CA VAL A 326 5.21 3.91 13.79
C VAL A 326 3.85 3.36 14.17
N PHE A 327 3.17 2.76 13.20
CA PHE A 327 1.83 2.22 13.45
C PHE A 327 1.86 1.12 14.50
N ASP A 328 2.97 0.39 14.59
CA ASP A 328 3.09 -0.63 15.63
C ASP A 328 3.22 0.03 16.99
N LEU A 329 3.97 1.13 17.04
CA LEU A 329 4.15 1.85 18.28
C LEU A 329 2.83 2.46 18.73
N LEU A 330 2.18 3.20 17.85
CA LEU A 330 0.90 3.81 18.19
C LEU A 330 -0.13 2.76 18.60
N LYS A 331 -0.27 1.74 17.76
CA LYS A 331 -1.25 0.69 17.98
C LYS A 331 -1.06 0.08 19.35
N THR A 332 0.17 -0.36 19.63
CA THR A 332 0.48 -1.01 20.90
C THR A 332 0.28 -0.06 22.08
N SER A 333 0.54 1.22 21.88
CA SER A 333 0.36 2.19 22.96
C SER A 333 -1.12 2.36 23.29
N VAL A 334 -1.97 2.21 22.28
CA VAL A 334 -3.40 2.29 22.50
C VAL A 334 -3.88 1.14 23.36
N VAL A 335 -3.36 -0.06 23.10
CA VAL A 335 -3.79 -1.25 23.81
C VAL A 335 -3.29 -1.27 25.25
N LYS A 336 -2.02 -0.93 25.44
CA LYS A 336 -1.47 -0.86 26.78
C LYS A 336 -2.05 0.32 27.54
N SER A 337 -2.62 1.30 26.85
CA SER A 337 -3.24 2.43 27.54
C SER A 337 -4.60 2.03 28.10
N PHE A 338 -5.28 1.15 27.38
CA PHE A 338 -6.57 0.61 27.83
C PHE A 338 -6.37 -0.45 28.89
N LYS A 339 -5.40 -1.34 28.65
CA LYS A 339 -5.05 -2.40 29.61
C LYS A 339 -4.75 -1.81 30.98
N ASP A 340 -4.06 -0.67 31.00
CA ASP A 340 -3.73 0.00 32.24
C ASP A 340 -4.96 0.58 32.95
N LEU A 341 -5.70 1.43 32.25
CA LEU A 341 -6.88 2.07 32.87
C LEU A 341 -7.95 1.03 33.19
N GLN A 342 -7.75 -0.18 32.67
CA GLN A 342 -8.57 -1.32 33.03
C GLN A 342 -8.12 -1.90 34.35
N LEU A 343 -6.81 -1.93 34.55
CA LEU A 343 -6.22 -2.47 35.77
C LEU A 343 -6.58 -1.60 36.97
N LEU A 344 -6.63 -0.29 36.75
CA LEU A 344 -6.98 0.64 37.82
C LEU A 344 -8.37 0.35 38.37
N GLN A 345 -9.36 0.22 37.48
CA GLN A 345 -10.72 -0.13 37.88
C GLN A 345 -10.75 -1.54 38.45
N GLY A 346 -9.63 -2.23 38.34
CA GLY A 346 -9.51 -3.58 38.84
C GLY A 346 -9.39 -3.67 40.35
N SER A 347 -8.73 -2.69 40.96
CA SER A 347 -8.53 -2.74 42.40
C SER A 347 -8.53 -1.36 43.05
N LYS A 348 -9.11 -1.27 44.24
CA LYS A 348 -9.10 -0.03 45.01
C LYS A 348 -7.67 0.24 45.44
N PHE A 349 -6.90 -0.83 45.60
CA PHE A 349 -5.51 -0.72 46.01
C PHE A 349 -4.73 0.18 45.05
N LEU A 350 -4.95 0.02 43.75
CA LEU A 350 -4.31 0.87 42.77
C LEU A 350 -4.92 2.27 42.71
N GLN A 351 -6.19 2.39 43.03
CA GLN A 351 -6.88 3.69 42.92
C GLN A 351 -6.44 4.66 44.00
N THR A 352 -6.04 4.13 45.15
CA THR A 352 -5.56 4.93 46.25
C THR A 352 -4.16 5.47 45.97
N LEU A 353 -3.32 4.62 45.40
CA LEU A 353 -1.92 4.97 45.11
C LEU A 353 -1.74 5.80 43.84
N VAL A 354 -2.45 5.44 42.78
CA VAL A 354 -2.29 6.14 41.51
C VAL A 354 -3.43 7.10 41.19
N PRO A 355 -3.10 8.39 41.05
CA PRO A 355 -4.03 9.41 40.56
C PRO A 355 -4.42 9.10 39.13
N GLN A 356 -5.67 9.33 38.77
CA GLN A 356 -6.14 8.93 37.44
C GLN A 356 -5.23 9.45 36.33
N ARG A 357 -5.00 8.59 35.34
CA ARG A 357 -4.04 8.88 34.29
C ARG A 357 -4.74 9.23 32.99
N THR A 358 -4.16 10.17 32.25
CA THR A 358 -4.65 10.51 30.92
C THR A 358 -4.23 9.39 29.98
N CYS A 359 -5.18 8.93 29.17
CA CYS A 359 -4.92 7.75 28.34
C CYS A 359 -4.74 8.08 26.86
N VAL A 360 -3.95 7.26 26.18
CA VAL A 360 -3.60 7.49 24.79
C VAL A 360 -4.85 7.79 23.95
N SER A 361 -5.98 7.24 24.38
CA SER A 361 -7.25 7.41 23.67
C SER A 361 -7.56 8.89 23.49
N THR A 362 -7.79 9.57 24.61
CA THR A 362 -8.18 10.98 24.59
C THR A 362 -7.09 11.87 24.03
N MET A 363 -5.87 11.36 23.94
CA MET A 363 -4.77 12.12 23.34
C MET A 363 -4.92 12.15 21.82
N ILE A 364 -5.12 10.99 21.22
CA ILE A 364 -5.24 10.88 19.77
C ILE A 364 -6.47 11.61 19.29
N LEU A 365 -7.54 11.56 20.09
CA LEU A 365 -8.78 12.21 19.73
C LEU A 365 -8.64 13.72 19.81
N GLU A 366 -7.61 14.16 20.53
CA GLU A 366 -7.27 15.58 20.56
C GLU A 366 -6.47 15.96 19.32
N VAL A 367 -5.60 15.06 18.86
CA VAL A 367 -4.83 15.32 17.64
C VAL A 367 -5.77 15.53 16.46
N VAL A 368 -6.88 14.81 16.46
CA VAL A 368 -7.92 15.00 15.44
C VAL A 368 -8.55 16.39 15.59
N ARG A 369 -8.75 16.81 16.84
CA ARG A 369 -9.35 18.09 17.14
C ARG A 369 -8.41 19.24 16.79
N ASN A 370 -7.11 19.02 16.90
CA ASN A 370 -6.11 20.03 16.59
C ASN A 370 -5.69 20.02 15.14
N SER A 371 -6.31 19.12 14.36
CA SER A 371 -5.97 18.96 12.96
C SER A 371 -6.67 19.99 12.07
N VAL A 372 -7.68 20.67 12.62
CA VAL A 372 -8.53 21.59 11.85
C VAL A 372 -7.73 22.75 11.26
N HIS A 373 -6.51 22.87 11.74
CA HIS A 373 -5.66 24.03 11.51
C HIS A 373 -4.89 23.89 10.20
N SER A 374 -5.36 22.96 9.37
CA SER A 374 -4.72 22.57 8.11
C SER A 374 -3.38 21.87 8.31
N TRP A 375 -3.46 20.68 8.88
CA TRP A 375 -2.37 19.72 8.83
C TRP A 375 -2.73 18.66 7.81
N ASP A 376 -2.06 18.70 6.67
CA ASP A 376 -2.32 17.72 5.63
C ASP A 376 -1.56 16.47 5.96
N HIS A 377 -0.39 16.65 6.57
CA HIS A 377 0.52 15.54 6.85
C HIS A 377 -0.03 14.63 7.95
N VAL A 378 -0.80 15.21 8.86
CA VAL A 378 -1.33 14.43 9.98
C VAL A 378 -2.54 13.58 9.63
N THR A 379 -3.47 14.14 8.84
CA THR A 379 -4.68 13.40 8.48
C THR A 379 -4.40 12.22 7.57
N GLN A 380 -3.30 12.29 6.83
CA GLN A 380 -2.90 11.20 5.95
C GLN A 380 -2.69 9.95 6.80
N GLY A 381 -2.01 10.12 7.92
CA GLY A 381 -1.73 9.03 8.84
C GLY A 381 -2.91 8.68 9.73
N LEU A 382 -3.77 9.66 10.01
CA LEU A 382 -4.93 9.46 10.87
C LEU A 382 -5.93 8.45 10.32
N ILE A 383 -6.42 8.72 9.11
CA ILE A 383 -7.33 7.79 8.47
C ILE A 383 -6.70 6.41 8.44
N GLU A 384 -5.41 6.35 8.10
CA GLU A 384 -4.74 5.06 8.00
C GLU A 384 -4.72 4.35 9.35
N PHE A 385 -4.40 5.10 10.40
CA PHE A 385 -4.39 4.56 11.75
C PHE A 385 -5.80 4.21 12.20
N GLY A 386 -6.76 4.99 11.76
CA GLY A 386 -8.15 4.76 12.07
C GLY A 386 -8.57 3.38 11.61
N PHE A 387 -8.39 3.11 10.33
CA PHE A 387 -8.75 1.81 9.78
C PHE A 387 -7.90 0.68 10.37
N ILE A 388 -6.62 0.97 10.61
CA ILE A 388 -5.71 -0.03 11.18
C ILE A 388 -6.28 -0.60 12.49
N LEU A 389 -6.73 0.29 13.37
CA LEU A 389 -7.36 -0.13 14.60
C LEU A 389 -8.63 -0.94 14.34
N MET A 390 -9.45 -0.47 13.40
CA MET A 390 -10.69 -1.17 13.08
C MET A 390 -10.42 -2.51 12.42
N ASP A 391 -9.41 -2.58 11.58
CA ASP A 391 -9.09 -3.82 10.88
C ASP A 391 -8.62 -4.89 11.86
N SER A 392 -7.61 -4.56 12.64
CA SER A 392 -6.97 -5.54 13.50
C SER A 392 -7.78 -5.88 14.74
N TYR A 393 -8.40 -4.87 15.36
CA TYR A 393 -9.08 -5.09 16.62
C TYR A 393 -10.59 -5.31 16.49
N GLY A 394 -11.08 -5.30 15.26
CA GLY A 394 -12.49 -5.56 14.98
C GLY A 394 -12.88 -7.01 15.26
N PRO A 395 -14.19 -7.28 15.32
CA PRO A 395 -14.71 -8.62 15.57
C PRO A 395 -14.21 -9.67 14.58
N LYS A 396 -13.90 -10.85 15.07
CA LYS A 396 -13.47 -11.95 14.21
C LYS A 396 -14.23 -13.25 14.50
N LYS A 397 -14.03 -13.76 15.72
CA LYS A 397 -14.59 -15.03 16.17
C LYS A 397 -16.10 -14.97 16.34
N ILE A 398 -16.67 -13.77 16.26
CA ILE A 398 -18.11 -13.59 16.49
C ILE A 398 -18.96 -14.26 15.40
N LEU A 399 -18.45 -14.28 14.17
CA LEU A 399 -19.20 -14.85 13.06
C LEU A 399 -19.18 -16.38 13.01
N ASP A 400 -18.00 -16.96 13.18
CA ASP A 400 -17.84 -18.42 13.10
C ASP A 400 -17.46 -19.03 14.45
N GLY A 401 -18.19 -20.07 14.84
CA GLY A 401 -17.92 -20.77 16.09
C GLY A 401 -17.53 -22.21 15.87
N SER A 411 -10.48 -10.54 27.56
CA SER A 411 -9.77 -9.34 27.14
C SER A 411 -10.29 -8.83 25.80
N LYS A 412 -11.50 -9.24 25.46
CA LYS A 412 -12.14 -8.77 24.23
C LYS A 412 -12.55 -7.32 24.42
N MET A 413 -12.35 -6.83 25.64
CA MET A 413 -12.60 -5.43 25.95
C MET A 413 -11.58 -4.51 25.29
N THR A 414 -10.30 -4.77 25.51
CA THR A 414 -9.25 -3.95 24.88
C THR A 414 -9.30 -4.05 23.36
N ASN A 415 -9.98 -5.06 22.84
CA ASN A 415 -10.28 -5.11 21.42
C ASN A 415 -11.36 -4.10 21.11
N GLN A 416 -12.44 -4.14 21.88
CA GLN A 416 -13.55 -3.24 21.67
C GLN A 416 -13.12 -1.79 21.78
N HIS A 417 -12.29 -1.50 22.77
CA HIS A 417 -11.89 -0.12 23.03
C HIS A 417 -11.01 0.42 21.93
N ALA A 418 -10.21 -0.46 21.34
CA ALA A 418 -9.34 -0.07 20.22
C ALA A 418 -10.18 0.21 18.99
N CYS A 419 -11.13 -0.69 18.72
CA CYS A 419 -12.02 -0.59 17.57
C CYS A 419 -12.97 0.61 17.68
N LYS A 420 -13.46 0.87 18.89
CA LYS A 420 -14.28 2.05 19.11
C LYS A 420 -13.48 3.31 18.81
N LEU A 421 -12.25 3.35 19.32
CA LEU A 421 -11.35 4.47 19.06
C LEU A 421 -11.09 4.58 17.57
N GLY A 422 -10.85 3.44 16.92
CA GLY A 422 -10.60 3.41 15.49
C GLY A 422 -11.73 4.05 14.71
N ALA A 423 -12.96 3.69 15.05
CA ALA A 423 -14.12 4.24 14.36
C ALA A 423 -14.36 5.70 14.72
N ASN A 424 -14.00 6.08 15.95
CA ASN A 424 -14.13 7.47 16.34
C ASN A 424 -13.21 8.38 15.54
N ILE A 425 -11.95 7.96 15.39
CA ILE A 425 -10.98 8.74 14.64
C ILE A 425 -11.56 9.04 13.26
N LEU A 426 -11.94 8.00 12.55
CA LEU A 426 -12.46 8.14 11.19
C LEU A 426 -13.75 8.96 11.13
N LEU A 427 -14.65 8.73 12.08
CA LEU A 427 -15.91 9.48 12.12
C LEU A 427 -15.65 10.93 12.45
N GLU A 428 -14.82 11.15 13.45
CA GLU A 428 -14.52 12.50 13.92
C GLU A 428 -13.73 13.31 12.90
N THR A 429 -12.79 12.65 12.22
CA THR A 429 -11.97 13.32 11.20
C THR A 429 -12.82 13.66 9.98
N PHE A 430 -13.91 12.92 9.80
CA PHE A 430 -14.82 13.12 8.67
C PHE A 430 -15.67 14.37 8.87
N LYS A 431 -16.06 14.61 10.11
CA LYS A 431 -16.87 15.78 10.46
C LYS A 431 -16.08 17.07 10.35
N ILE A 432 -14.75 16.95 10.34
CA ILE A 432 -13.86 18.11 10.37
C ILE A 432 -13.37 18.51 8.98
N HIS A 433 -12.59 17.63 8.35
CA HIS A 433 -11.98 17.93 7.05
C HIS A 433 -12.91 17.54 5.91
N GLU A 434 -13.35 18.53 5.15
CA GLU A 434 -14.29 18.29 4.07
C GLU A 434 -13.72 17.40 2.98
N MET A 435 -12.56 17.76 2.45
CA MET A 435 -12.11 17.14 1.21
C MET A 435 -11.60 15.70 1.34
N ILE A 436 -11.43 15.23 2.56
CA ILE A 436 -11.11 13.83 2.76
C ILE A 436 -12.37 13.00 3.08
N ARG A 437 -13.52 13.66 3.11
CA ARG A 437 -14.77 12.96 3.41
C ARG A 437 -15.01 11.81 2.44
N GLN A 438 -15.05 12.12 1.14
CA GLN A 438 -15.34 11.11 0.14
C GLN A 438 -14.25 10.04 0.15
N GLU A 439 -13.04 10.46 0.53
CA GLU A 439 -11.90 9.54 0.63
C GLU A 439 -12.13 8.46 1.69
N ILE A 440 -12.54 8.89 2.88
CA ILE A 440 -12.86 7.96 3.96
C ILE A 440 -13.96 7.02 3.53
N LEU A 441 -15.01 7.61 2.96
CA LEU A 441 -16.20 6.89 2.57
C LEU A 441 -15.91 5.82 1.52
N GLU A 442 -15.03 6.13 0.58
CA GLU A 442 -14.60 5.14 -0.41
C GLU A 442 -13.95 3.94 0.27
N GLN A 443 -13.20 4.22 1.34
CA GLN A 443 -12.47 3.18 2.04
C GLN A 443 -13.36 2.36 2.97
N VAL A 444 -14.35 3.00 3.59
CA VAL A 444 -15.28 2.30 4.48
C VAL A 444 -16.14 1.34 3.67
N LEU A 445 -16.70 1.84 2.58
CA LEU A 445 -17.51 1.04 1.69
C LEU A 445 -16.72 -0.13 1.11
N ASN A 446 -15.49 0.16 0.68
CA ASN A 446 -14.65 -0.85 0.05
C ASN A 446 -14.47 -2.12 0.89
N ARG A 447 -14.50 -1.97 2.20
CA ARG A 447 -14.39 -3.11 3.10
C ARG A 447 -15.73 -3.83 3.19
N VAL A 448 -16.80 -3.07 3.01
CA VAL A 448 -18.15 -3.59 3.13
C VAL A 448 -18.48 -4.59 2.03
N VAL A 449 -18.14 -4.25 0.79
CA VAL A 449 -18.42 -5.12 -0.34
C VAL A 449 -17.38 -6.23 -0.54
N THR A 450 -16.11 -5.91 -0.29
CA THR A 450 -15.01 -6.79 -0.68
C THR A 450 -14.64 -7.93 0.27
N ARG A 451 -14.98 -7.80 1.55
CA ARG A 451 -14.50 -8.77 2.55
C ARG A 451 -15.25 -10.09 2.50
N THR A 452 -16.49 -10.08 3.00
CA THR A 452 -17.44 -11.17 2.82
C THR A 452 -17.13 -12.45 3.60
N SER A 453 -15.86 -12.63 3.99
CA SER A 453 -15.52 -13.69 4.93
C SER A 453 -15.60 -13.22 6.37
N SER A 454 -15.00 -12.05 6.61
CA SER A 454 -14.84 -11.48 7.94
C SER A 454 -15.99 -10.52 8.24
N PRO A 455 -16.46 -10.52 9.49
CA PRO A 455 -17.60 -9.66 9.86
C PRO A 455 -17.32 -8.19 9.53
N ILE A 456 -18.26 -7.61 8.78
CA ILE A 456 -18.17 -6.21 8.38
C ILE A 456 -19.05 -5.33 9.26
N ASN A 457 -19.76 -5.95 10.20
CA ASN A 457 -20.76 -5.23 10.99
C ASN A 457 -20.30 -3.92 11.62
N HIS A 458 -19.03 -3.84 12.02
CA HIS A 458 -18.53 -2.65 12.70
C HIS A 458 -18.24 -1.48 11.75
N PHE A 459 -17.98 -1.80 10.49
CA PHE A 459 -17.82 -0.78 9.46
C PHE A 459 -19.17 -0.24 9.02
N LEU A 460 -20.18 -1.10 8.97
CA LEU A 460 -21.53 -0.67 8.66
C LEU A 460 -22.03 0.34 9.71
N ASP A 461 -21.49 0.25 10.92
CA ASP A 461 -21.81 1.21 11.96
C ASP A 461 -21.22 2.57 11.63
N LEU A 462 -19.91 2.59 11.39
CA LEU A 462 -19.23 3.80 10.99
C LEU A 462 -19.99 4.43 9.83
N PHE A 463 -20.29 3.61 8.83
CA PHE A 463 -21.00 4.06 7.64
C PHE A 463 -22.34 4.65 8.01
N SER A 464 -23.04 3.99 8.92
CA SER A 464 -24.36 4.43 9.33
C SER A 464 -24.27 5.71 10.14
N ASP A 465 -23.13 5.91 10.80
CA ASP A 465 -22.90 7.12 11.56
C ASP A 465 -22.51 8.28 10.64
N ILE A 466 -21.67 7.99 9.66
CA ILE A 466 -21.27 8.99 8.67
C ILE A 466 -22.49 9.63 8.00
N ILE A 467 -23.49 8.82 7.72
CA ILE A 467 -24.71 9.31 7.07
C ILE A 467 -25.59 10.03 8.08
N MET A 468 -25.70 9.47 9.28
CA MET A 468 -26.52 10.09 10.33
C MET A 468 -26.03 11.47 10.73
N TYR A 469 -24.79 11.80 10.34
CA TYR A 469 -24.22 13.10 10.63
C TYR A 469 -24.80 14.15 9.68
N ALA A 470 -24.44 14.06 8.41
CA ALA A 470 -24.95 14.98 7.41
C ALA A 470 -25.34 14.26 6.11
N PRO A 471 -26.59 13.76 6.06
CA PRO A 471 -27.08 12.98 4.92
C PRO A 471 -27.11 13.77 3.62
N LEU A 472 -27.32 15.08 3.71
CA LEU A 472 -27.40 15.93 2.52
C LEU A 472 -26.11 15.92 1.71
N ILE A 473 -25.00 15.66 2.39
CA ILE A 473 -23.70 15.59 1.72
C ILE A 473 -23.61 14.33 0.88
N LEU A 474 -24.09 13.21 1.42
CA LEU A 474 -23.97 11.92 0.76
C LEU A 474 -25.16 11.59 -0.11
N GLN A 475 -26.19 12.44 -0.07
CA GLN A 475 -27.41 12.18 -0.82
C GLN A 475 -27.11 11.81 -2.28
N ASN A 476 -26.16 12.52 -2.88
CA ASN A 476 -25.84 12.35 -4.29
C ASN A 476 -24.69 11.37 -4.59
N CYS A 477 -23.98 10.93 -3.57
CA CYS A 477 -22.79 10.12 -3.79
C CYS A 477 -23.05 8.88 -4.65
N SER A 478 -22.28 8.76 -5.73
CA SER A 478 -22.40 7.63 -6.65
C SER A 478 -21.69 6.41 -6.11
N LYS A 479 -20.85 6.61 -5.09
CA LYS A 479 -20.15 5.52 -4.45
C LYS A 479 -21.12 4.74 -3.58
N VAL A 480 -22.14 5.44 -3.06
CA VAL A 480 -23.21 4.81 -2.29
C VAL A 480 -24.21 4.14 -3.22
N THR A 481 -24.41 4.72 -4.40
CA THR A 481 -25.34 4.16 -5.37
C THR A 481 -24.73 3.00 -6.15
N GLU A 482 -23.43 3.04 -6.38
CA GLU A 482 -22.76 1.95 -7.06
C GLU A 482 -22.88 0.67 -6.25
N THR A 483 -22.86 0.80 -4.94
CA THR A 483 -22.87 -0.36 -4.06
C THR A 483 -24.06 -1.26 -4.34
N PHE A 484 -25.19 -0.65 -4.67
CA PHE A 484 -26.43 -1.38 -4.98
C PHE A 484 -26.23 -2.41 -6.08
N ASP A 485 -25.21 -2.18 -6.91
CA ASP A 485 -24.95 -3.05 -8.05
C ASP A 485 -24.26 -4.35 -7.61
N TYR A 486 -23.43 -4.26 -6.58
CA TYR A 486 -22.77 -5.42 -6.01
C TYR A 486 -23.56 -5.96 -4.82
N LEU A 487 -24.73 -5.36 -4.61
CA LEU A 487 -25.64 -5.78 -3.55
C LEU A 487 -26.16 -7.20 -3.77
N THR A 488 -26.01 -7.70 -5.00
CA THR A 488 -26.44 -9.05 -5.36
C THR A 488 -25.43 -10.13 -4.97
N PHE A 489 -24.15 -9.80 -5.01
CA PHE A 489 -23.09 -10.74 -4.67
C PHE A 489 -22.78 -10.74 -3.18
N LEU A 490 -23.34 -9.77 -2.46
CA LEU A 490 -23.11 -9.62 -1.03
C LEU A 490 -23.95 -10.63 -0.27
N PRO A 491 -23.40 -11.18 0.82
CA PRO A 491 -24.15 -12.12 1.67
C PRO A 491 -25.36 -11.42 2.26
N LEU A 492 -26.45 -12.17 2.46
CA LEU A 492 -27.71 -11.57 2.87
C LEU A 492 -27.56 -10.67 4.10
N GLN A 493 -26.64 -11.02 5.00
CA GLN A 493 -26.42 -10.24 6.21
C GLN A 493 -25.91 -8.82 5.94
N THR A 494 -24.99 -8.69 4.98
CA THR A 494 -24.42 -7.39 4.65
C THR A 494 -25.44 -6.53 3.92
N VAL A 495 -26.24 -7.15 3.06
CA VAL A 495 -27.29 -6.45 2.34
C VAL A 495 -28.22 -5.77 3.32
N GLN A 496 -28.63 -6.50 4.36
CA GLN A 496 -29.53 -5.95 5.36
C GLN A 496 -28.90 -4.72 6.00
N GLY A 497 -27.72 -4.90 6.58
CA GLY A 497 -27.01 -3.79 7.20
C GLY A 497 -26.90 -2.61 6.26
N LEU A 498 -26.63 -2.90 5.00
CA LEU A 498 -26.48 -1.85 3.99
C LEU A 498 -27.78 -1.12 3.77
N LEU A 499 -28.89 -1.86 3.80
CA LEU A 499 -30.19 -1.26 3.55
C LEU A 499 -30.70 -0.49 4.77
N LYS A 500 -30.43 -1.01 5.97
CA LYS A 500 -30.83 -0.30 7.18
C LYS A 500 -30.13 1.05 7.25
N ALA A 501 -28.82 1.03 7.12
CA ALA A 501 -28.01 2.23 7.30
C ALA A 501 -28.24 3.26 6.19
N VAL A 502 -28.77 2.79 5.07
CA VAL A 502 -28.91 3.61 3.87
C VAL A 502 -30.28 4.28 3.78
N GLN A 503 -31.16 3.95 4.72
CA GLN A 503 -32.52 4.51 4.72
C GLN A 503 -32.60 6.02 4.94
N PRO A 504 -31.80 6.56 5.88
CA PRO A 504 -31.75 8.01 6.00
C PRO A 504 -31.45 8.71 4.66
N LEU A 505 -30.81 8.01 3.73
CA LEU A 505 -30.57 8.55 2.39
C LEU A 505 -31.73 8.29 1.42
N LEU A 506 -32.62 7.38 1.78
CA LEU A 506 -33.76 7.05 0.93
C LEU A 506 -34.93 7.98 1.20
N LYS A 507 -34.79 8.83 2.22
CA LYS A 507 -35.82 9.79 2.58
C LYS A 507 -35.57 11.15 1.93
N ILE A 508 -34.53 11.24 1.11
CA ILE A 508 -34.19 12.49 0.45
C ILE A 508 -34.18 12.31 -1.06
N SER A 509 -33.27 11.47 -1.54
CA SER A 509 -33.14 11.23 -2.98
C SER A 509 -34.21 10.27 -3.49
N MET A 510 -34.99 10.74 -4.46
CA MET A 510 -35.94 9.90 -5.17
C MET A 510 -35.14 9.00 -6.10
N SER A 511 -34.19 9.61 -6.81
CA SER A 511 -33.36 8.89 -7.77
C SER A 511 -32.65 7.70 -7.12
N MET A 512 -32.16 7.87 -5.91
CA MET A 512 -31.52 6.78 -5.17
C MET A 512 -32.54 5.70 -4.81
N ARG A 513 -33.76 6.12 -4.53
CA ARG A 513 -34.84 5.19 -4.23
C ARG A 513 -35.20 4.38 -5.48
N ASP A 514 -35.36 5.07 -6.60
CA ASP A 514 -35.67 4.39 -7.85
C ASP A 514 -34.50 3.54 -8.28
N SER A 515 -33.29 4.05 -8.10
CA SER A 515 -32.09 3.35 -8.52
C SER A 515 -31.90 2.10 -7.67
N LEU A 516 -32.48 2.10 -6.47
CA LEU A 516 -32.50 0.92 -5.63
C LEU A 516 -33.56 -0.07 -6.11
N ILE A 517 -34.75 0.44 -6.41
CA ILE A 517 -35.88 -0.39 -6.81
C ILE A 517 -35.60 -1.11 -8.12
N LEU A 518 -34.98 -0.40 -9.05
CA LEU A 518 -34.58 -0.99 -10.32
C LEU A 518 -33.61 -2.14 -10.07
N VAL A 519 -32.62 -1.91 -9.21
CA VAL A 519 -31.61 -2.92 -8.92
C VAL A 519 -32.19 -4.14 -8.23
N LEU A 520 -33.03 -3.91 -7.22
CA LEU A 520 -33.73 -4.99 -6.56
C LEU A 520 -34.58 -5.80 -7.54
N ARG A 521 -35.20 -5.10 -8.50
CA ARG A 521 -36.14 -5.73 -9.43
C ARG A 521 -35.46 -6.75 -10.34
N LYS A 522 -34.34 -6.36 -10.92
CA LYS A 522 -33.61 -7.28 -11.80
C LYS A 522 -32.87 -8.37 -11.03
N ALA A 523 -32.79 -8.23 -9.71
CA ALA A 523 -32.23 -9.28 -8.88
C ALA A 523 -33.22 -10.44 -8.79
N MET A 524 -34.51 -10.12 -8.90
CA MET A 524 -35.57 -11.13 -8.86
C MET A 524 -35.39 -12.14 -9.98
N PHE A 525 -34.73 -11.69 -11.05
CA PHE A 525 -34.48 -12.52 -12.22
C PHE A 525 -33.07 -13.12 -12.27
N ALA A 526 -32.26 -12.84 -11.25
CA ALA A 526 -30.90 -13.36 -11.21
C ALA A 526 -30.86 -14.86 -10.96
N SER A 527 -29.84 -15.52 -11.50
CA SER A 527 -29.66 -16.95 -11.35
C SER A 527 -29.26 -17.32 -9.93
N GLN A 528 -28.20 -16.67 -9.44
CA GLN A 528 -27.70 -16.94 -8.09
C GLN A 528 -28.80 -16.76 -7.04
N LEU A 529 -28.87 -17.73 -6.12
CA LEU A 529 -29.84 -17.72 -5.04
C LEU A 529 -29.72 -16.44 -4.22
N ASP A 530 -28.51 -16.17 -3.74
CA ASP A 530 -28.25 -15.04 -2.84
C ASP A 530 -28.65 -13.67 -3.39
N ALA A 531 -28.79 -13.56 -4.71
CA ALA A 531 -29.25 -12.32 -5.31
C ALA A 531 -30.75 -12.18 -5.12
N ARG A 532 -31.48 -13.26 -5.38
CA ARG A 532 -32.92 -13.28 -5.21
C ARG A 532 -33.30 -13.19 -3.74
N LYS A 533 -32.44 -13.76 -2.90
CA LYS A 533 -32.65 -13.73 -1.45
C LYS A 533 -32.44 -12.31 -0.92
N SER A 534 -31.62 -11.54 -1.62
CA SER A 534 -31.43 -10.14 -1.28
C SER A 534 -32.61 -9.32 -1.77
N ALA A 535 -33.02 -9.56 -3.01
CA ALA A 535 -34.15 -8.85 -3.61
C ALA A 535 -35.42 -8.98 -2.77
N VAL A 536 -35.64 -10.16 -2.20
CA VAL A 536 -36.78 -10.35 -1.32
C VAL A 536 -36.63 -9.48 -0.07
N ALA A 537 -35.40 -9.39 0.43
CA ALA A 537 -35.13 -8.62 1.65
C ALA A 537 -35.35 -7.13 1.41
N GLY A 538 -35.00 -6.66 0.22
CA GLY A 538 -35.17 -5.26 -0.12
C GLY A 538 -36.63 -4.89 -0.26
N PHE A 539 -37.38 -5.75 -0.96
CA PHE A 539 -38.79 -5.50 -1.20
C PHE A 539 -39.65 -5.73 0.04
N LEU A 540 -39.17 -6.57 0.95
CA LEU A 540 -39.88 -6.79 2.21
C LEU A 540 -39.64 -5.63 3.14
N LEU A 541 -38.47 -5.01 3.02
CA LEU A 541 -38.12 -3.83 3.80
C LEU A 541 -38.78 -2.59 3.20
N LEU A 542 -38.99 -2.61 1.89
CA LEU A 542 -39.68 -1.52 1.22
C LEU A 542 -41.13 -1.46 1.67
N LEU A 543 -41.84 -2.57 1.52
CA LEU A 543 -43.25 -2.65 1.87
C LEU A 543 -43.47 -2.40 3.36
N LYS A 544 -42.49 -2.78 4.18
CA LYS A 544 -42.60 -2.60 5.62
C LYS A 544 -43.09 -1.19 5.90
N ASN A 545 -42.25 -0.20 5.65
CA ASN A 545 -42.74 1.16 5.73
C ASN A 545 -42.80 1.78 4.36
N PHE A 546 -43.99 1.74 3.77
CA PHE A 546 -44.33 2.60 2.65
C PHE A 546 -44.99 3.87 3.14
N LYS A 547 -45.89 3.73 4.11
CA LYS A 547 -46.64 4.86 4.65
C LYS A 547 -45.69 5.94 5.15
N VAL A 548 -44.51 5.52 5.57
CA VAL A 548 -43.48 6.43 6.05
C VAL A 548 -42.52 6.80 4.92
N LEU A 549 -41.81 5.79 4.42
CA LEU A 549 -40.79 5.95 3.39
C LEU A 549 -41.34 6.49 2.05
N GLY A 550 -42.45 5.92 1.59
CA GLY A 550 -43.00 6.21 0.28
C GLY A 550 -44.11 7.24 0.24
N SER A 551 -44.22 8.04 1.30
CA SER A 551 -45.21 9.11 1.35
C SER A 551 -45.03 10.05 0.16
N LEU A 552 -43.78 10.41 -0.13
CA LEU A 552 -43.45 11.08 -1.38
C LEU A 552 -43.28 10.02 -2.45
N PRO A 553 -43.92 10.23 -3.61
CA PRO A 553 -43.92 9.23 -4.67
C PRO A 553 -42.57 9.16 -5.39
N SER A 554 -42.18 7.96 -5.79
CA SER A 554 -40.98 7.77 -6.60
C SER A 554 -41.39 7.64 -8.05
N SER A 555 -40.41 7.50 -8.94
CA SER A 555 -40.72 7.40 -10.37
C SER A 555 -41.27 6.02 -10.73
N GLN A 556 -40.94 5.02 -9.92
CA GLN A 556 -41.48 3.69 -10.09
C GLN A 556 -42.89 3.61 -9.52
N CYS A 557 -43.12 4.34 -8.43
CA CYS A 557 -44.42 4.34 -7.77
C CYS A 557 -45.47 5.07 -8.60
N THR A 558 -45.13 6.25 -9.10
CA THR A 558 -46.07 7.01 -9.93
C THR A 558 -46.40 6.24 -11.20
N GLN A 559 -45.39 5.56 -11.74
CA GLN A 559 -45.50 4.91 -13.04
C GLN A 559 -46.39 3.67 -13.07
N SER A 560 -46.70 3.12 -11.90
CA SER A 560 -47.53 1.92 -11.84
C SER A 560 -48.90 2.18 -12.45
N ILE A 561 -49.38 3.42 -12.31
CA ILE A 561 -50.64 3.81 -12.92
C ILE A 561 -50.45 4.45 -14.30
N GLY A 562 -49.21 4.72 -14.67
CA GLY A 562 -48.88 5.24 -15.97
C GLY A 562 -48.46 6.70 -16.09
N VAL A 563 -48.24 7.36 -14.95
CA VAL A 563 -47.80 8.76 -14.95
C VAL A 563 -46.29 8.89 -14.84
N THR A 564 -45.65 9.35 -15.91
CA THR A 564 -44.21 9.55 -15.94
C THR A 564 -43.74 10.88 -15.34
N GLN A 565 -44.45 11.97 -15.65
CA GLN A 565 -43.95 13.32 -15.41
C GLN A 565 -44.42 14.04 -14.13
N VAL A 566 -45.22 13.37 -13.30
CA VAL A 566 -45.78 14.01 -12.10
C VAL A 566 -44.72 14.28 -11.02
N ARG A 567 -44.63 15.54 -10.63
CA ARG A 567 -43.65 15.99 -9.63
C ARG A 567 -44.20 17.19 -8.85
N VAL A 568 -43.91 17.24 -7.55
CA VAL A 568 -44.25 18.41 -6.72
C VAL A 568 -45.77 18.58 -6.57
N ASP A 569 -46.54 17.81 -7.35
CA ASP A 569 -47.99 17.94 -7.33
C ASP A 569 -48.67 16.68 -6.83
N VAL A 570 -49.61 16.85 -5.91
CA VAL A 570 -50.43 15.74 -5.44
C VAL A 570 -51.92 16.05 -5.50
N HIS A 571 -52.63 15.38 -6.40
CA HIS A 571 -54.09 15.31 -6.30
C HIS A 571 -54.41 13.85 -6.02
N SER A 572 -54.85 13.62 -4.78
CA SER A 572 -54.66 12.34 -4.08
C SER A 572 -55.33 11.09 -4.67
N ARG A 573 -56.44 11.24 -5.38
CA ARG A 573 -57.11 10.08 -5.94
C ARG A 573 -56.13 9.25 -6.76
N TYR A 574 -55.30 9.92 -7.55
CA TYR A 574 -54.30 9.23 -8.36
C TYR A 574 -52.93 9.10 -7.68
N SER A 575 -52.76 9.78 -6.56
CA SER A 575 -51.58 9.60 -5.73
C SER A 575 -51.75 8.39 -4.81
N ALA A 576 -52.95 8.24 -4.26
CA ALA A 576 -53.24 7.16 -3.33
C ALA A 576 -53.39 5.84 -4.08
N VAL A 577 -53.80 5.92 -5.34
CA VAL A 577 -53.88 4.75 -6.19
C VAL A 577 -52.52 4.38 -6.75
N ALA A 578 -51.72 5.39 -7.07
CA ALA A 578 -50.36 5.14 -7.54
C ALA A 578 -49.57 4.40 -6.46
N ASN A 579 -49.83 4.75 -5.20
CA ASN A 579 -49.18 4.08 -4.08
C ASN A 579 -49.65 2.62 -3.92
N GLU A 580 -50.97 2.43 -3.86
CA GLU A 580 -51.55 1.10 -3.65
C GLU A 580 -51.27 0.11 -4.78
N THR A 581 -51.50 0.51 -6.02
CA THR A 581 -51.31 -0.43 -7.14
C THR A 581 -49.84 -0.78 -7.33
N PHE A 582 -48.95 0.07 -6.83
CA PHE A 582 -47.52 -0.19 -6.89
C PHE A 582 -47.12 -1.23 -5.86
N CYS A 583 -47.63 -1.08 -4.64
CA CYS A 583 -47.42 -2.05 -3.59
C CYS A 583 -47.88 -3.42 -4.05
N LEU A 584 -49.09 -3.46 -4.61
CA LEU A 584 -49.64 -4.70 -5.13
C LEU A 584 -48.67 -5.35 -6.12
N GLU A 585 -48.08 -4.53 -6.97
CA GLU A 585 -47.11 -5.03 -7.92
C GLU A 585 -45.97 -5.72 -7.19
N ILE A 586 -45.51 -5.11 -6.11
CA ILE A 586 -44.45 -5.69 -5.29
C ILE A 586 -44.91 -7.04 -4.71
N ILE A 587 -46.14 -7.10 -4.22
CA ILE A 587 -46.67 -8.34 -3.65
C ILE A 587 -46.82 -9.43 -4.70
N ASP A 588 -47.21 -9.07 -5.91
CA ASP A 588 -47.37 -10.05 -6.98
C ASP A 588 -46.01 -10.57 -7.38
N SER A 589 -45.01 -9.72 -7.19
CA SER A 589 -43.63 -10.00 -7.56
C SER A 589 -42.98 -10.92 -6.52
N LEU A 590 -43.23 -10.63 -5.25
CA LEU A 590 -42.77 -11.49 -4.17
C LEU A 590 -43.39 -12.87 -4.31
N LYS A 591 -44.67 -12.91 -4.67
CA LYS A 591 -45.41 -14.18 -4.72
C LYS A 591 -44.72 -15.27 -5.53
N ARG A 592 -44.10 -14.91 -6.64
CA ARG A 592 -43.55 -15.92 -7.53
C ARG A 592 -42.24 -16.52 -7.02
N SER A 593 -41.70 -15.94 -5.96
CA SER A 593 -40.54 -16.54 -5.30
C SER A 593 -41.01 -17.62 -4.33
N LEU A 594 -42.30 -17.62 -4.02
CA LEU A 594 -42.88 -18.66 -3.19
C LEU A 594 -42.87 -20.00 -3.92
N GLY A 595 -42.49 -19.97 -5.19
CA GLY A 595 -42.34 -21.18 -5.98
C GLY A 595 -40.89 -21.56 -6.07
N GLN A 596 -40.05 -20.70 -5.50
CA GLN A 596 -38.61 -20.89 -5.51
C GLN A 596 -38.11 -21.62 -4.27
N GLN A 597 -36.80 -21.60 -4.08
CA GLN A 597 -36.12 -22.39 -3.06
C GLN A 597 -36.71 -22.21 -1.67
N ALA A 598 -36.63 -23.28 -0.88
CA ALA A 598 -37.16 -23.27 0.48
C ALA A 598 -36.63 -22.10 1.31
N ASP A 599 -35.36 -21.76 1.10
CA ASP A 599 -34.71 -20.72 1.89
C ASP A 599 -35.38 -19.37 1.72
N ILE A 600 -35.77 -19.05 0.49
CA ILE A 600 -36.43 -17.80 0.18
C ILE A 600 -37.85 -17.79 0.69
N ARG A 601 -38.55 -18.91 0.52
CA ARG A 601 -39.91 -19.03 1.02
C ARG A 601 -39.97 -18.69 2.50
N LEU A 602 -39.06 -19.24 3.27
CA LEU A 602 -39.06 -19.01 4.71
C LEU A 602 -38.80 -17.54 5.00
N MET A 603 -37.83 -16.98 4.28
CA MET A 603 -37.49 -15.57 4.41
C MET A 603 -38.73 -14.72 4.14
N LEU A 604 -39.63 -15.24 3.33
CA LEU A 604 -40.86 -14.54 2.99
C LEU A 604 -41.94 -14.68 4.07
N TYR A 605 -41.99 -15.85 4.71
CA TYR A 605 -42.98 -16.11 5.73
C TYR A 605 -42.72 -15.26 6.96
N ASP A 606 -41.46 -14.88 7.15
CA ASP A 606 -41.08 -14.05 8.29
C ASP A 606 -41.40 -12.58 8.03
N GLY A 607 -41.20 -12.15 6.79
CA GLY A 607 -41.44 -10.77 6.41
C GLY A 607 -42.91 -10.41 6.30
N PHE A 608 -43.71 -11.31 5.72
CA PHE A 608 -45.11 -11.02 5.47
C PHE A 608 -45.87 -10.57 6.71
N TYR A 609 -45.38 -10.96 7.89
CA TYR A 609 -46.05 -10.58 9.12
C TYR A 609 -45.79 -9.12 9.49
N ASP A 610 -44.52 -8.73 9.51
CA ASP A 610 -44.17 -7.37 9.89
C ASP A 610 -44.72 -6.38 8.88
N VAL A 611 -44.96 -6.85 7.66
CA VAL A 611 -45.56 -6.02 6.65
C VAL A 611 -47.06 -5.88 6.90
N LEU A 612 -47.66 -6.92 7.47
CA LEU A 612 -49.10 -6.90 7.76
C LEU A 612 -49.40 -5.95 8.92
N ARG A 613 -48.47 -5.87 9.87
CA ARG A 613 -48.70 -5.09 11.08
C ARG A 613 -48.41 -3.60 10.89
N ARG A 614 -47.70 -3.26 9.82
CA ARG A 614 -47.43 -1.85 9.56
C ARG A 614 -48.31 -1.33 8.43
N ASN A 615 -48.16 -1.91 7.24
CA ASN A 615 -48.97 -1.51 6.10
C ASN A 615 -50.21 -2.39 6.09
N SER A 616 -51.36 -1.82 6.47
CA SER A 616 -52.50 -2.65 6.83
C SER A 616 -53.51 -2.86 5.72
N GLN A 617 -53.30 -2.22 4.58
CA GLN A 617 -54.19 -2.36 3.44
C GLN A 617 -53.75 -3.53 2.57
N LEU A 618 -52.59 -4.07 2.92
CA LEU A 618 -52.02 -5.22 2.23
C LEU A 618 -52.52 -6.52 2.85
N ALA A 619 -53.35 -6.40 3.88
CA ALA A 619 -53.84 -7.54 4.64
C ALA A 619 -54.46 -8.62 3.75
N SER A 620 -55.41 -8.22 2.92
CA SER A 620 -56.16 -9.17 2.10
C SER A 620 -55.33 -9.78 0.97
N SER A 621 -54.31 -9.08 0.50
CA SER A 621 -53.43 -9.63 -0.51
C SER A 621 -52.41 -10.59 0.10
N ILE A 622 -51.97 -10.30 1.32
CA ILE A 622 -51.07 -11.18 2.04
C ILE A 622 -51.80 -12.46 2.43
N MET A 623 -52.92 -12.30 3.13
CA MET A 623 -53.78 -13.41 3.49
C MET A 623 -54.08 -14.25 2.25
N GLN A 624 -54.27 -13.58 1.12
CA GLN A 624 -54.56 -14.27 -0.13
C GLN A 624 -53.41 -15.19 -0.51
N THR A 625 -52.23 -14.60 -0.63
CA THR A 625 -51.05 -15.33 -1.05
C THR A 625 -50.77 -16.53 -0.13
N LEU A 626 -50.94 -16.35 1.17
CA LEU A 626 -50.74 -17.45 2.10
C LEU A 626 -51.79 -18.54 1.90
N PHE A 627 -53.03 -18.13 1.68
CA PHE A 627 -54.11 -19.09 1.52
C PHE A 627 -54.01 -19.85 0.22
N SER A 628 -53.38 -19.23 -0.78
CA SER A 628 -53.15 -19.90 -2.05
C SER A 628 -51.97 -20.86 -1.90
N GLN A 629 -51.07 -20.55 -0.98
CA GLN A 629 -49.89 -21.37 -0.74
C GLN A 629 -50.24 -22.60 0.08
N LEU A 630 -51.12 -22.42 1.06
CA LEU A 630 -51.53 -23.50 1.93
C LEU A 630 -52.39 -24.49 1.15
N LYS A 631 -53.20 -23.96 0.23
CA LYS A 631 -54.16 -24.77 -0.51
C LYS A 631 -53.49 -25.80 -1.39
N GLN A 632 -52.18 -25.64 -1.60
CA GLN A 632 -51.43 -26.63 -2.33
C GLN A 632 -51.13 -27.83 -1.45
N PHE A 633 -50.83 -27.59 -0.19
CA PHE A 633 -50.37 -28.66 0.67
C PHE A 633 -51.48 -29.26 1.55
N TYR A 634 -52.69 -28.74 1.40
CA TYR A 634 -53.81 -29.14 2.24
C TYR A 634 -54.75 -30.10 1.51
N GLU A 635 -54.95 -31.27 2.09
CA GLU A 635 -55.92 -32.22 1.56
C GLU A 635 -57.31 -31.96 2.12
N PRO A 636 -58.24 -31.53 1.25
CA PRO A 636 -59.59 -31.07 1.55
C PRO A 636 -60.49 -32.20 2.04
N GLU A 637 -60.21 -33.43 1.60
CA GLU A 637 -61.08 -34.54 1.88
C GLU A 637 -61.13 -34.79 3.38
N PRO A 638 -62.29 -34.54 4.00
CA PRO A 638 -62.40 -34.84 5.42
C PRO A 638 -62.20 -36.32 5.62
N ASP A 639 -61.52 -36.70 6.68
CA ASP A 639 -61.17 -38.10 6.89
C ASP A 639 -60.17 -38.60 5.84
N LEU A 640 -59.26 -37.72 5.45
CA LEU A 640 -58.02 -38.13 4.78
C LEU A 640 -56.91 -37.81 5.78
N LEU A 641 -56.27 -38.85 6.30
CA LEU A 641 -55.59 -38.75 7.60
C LEU A 641 -54.42 -37.78 7.75
N PRO A 642 -53.54 -37.68 6.75
CA PRO A 642 -52.52 -36.63 6.78
C PRO A 642 -53.04 -35.30 6.20
N PRO A 643 -53.71 -34.48 7.02
CA PRO A 643 -54.41 -33.28 6.52
C PRO A 643 -53.55 -32.38 5.64
N LEU A 644 -52.25 -32.34 5.90
CA LEU A 644 -51.28 -31.63 5.07
C LEU A 644 -50.51 -32.63 4.23
N LYS A 645 -50.16 -32.30 2.99
CA LYS A 645 -49.42 -33.25 2.19
C LYS A 645 -47.95 -33.00 2.45
N LEU A 646 -47.32 -33.92 3.19
CA LEU A 646 -45.94 -33.76 3.64
C LEU A 646 -44.90 -34.15 2.59
N GLY A 647 -45.19 -35.21 1.84
CA GLY A 647 -44.28 -35.70 0.82
C GLY A 647 -44.09 -34.70 -0.31
N ALA A 648 -44.94 -33.68 -0.34
CA ALA A 648 -44.88 -32.67 -1.38
C ALA A 648 -43.83 -31.59 -1.09
N CYS A 649 -43.44 -31.50 0.18
CA CYS A 649 -42.49 -30.47 0.60
C CYS A 649 -41.05 -30.90 0.32
N VAL A 650 -40.90 -32.13 -0.14
CA VAL A 650 -39.59 -32.67 -0.45
C VAL A 650 -39.44 -32.82 -1.95
N LEU A 651 -38.37 -32.25 -2.50
CA LEU A 651 -38.10 -32.39 -3.92
C LEU A 651 -36.96 -33.39 -4.14
N THR A 652 -37.05 -34.16 -5.22
CA THR A 652 -36.03 -35.15 -5.56
C THR A 652 -35.39 -34.84 -6.90
N GLN A 653 -34.10 -34.48 -6.88
CA GLN A 653 -33.36 -34.35 -8.12
C GLN A 653 -31.98 -35.00 -8.03
N GLY A 654 -31.77 -36.02 -8.85
CA GLY A 654 -30.47 -36.66 -9.01
C GLY A 654 -29.85 -37.16 -7.73
N SER A 655 -30.60 -37.98 -6.99
CA SER A 655 -30.09 -38.60 -5.76
C SER A 655 -29.73 -37.58 -4.69
N GLN A 656 -30.34 -36.39 -4.78
CA GLN A 656 -30.20 -35.38 -3.74
C GLN A 656 -31.59 -34.90 -3.33
N ILE A 657 -31.85 -34.90 -2.03
CA ILE A 657 -33.18 -34.62 -1.52
C ILE A 657 -33.22 -33.37 -0.63
N PHE A 658 -33.84 -32.31 -1.14
CA PHE A 658 -33.93 -31.05 -0.41
C PHE A 658 -35.32 -30.85 0.10
N LEU A 659 -35.45 -30.16 1.22
CA LEU A 659 -36.75 -29.71 1.65
C LEU A 659 -37.11 -28.45 0.89
N GLN A 660 -38.25 -28.48 0.22
CA GLN A 660 -38.80 -27.25 -0.35
C GLN A 660 -40.13 -26.93 0.32
N GLU A 661 -40.24 -25.68 0.74
CA GLU A 661 -41.30 -25.20 1.61
C GLU A 661 -41.17 -25.79 3.01
N PRO A 662 -41.39 -24.93 4.00
CA PRO A 662 -41.55 -25.18 5.43
C PRO A 662 -43.02 -25.19 5.83
N LEU A 663 -43.76 -26.23 5.46
CA LEU A 663 -45.20 -26.24 5.67
C LEU A 663 -45.52 -25.79 7.08
N ASP A 664 -44.58 -26.01 8.00
CA ASP A 664 -44.77 -25.58 9.38
C ASP A 664 -44.57 -24.08 9.57
N HIS A 665 -43.74 -23.47 8.73
CA HIS A 665 -43.61 -22.02 8.78
C HIS A 665 -44.76 -21.36 8.04
N LEU A 666 -45.25 -22.02 6.99
CA LEU A 666 -46.44 -21.55 6.29
C LEU A 666 -47.58 -21.41 7.28
N LEU A 667 -47.73 -22.42 8.14
CA LEU A 667 -48.75 -22.38 9.18
C LEU A 667 -48.49 -21.28 10.18
N SER A 668 -47.26 -21.20 10.67
CA SER A 668 -46.93 -20.18 11.66
C SER A 668 -47.31 -18.79 11.17
N CYS A 669 -46.98 -18.51 9.92
CA CYS A 669 -47.26 -17.20 9.34
C CYS A 669 -48.76 -16.94 9.30
N ILE A 670 -49.48 -17.90 8.72
CA ILE A 670 -50.94 -17.85 8.70
C ILE A 670 -51.49 -17.72 10.11
N GLN A 671 -50.88 -18.41 11.06
CA GLN A 671 -51.36 -18.42 12.44
C GLN A 671 -51.29 -17.05 13.07
N HIS A 672 -50.20 -16.32 12.81
CA HIS A 672 -50.05 -15.00 13.39
C HIS A 672 -50.81 -13.94 12.63
N CYS A 673 -50.84 -14.07 11.31
CA CYS A 673 -51.58 -13.11 10.49
C CYS A 673 -53.07 -13.21 10.75
N LEU A 674 -53.57 -14.44 10.85
CA LEU A 674 -54.97 -14.65 11.21
C LEU A 674 -55.28 -14.03 12.55
N ALA A 675 -54.33 -14.11 13.47
CA ALA A 675 -54.53 -13.58 14.82
C ALA A 675 -54.67 -12.06 14.78
N TRP A 676 -53.80 -11.40 14.01
CA TRP A 676 -53.90 -9.97 13.82
C TRP A 676 -55.21 -9.62 13.11
N TYR A 677 -55.57 -10.44 12.12
CA TYR A 677 -56.78 -10.20 11.34
C TYR A 677 -58.00 -10.17 12.25
N LYS A 678 -58.14 -11.18 13.10
CA LYS A 678 -59.30 -11.25 13.99
C LYS A 678 -59.24 -10.23 15.13
N SER A 679 -58.12 -10.17 15.85
CA SER A 679 -57.98 -9.22 16.96
C SER A 679 -58.12 -7.77 16.49
N ARG A 680 -57.32 -7.39 15.51
CA ARG A 680 -57.41 -6.09 14.86
C ARG A 680 -58.40 -6.16 13.70
N VAL A 681 -58.38 -5.13 12.86
CA VAL A 681 -59.18 -5.08 11.63
C VAL A 681 -60.66 -5.30 11.92
N VAL A 682 -61.23 -4.37 12.69
CA VAL A 682 -62.67 -4.29 12.88
C VAL A 682 -63.04 -2.80 13.02
N PRO A 683 -63.09 -2.07 11.89
CA PRO A 683 -63.36 -0.63 11.89
C PRO A 683 -64.86 -0.31 11.87
N GLU A 695 -63.68 -11.02 4.11
CA GLU A 695 -64.65 -11.49 5.08
C GLU A 695 -64.83 -13.00 5.03
N GLU A 696 -64.90 -13.54 3.83
CA GLU A 696 -65.00 -14.99 3.66
C GLU A 696 -63.62 -15.60 3.44
N LEU A 697 -62.59 -14.76 3.45
CA LEU A 697 -61.22 -15.20 3.25
C LEU A 697 -60.62 -15.77 4.53
N TYR A 698 -60.43 -14.90 5.51
CA TYR A 698 -59.89 -15.31 6.80
C TYR A 698 -60.84 -16.28 7.50
N SER A 699 -62.08 -16.35 7.02
CA SER A 699 -63.05 -17.28 7.60
C SER A 699 -62.71 -18.71 7.25
N GLU A 700 -62.21 -18.93 6.05
CA GLU A 700 -61.86 -20.28 5.60
C GLU A 700 -60.56 -20.74 6.23
N LEU A 701 -59.56 -19.87 6.24
CA LEU A 701 -58.27 -20.20 6.82
C LEU A 701 -58.44 -20.73 8.24
N ASP A 702 -59.30 -20.08 9.02
CA ASP A 702 -59.56 -20.55 10.37
C ASP A 702 -60.13 -21.95 10.36
N ASP A 703 -61.04 -22.20 9.43
CA ASP A 703 -61.67 -23.52 9.32
C ASP A 703 -60.69 -24.59 8.91
N MET A 704 -59.74 -24.22 8.05
CA MET A 704 -58.70 -25.15 7.65
C MET A 704 -57.85 -25.54 8.85
N LEU A 705 -57.37 -24.54 9.56
CA LEU A 705 -56.50 -24.78 10.72
C LEU A 705 -57.14 -25.76 11.71
N GLU A 706 -58.43 -25.57 11.99
CA GLU A 706 -59.11 -26.50 12.88
C GLU A 706 -59.24 -27.88 12.25
N SER A 707 -59.57 -27.92 10.97
CA SER A 707 -59.61 -29.21 10.28
C SER A 707 -58.24 -29.88 10.35
N ILE A 708 -57.20 -29.08 10.18
CA ILE A 708 -55.82 -29.56 10.28
C ILE A 708 -55.48 -29.99 11.71
N THR A 709 -56.03 -29.28 12.69
CA THR A 709 -55.86 -29.64 14.08
C THR A 709 -56.45 -31.03 14.37
N VAL A 710 -57.73 -31.18 14.04
CA VAL A 710 -58.47 -32.40 14.39
C VAL A 710 -57.89 -33.65 13.73
N ARG A 711 -57.49 -33.53 12.46
CA ARG A 711 -57.01 -34.67 11.70
C ARG A 711 -55.54 -34.97 12.01
N MET A 712 -54.77 -33.95 12.36
CA MET A 712 -53.40 -34.15 12.81
C MET A 712 -53.40 -34.93 14.12
N ILE A 713 -54.37 -34.62 14.97
CA ILE A 713 -54.46 -35.25 16.28
C ILE A 713 -54.78 -36.75 16.21
N LYS A 714 -55.74 -37.13 15.36
CA LYS A 714 -56.20 -38.52 15.30
C LYS A 714 -55.51 -39.41 14.25
N SER A 715 -54.50 -38.86 13.58
CA SER A 715 -53.69 -39.66 12.65
C SER A 715 -52.41 -40.16 13.31
N GLU A 716 -52.23 -41.48 13.39
CA GLU A 716 -51.02 -42.00 14.02
C GLU A 716 -50.14 -42.87 13.12
N LEU A 717 -49.02 -42.30 12.69
CA LEU A 717 -47.81 -43.03 12.29
C LEU A 717 -47.94 -44.00 11.13
N GLU A 718 -49.14 -44.49 10.85
CA GLU A 718 -49.34 -45.34 9.68
C GLU A 718 -49.67 -44.47 8.48
N ASP A 719 -50.19 -43.29 8.77
CA ASP A 719 -50.59 -42.33 7.77
C ASP A 719 -49.37 -41.51 7.34
N PHE A 720 -48.45 -41.33 8.28
CA PHE A 720 -47.15 -40.76 7.98
C PHE A 720 -46.21 -41.84 7.41
N GLU A 721 -46.49 -43.11 7.74
CA GLU A 721 -45.63 -44.23 7.37
C GLU A 721 -44.22 -44.08 7.95
N LEU A 722 -44.10 -44.25 9.26
CA LEU A 722 -42.83 -44.00 9.95
C LEU A 722 -42.49 -45.03 11.04
N ASP A 723 -41.46 -44.71 11.84
CA ASP A 723 -40.94 -45.56 12.93
C ASP A 723 -40.36 -46.90 12.47
N LYS A 724 -40.85 -47.98 13.08
CA LYS A 724 -40.37 -49.33 12.80
C LYS A 724 -40.35 -49.59 11.30
N SER A 725 -41.30 -49.00 10.60
CA SER A 725 -41.42 -49.16 9.16
C SER A 725 -40.32 -48.38 8.42
N ALA A 726 -40.35 -47.06 8.54
CA ALA A 726 -39.33 -46.19 7.96
C ALA A 726 -38.28 -45.80 9.01
N ASP A 727 -37.02 -46.17 8.77
CA ASP A 727 -36.00 -46.09 9.82
C ASP A 727 -35.13 -44.82 9.87
N PHE A 728 -35.41 -43.83 9.02
CA PHE A 728 -34.78 -42.51 9.13
C PHE A 728 -33.28 -42.47 8.92
N SER A 729 -32.71 -43.43 8.21
CA SER A 729 -31.26 -43.46 8.03
C SER A 729 -30.79 -42.36 7.08
N GLN A 730 -29.90 -41.50 7.57
CA GLN A 730 -29.50 -40.31 6.83
C GLN A 730 -28.56 -40.57 5.65
N ASN A 731 -28.11 -41.82 5.50
CA ASN A 731 -27.27 -42.17 4.36
C ASN A 731 -28.10 -42.59 3.15
N THR A 732 -29.39 -42.79 3.37
CA THR A 732 -30.28 -43.24 2.30
C THR A 732 -31.29 -42.17 1.90
N ASN A 733 -31.64 -42.15 0.62
CA ASN A 733 -32.70 -41.26 0.14
C ASN A 733 -33.98 -41.45 0.95
N VAL A 734 -34.24 -42.70 1.30
CA VAL A 734 -35.46 -43.04 2.04
C VAL A 734 -35.44 -42.44 3.44
N GLY A 735 -34.26 -42.40 4.05
CA GLY A 735 -34.12 -41.94 5.41
C GLY A 735 -34.18 -40.43 5.57
N ILE A 736 -33.56 -39.71 4.64
CA ILE A 736 -33.50 -38.25 4.75
C ILE A 736 -34.86 -37.63 4.44
N LYS A 737 -35.58 -38.22 3.51
CA LYS A 737 -36.92 -37.75 3.19
C LYS A 737 -37.84 -37.96 4.39
N ASN A 738 -37.58 -39.01 5.15
CA ASN A 738 -38.34 -39.27 6.36
C ASN A 738 -37.99 -38.27 7.46
N ASN A 739 -36.70 -38.00 7.62
CA ASN A 739 -36.25 -37.06 8.66
C ASN A 739 -36.97 -35.73 8.56
N ILE A 740 -37.12 -35.23 7.33
CA ILE A 740 -37.79 -33.97 7.07
C ILE A 740 -39.26 -34.01 7.48
N CYS A 741 -39.93 -35.11 7.16
CA CYS A 741 -41.31 -35.32 7.59
C CYS A 741 -41.42 -35.26 9.11
N ALA A 742 -40.57 -35.99 9.81
CA ALA A 742 -40.60 -35.98 11.27
C ALA A 742 -40.46 -34.56 11.78
N CYS A 743 -39.72 -33.73 11.04
CA CYS A 743 -39.49 -32.36 11.44
C CYS A 743 -40.67 -31.41 11.16
N LEU A 744 -41.24 -31.52 9.97
CA LEU A 744 -42.44 -30.74 9.61
C LEU A 744 -43.59 -31.11 10.54
N ILE A 745 -43.67 -32.38 10.88
CA ILE A 745 -44.72 -32.85 11.77
C ILE A 745 -44.57 -32.21 13.15
N MET A 746 -43.34 -32.04 13.60
CA MET A 746 -43.09 -31.44 14.91
C MET A 746 -43.35 -29.93 14.90
N GLY A 747 -42.99 -29.28 13.81
CA GLY A 747 -43.23 -27.85 13.66
C GLY A 747 -44.70 -27.53 13.53
N VAL A 748 -45.38 -28.30 12.69
CA VAL A 748 -46.81 -28.14 12.52
C VAL A 748 -47.55 -28.35 13.84
N CYS A 749 -47.12 -29.34 14.62
CA CYS A 749 -47.73 -29.57 15.92
C CYS A 749 -47.49 -28.40 16.87
N GLU A 750 -46.30 -27.82 16.79
CA GLU A 750 -45.97 -26.64 17.62
C GLU A 750 -46.85 -25.45 17.26
N VAL A 751 -47.09 -25.25 15.97
CA VAL A 751 -47.92 -24.13 15.52
C VAL A 751 -49.37 -24.28 15.93
N LEU A 752 -49.98 -25.42 15.62
CA LEU A 752 -51.38 -25.67 15.98
C LEU A 752 -51.57 -25.63 17.50
N MET A 753 -50.51 -25.98 18.22
CA MET A 753 -50.53 -25.93 19.67
C MET A 753 -50.59 -24.48 20.12
N GLU A 754 -49.84 -23.65 19.41
CA GLU A 754 -49.76 -22.23 19.70
C GLU A 754 -51.00 -21.52 19.17
N TYR A 755 -51.60 -22.08 18.11
CA TYR A 755 -52.81 -21.53 17.53
C TYR A 755 -54.03 -21.86 18.37
N ASN A 756 -54.18 -23.11 18.77
CA ASN A 756 -55.32 -23.52 19.58
C ASN A 756 -55.36 -22.88 20.95
N PHE A 757 -54.20 -22.43 21.43
CA PHE A 757 -54.18 -21.73 22.70
C PHE A 757 -54.85 -20.38 22.55
N SER A 758 -54.61 -19.73 21.41
CA SER A 758 -55.18 -18.41 21.14
C SER A 758 -56.66 -18.48 20.83
N ILE A 759 -57.11 -19.59 20.24
CA ILE A 759 -58.52 -19.79 19.97
C ILE A 759 -59.34 -19.66 21.22
N SER A 760 -59.12 -20.55 22.19
CA SER A 760 -59.86 -20.47 23.44
C SER A 760 -58.98 -20.62 24.67
N ASN A 761 -59.07 -19.65 25.56
CA ASN A 761 -58.47 -19.77 26.88
C ASN A 761 -59.35 -20.60 27.83
N PHE A 762 -60.68 -20.48 27.68
CA PHE A 762 -61.62 -21.03 28.69
C PHE A 762 -62.25 -22.39 28.44
N SER A 763 -61.94 -23.02 27.31
CA SER A 763 -62.57 -24.29 26.96
C SER A 763 -61.78 -25.51 27.41
N LYS A 764 -62.29 -26.23 28.40
CA LYS A 764 -61.60 -27.43 28.90
C LYS A 764 -61.39 -28.45 27.78
N SER A 765 -62.13 -28.28 26.69
CA SER A 765 -62.04 -29.23 25.59
C SER A 765 -60.76 -29.03 24.76
N LYS A 766 -60.47 -27.79 24.42
CA LYS A 766 -59.38 -27.51 23.49
C LYS A 766 -57.99 -27.60 24.13
N PHE A 767 -57.92 -27.63 25.46
CA PHE A 767 -56.64 -27.82 26.11
C PHE A 767 -56.16 -29.26 25.90
N GLU A 768 -57.10 -30.18 25.86
CA GLU A 768 -56.76 -31.58 25.57
C GLU A 768 -56.25 -31.74 24.15
N GLU A 769 -56.67 -30.83 23.27
CA GLU A 769 -56.13 -30.83 21.91
C GLU A 769 -54.71 -30.28 21.95
N ILE A 770 -54.50 -29.24 22.74
CA ILE A 770 -53.15 -28.71 22.92
C ILE A 770 -52.27 -29.83 23.46
N LEU A 771 -52.77 -30.56 24.45
CA LEU A 771 -52.01 -31.67 25.00
C LEU A 771 -51.75 -32.75 23.95
N SER A 772 -52.79 -33.10 23.21
CA SER A 772 -52.68 -34.13 22.17
C SER A 772 -51.73 -33.69 21.06
N LEU A 773 -51.74 -32.39 20.76
CA LEU A 773 -50.79 -31.84 19.81
C LEU A 773 -49.37 -31.91 20.35
N PHE A 774 -49.23 -31.78 21.67
CA PHE A 774 -47.93 -31.94 22.30
C PHE A 774 -47.51 -33.40 22.28
N THR A 775 -48.46 -34.27 22.61
CA THR A 775 -48.20 -35.71 22.66
C THR A 775 -47.70 -36.25 21.31
N CYS A 776 -48.21 -35.69 20.23
CA CYS A 776 -47.74 -36.04 18.89
C CYS A 776 -46.34 -35.49 18.67
N TYR A 777 -46.14 -34.22 19.03
CA TYR A 777 -44.83 -33.60 18.90
C TYR A 777 -43.76 -34.35 19.67
N LYS A 778 -44.08 -34.74 20.90
CA LYS A 778 -43.13 -35.46 21.72
C LYS A 778 -42.99 -36.91 21.25
N LYS A 779 -43.97 -37.38 20.50
CA LYS A 779 -43.84 -38.69 19.89
C LYS A 779 -42.68 -38.69 18.90
N PHE A 780 -42.60 -37.66 18.07
CA PHE A 780 -41.52 -37.54 17.09
C PHE A 780 -40.24 -36.95 17.65
N SER A 781 -40.34 -36.25 18.78
CA SER A 781 -39.13 -35.71 19.40
C SER A 781 -38.41 -36.84 20.12
N ASP A 782 -39.18 -37.84 20.58
CA ASP A 782 -38.61 -39.03 21.18
C ASP A 782 -37.98 -39.89 20.10
N ILE A 783 -38.69 -40.04 18.98
CA ILE A 783 -38.25 -40.92 17.91
C ILE A 783 -36.94 -40.46 17.28
N LEU A 784 -36.72 -39.16 17.25
CA LEU A 784 -35.52 -38.64 16.62
C LEU A 784 -34.25 -38.76 17.48
N SER A 785 -34.38 -38.62 18.80
CA SER A 785 -33.23 -38.72 19.69
C SER A 785 -32.82 -40.17 19.97
N GLU A 786 -33.80 -41.06 20.06
CA GLU A 786 -33.54 -42.49 20.25
C GLU A 786 -32.75 -43.02 19.07
N LYS A 787 -32.90 -42.34 17.94
CA LYS A 787 -32.26 -42.71 16.68
C LYS A 787 -30.89 -42.06 16.52
N ALA A 788 -30.38 -41.51 17.62
CA ALA A 788 -29.25 -40.59 17.58
C ALA A 788 -29.69 -39.30 16.91
N GLY A 789 -29.03 -38.93 15.82
CA GLY A 789 -29.45 -37.77 15.05
C GLY A 789 -28.52 -36.58 15.18
N LYS A 790 -28.66 -35.62 14.27
CA LYS A 790 -27.76 -34.47 14.20
C LYS A 790 -28.49 -33.21 13.75
N LYS A 798 -33.09 -29.66 16.60
CA LYS A 798 -33.75 -29.82 17.88
C LYS A 798 -33.37 -28.70 18.84
N VAL A 799 -32.35 -27.92 18.47
CA VAL A 799 -31.85 -26.84 19.31
C VAL A 799 -32.76 -25.61 19.24
N SER A 800 -32.73 -24.94 18.09
CA SER A 800 -33.53 -23.73 17.91
C SER A 800 -34.87 -24.06 17.25
N ASP A 801 -35.11 -25.35 17.05
CA ASP A 801 -36.26 -25.83 16.28
C ASP A 801 -37.59 -25.20 16.70
N SER A 802 -37.71 -24.77 17.95
CA SER A 802 -39.00 -24.33 18.46
C SER A 802 -39.67 -23.24 17.61
N LEU A 803 -40.92 -23.49 17.21
CA LEU A 803 -41.65 -22.56 16.36
C LEU A 803 -42.56 -21.63 17.16
N LEU A 804 -42.52 -21.79 18.48
CA LEU A 804 -43.30 -20.93 19.37
C LEU A 804 -42.72 -19.52 19.40
N SER A 805 -43.58 -18.52 19.20
CA SER A 805 -43.16 -17.13 19.36
C SER A 805 -42.77 -16.89 20.81
N LEU A 806 -41.84 -15.97 21.04
CA LEU A 806 -41.45 -15.68 22.41
C LEU A 806 -42.66 -15.21 23.19
N LYS A 807 -43.53 -14.47 22.52
CA LYS A 807 -44.70 -13.87 23.17
C LYS A 807 -45.57 -14.95 23.77
N PHE A 808 -45.78 -16.02 23.01
CA PHE A 808 -46.57 -17.13 23.49
C PHE A 808 -45.89 -17.81 24.67
N VAL A 809 -44.60 -18.11 24.53
CA VAL A 809 -43.86 -18.75 25.63
C VAL A 809 -44.00 -17.96 26.91
N SER A 810 -43.99 -16.63 26.80
CA SER A 810 -44.24 -15.79 27.96
C SER A 810 -45.65 -16.02 28.48
N ASP A 811 -46.63 -15.91 27.59
CA ASP A 811 -48.02 -16.04 27.97
C ASP A 811 -48.36 -17.43 28.47
N LEU A 812 -47.84 -18.44 27.78
CA LEU A 812 -48.02 -19.82 28.21
C LEU A 812 -47.48 -20.01 29.61
N LEU A 813 -46.22 -19.62 29.82
CA LEU A 813 -45.62 -19.74 31.15
C LEU A 813 -46.44 -19.01 32.19
N THR A 814 -46.88 -17.80 31.88
CA THR A 814 -47.61 -17.01 32.86
C THR A 814 -48.92 -17.70 33.22
N ALA A 815 -49.51 -18.40 32.25
CA ALA A 815 -50.78 -19.08 32.47
C ALA A 815 -50.62 -20.41 33.20
N LEU A 816 -49.43 -21.00 33.13
CA LEU A 816 -49.17 -22.28 33.80
C LEU A 816 -48.83 -22.13 35.28
N PHE A 817 -48.03 -21.12 35.62
CA PHE A 817 -47.58 -20.94 36.99
C PHE A 817 -48.40 -19.91 37.75
N ARG A 818 -49.37 -19.31 37.07
CA ARG A 818 -50.01 -18.08 37.54
C ARG A 818 -50.53 -18.09 38.98
N ASP A 819 -50.97 -19.25 39.45
CA ASP A 819 -51.87 -19.33 40.59
C ASP A 819 -53.13 -18.51 40.31
N SER A 820 -53.64 -17.88 41.36
CA SER A 820 -54.78 -16.97 41.27
C SER A 820 -55.83 -17.51 40.29
N ILE A 821 -56.01 -18.83 40.26
CA ILE A 821 -56.87 -19.42 39.25
C ILE A 821 -58.31 -19.39 39.71
N GLN A 822 -59.14 -18.70 38.93
CA GLN A 822 -60.55 -18.62 39.24
C GLN A 822 -61.29 -19.87 38.78
N SER A 823 -62.43 -20.14 39.42
CA SER A 823 -63.16 -21.39 39.23
C SER A 823 -63.53 -21.73 37.78
N HIS A 824 -63.61 -20.73 36.91
CA HIS A 824 -63.90 -20.97 35.50
C HIS A 824 -62.65 -21.36 34.71
N GLU A 825 -61.49 -21.10 35.28
CA GLU A 825 -60.21 -21.29 34.60
C GLU A 825 -59.59 -22.66 34.87
N GLU A 826 -60.32 -23.51 35.58
CA GLU A 826 -59.80 -24.82 35.98
C GLU A 826 -59.33 -25.69 34.81
N SER A 827 -59.81 -25.39 33.61
CA SER A 827 -59.38 -26.12 32.41
C SER A 827 -57.86 -26.15 32.25
N LEU A 828 -57.18 -25.14 32.77
CA LEU A 828 -55.72 -25.06 32.72
C LEU A 828 -55.08 -26.28 33.35
N SER A 829 -55.78 -26.91 34.29
CA SER A 829 -55.25 -28.05 35.01
C SER A 829 -54.99 -29.20 34.05
N VAL A 830 -55.46 -29.07 32.80
CA VAL A 830 -55.19 -30.07 31.78
C VAL A 830 -53.72 -30.03 31.39
N LEU A 831 -53.17 -28.81 31.29
CA LEU A 831 -51.75 -28.63 31.04
C LEU A 831 -50.92 -28.72 32.31
N ARG A 832 -51.43 -28.16 33.40
CA ARG A 832 -50.64 -28.05 34.62
C ARG A 832 -50.27 -29.40 35.23
N SER A 833 -51.17 -30.37 35.11
CA SER A 833 -50.97 -31.66 35.75
C SER A 833 -50.24 -32.68 34.86
N SER A 834 -49.91 -32.27 33.64
CA SER A 834 -49.13 -33.10 32.73
C SER A 834 -47.73 -33.34 33.27
N GLY A 835 -47.01 -32.24 33.44
CA GLY A 835 -45.69 -32.26 34.02
C GLY A 835 -44.56 -32.47 33.03
N GLU A 836 -44.84 -33.15 31.91
CA GLU A 836 -43.91 -33.15 30.80
C GLU A 836 -44.15 -31.94 29.90
N PHE A 837 -45.41 -31.63 29.65
CA PHE A 837 -45.75 -30.40 28.93
C PHE A 837 -45.38 -29.23 29.83
N MET A 838 -45.25 -29.51 31.12
CA MET A 838 -44.86 -28.49 32.07
C MET A 838 -43.41 -28.05 31.90
N HIS A 839 -42.47 -28.99 31.83
CA HIS A 839 -41.10 -28.59 31.48
C HIS A 839 -40.70 -28.69 30.00
N TYR A 840 -41.67 -28.95 29.14
CA TYR A 840 -41.53 -28.60 27.73
C TYR A 840 -41.68 -27.10 27.57
N ALA A 841 -42.75 -26.56 28.15
CA ALA A 841 -43.02 -25.14 28.12
C ALA A 841 -41.84 -24.35 28.67
N VAL A 842 -41.32 -24.78 29.82
CA VAL A 842 -40.18 -24.11 30.45
C VAL A 842 -38.91 -24.25 29.61
N ASN A 843 -38.69 -25.44 29.06
CA ASN A 843 -37.50 -25.72 28.26
C ASN A 843 -37.43 -24.91 26.97
N VAL A 844 -38.59 -24.52 26.46
CA VAL A 844 -38.63 -23.67 25.28
C VAL A 844 -38.14 -22.28 25.63
N THR A 845 -38.66 -21.72 26.72
CA THR A 845 -38.21 -20.42 27.18
C THR A 845 -36.71 -20.47 27.43
N LEU A 846 -36.27 -21.59 28.00
CA LEU A 846 -34.88 -21.77 28.35
C LEU A 846 -34.01 -21.89 27.10
N GLN A 847 -34.60 -22.36 26.02
CA GLN A 847 -33.90 -22.45 24.74
C GLN A 847 -33.82 -21.09 24.09
N LYS A 848 -34.91 -20.35 24.14
CA LYS A 848 -34.98 -19.03 23.51
C LYS A 848 -34.08 -18.04 24.22
N ILE A 849 -34.09 -18.06 25.55
CA ILE A 849 -33.20 -17.20 26.32
C ILE A 849 -31.76 -17.58 26.04
N GLN A 850 -31.52 -18.86 25.79
CA GLN A 850 -30.18 -19.35 25.50
C GLN A 850 -29.77 -19.01 24.07
N GLN A 851 -30.73 -19.03 23.15
CA GLN A 851 -30.45 -18.67 21.78
C GLN A 851 -30.38 -17.16 21.68
N LEU A 852 -30.78 -16.49 22.75
CA LEU A 852 -30.77 -15.04 22.79
C LEU A 852 -29.35 -14.56 23.07
N ILE A 853 -28.57 -15.39 23.76
CA ILE A 853 -27.16 -15.08 24.02
C ILE A 853 -26.29 -15.42 22.82
N ARG A 854 -26.49 -16.59 22.21
CA ARG A 854 -25.66 -17.01 21.08
C ARG A 854 -25.70 -15.93 20.02
N THR A 855 -26.84 -15.80 19.37
CA THR A 855 -27.08 -14.73 18.43
C THR A 855 -27.69 -13.59 19.23
N GLY A 856 -28.21 -12.58 18.55
CA GLY A 856 -28.95 -11.55 19.23
C GLY A 856 -30.44 -11.69 19.00
N HIS A 857 -30.82 -12.73 18.25
CA HIS A 857 -32.20 -12.88 17.82
C HIS A 857 -33.01 -13.98 18.52
N VAL A 858 -34.24 -14.10 18.07
CA VAL A 858 -35.13 -15.19 18.45
C VAL A 858 -35.79 -15.68 17.16
N SER A 859 -36.45 -16.84 17.23
CA SER A 859 -36.98 -17.49 16.04
C SER A 859 -38.23 -16.80 15.46
N GLY A 860 -39.32 -16.83 16.22
CA GLY A 860 -40.61 -16.40 15.72
C GLY A 860 -40.78 -14.89 15.54
N PRO A 861 -42.02 -14.47 15.24
CA PRO A 861 -42.36 -13.06 15.00
C PRO A 861 -41.88 -12.14 16.12
N ASP A 862 -41.46 -10.94 15.72
CA ASP A 862 -40.80 -10.02 16.62
C ASP A 862 -39.52 -10.67 17.13
N GLY A 863 -38.97 -11.53 16.28
CA GLY A 863 -37.75 -12.25 16.56
C GLY A 863 -36.61 -11.33 16.88
N GLN A 864 -36.32 -10.39 15.98
CA GLN A 864 -35.34 -9.36 16.29
C GLN A 864 -36.06 -8.02 16.37
N ASN A 865 -36.35 -7.63 17.61
CA ASN A 865 -36.92 -6.33 17.93
C ASN A 865 -36.50 -5.85 19.32
N PRO A 866 -35.36 -5.15 19.43
CA PRO A 866 -34.75 -4.93 20.75
C PRO A 866 -35.77 -4.54 21.84
N ASP A 867 -36.84 -3.84 21.49
CA ASP A 867 -37.88 -3.52 22.45
C ASP A 867 -38.82 -4.70 22.76
N LYS A 868 -39.29 -5.37 21.71
CA LYS A 868 -40.23 -6.47 21.90
C LYS A 868 -39.57 -7.65 22.61
N ILE A 869 -38.32 -7.92 22.28
CA ILE A 869 -37.59 -8.97 22.96
C ILE A 869 -37.48 -8.61 24.43
N PHE A 870 -37.09 -7.38 24.70
CA PHE A 870 -36.85 -6.90 26.06
C PHE A 870 -38.10 -7.03 26.94
N GLN A 871 -39.26 -6.77 26.35
CA GLN A 871 -40.53 -6.82 27.06
C GLN A 871 -40.88 -8.23 27.54
N ASN A 872 -40.73 -9.20 26.64
CA ASN A 872 -40.97 -10.59 26.98
C ASN A 872 -39.98 -11.10 28.02
N LEU A 873 -38.72 -10.66 27.92
CA LEU A 873 -37.72 -10.98 28.92
C LEU A 873 -38.21 -10.59 30.29
N CYS A 874 -38.85 -9.43 30.37
CA CYS A 874 -39.43 -8.96 31.61
C CYS A 874 -40.56 -9.87 32.11
N ASP A 875 -41.47 -10.21 31.21
CA ASP A 875 -42.60 -11.03 31.58
C ASP A 875 -42.17 -12.44 31.90
N ILE A 876 -41.20 -12.95 31.15
CA ILE A 876 -40.67 -14.28 31.40
C ILE A 876 -39.84 -14.35 32.67
N THR A 877 -39.16 -13.26 33.02
CA THR A 877 -38.33 -13.28 34.22
C THR A 877 -39.15 -13.15 35.50
N ARG A 878 -40.15 -12.26 35.51
CA ARG A 878 -40.93 -12.07 36.73
C ARG A 878 -41.83 -13.27 36.99
N VAL A 879 -42.09 -14.07 35.95
CA VAL A 879 -42.81 -15.32 36.11
C VAL A 879 -41.91 -16.43 36.66
N LEU A 880 -40.69 -16.49 36.14
CA LEU A 880 -39.73 -17.49 36.61
C LEU A 880 -39.27 -17.16 38.03
N LEU A 881 -39.23 -15.88 38.35
CA LEU A 881 -38.76 -15.44 39.67
C LEU A 881 -39.74 -15.80 40.78
N TRP A 882 -41.04 -15.80 40.47
CA TRP A 882 -42.05 -16.21 41.43
C TRP A 882 -42.01 -17.72 41.65
N ARG A 883 -42.00 -18.47 40.55
CA ARG A 883 -42.06 -19.93 40.62
C ARG A 883 -40.83 -20.50 41.32
N TYR A 884 -39.70 -19.82 41.18
CA TYR A 884 -38.51 -20.27 41.87
C TYR A 884 -38.65 -20.12 43.38
N THR A 885 -39.31 -19.04 43.79
CA THR A 885 -39.49 -18.73 45.20
C THR A 885 -40.81 -19.26 45.76
N SER A 886 -41.55 -19.98 44.93
CA SER A 886 -42.77 -20.66 45.37
C SER A 886 -42.48 -21.53 46.59
N SER A 902 -35.75 -30.77 37.88
CA SER A 902 -37.08 -30.31 38.23
C SER A 902 -37.32 -28.89 37.73
N ILE A 903 -38.55 -28.40 37.89
CA ILE A 903 -38.90 -27.07 37.40
C ILE A 903 -38.16 -25.94 38.11
N SER A 904 -38.12 -25.96 39.44
CA SER A 904 -37.48 -24.88 40.20
C SER A 904 -36.07 -24.62 39.71
N LEU A 905 -35.36 -25.71 39.41
CA LEU A 905 -33.99 -25.62 38.94
C LEU A 905 -33.96 -25.01 37.55
N LEU A 906 -34.88 -25.44 36.68
CA LEU A 906 -35.00 -24.87 35.35
C LEU A 906 -35.38 -23.40 35.41
N CYS A 907 -36.22 -23.04 36.39
CA CYS A 907 -36.63 -21.65 36.55
C CYS A 907 -35.44 -20.81 36.96
N LEU A 908 -34.56 -21.38 37.77
CA LEU A 908 -33.35 -20.67 38.21
C LEU A 908 -32.39 -20.52 37.04
N GLU A 909 -32.25 -21.58 36.25
CA GLU A 909 -31.36 -21.58 35.11
C GLU A 909 -31.77 -20.53 34.08
N GLY A 910 -33.07 -20.40 33.86
CA GLY A 910 -33.59 -19.39 32.97
C GLY A 910 -33.45 -18.01 33.58
N LEU A 911 -33.74 -17.92 34.88
CA LEU A 911 -33.61 -16.68 35.63
C LEU A 911 -32.21 -16.11 35.49
N GLN A 912 -31.22 -16.97 35.61
CA GLN A 912 -29.83 -16.54 35.56
C GLN A 912 -29.42 -16.15 34.15
N LYS A 913 -29.76 -16.98 33.17
CA LYS A 913 -29.44 -16.68 31.76
C LYS A 913 -30.02 -15.33 31.36
N THR A 914 -31.20 -15.03 31.88
CA THR A 914 -31.85 -13.77 31.56
C THR A 914 -31.06 -12.60 32.09
N PHE A 915 -30.79 -12.59 33.38
CA PHE A 915 -30.04 -11.50 34.00
C PHE A 915 -28.76 -11.16 33.25
N SER A 916 -28.00 -12.19 32.89
CA SER A 916 -26.73 -11.97 32.22
C SER A 916 -26.95 -11.45 30.80
N VAL A 917 -28.09 -11.78 30.20
CA VAL A 917 -28.40 -11.21 28.89
C VAL A 917 -28.72 -9.73 29.03
N VAL A 918 -29.70 -9.40 29.86
CA VAL A 918 -30.14 -8.01 30.00
C VAL A 918 -28.96 -7.09 30.26
N LEU A 919 -27.92 -7.63 30.90
CA LEU A 919 -26.76 -6.83 31.25
C LEU A 919 -25.82 -6.61 30.08
N GLN A 920 -25.60 -7.65 29.28
CA GLN A 920 -24.67 -7.52 28.15
C GLN A 920 -25.31 -7.19 26.81
N PHE A 921 -26.63 -6.95 26.80
CA PHE A 921 -27.34 -6.51 25.61
C PHE A 921 -28.17 -5.27 25.88
N TYR A 922 -29.09 -5.41 26.83
CA TYR A 922 -30.05 -4.37 27.16
C TYR A 922 -29.55 -3.41 28.25
N GLN A 923 -28.24 -3.47 28.50
CA GLN A 923 -27.60 -2.77 29.62
C GLN A 923 -28.13 -1.36 29.91
N PRO A 924 -28.33 -0.53 28.87
CA PRO A 924 -28.90 0.80 29.12
C PRO A 924 -30.29 0.76 29.75
N LYS A 925 -30.98 -0.36 29.58
CA LYS A 925 -32.32 -0.54 30.11
C LYS A 925 -32.35 -1.27 31.46
N VAL A 926 -31.17 -1.55 32.01
CA VAL A 926 -31.10 -2.28 33.28
C VAL A 926 -32.04 -1.69 34.32
N GLN A 927 -32.16 -0.37 34.36
CA GLN A 927 -33.08 0.29 35.29
C GLN A 927 -34.52 -0.21 35.12
N GLN A 928 -35.11 0.07 33.96
CA GLN A 928 -36.49 -0.31 33.69
C GLN A 928 -36.73 -1.80 33.86
N PHE A 929 -35.68 -2.59 33.66
CA PHE A 929 -35.77 -4.04 33.79
C PHE A 929 -35.95 -4.47 35.25
N LEU A 930 -35.16 -3.86 36.14
CA LEU A 930 -35.27 -4.17 37.55
C LEU A 930 -36.51 -3.49 38.14
N GLN A 931 -37.14 -2.64 37.33
CA GLN A 931 -38.44 -2.07 37.68
C GLN A 931 -39.55 -3.05 37.35
N ALA A 932 -39.43 -3.69 36.19
CA ALA A 932 -40.45 -4.61 35.71
C ALA A 932 -40.63 -5.79 36.67
N LEU A 933 -39.54 -6.15 37.36
CA LEU A 933 -39.58 -7.27 38.29
C LEU A 933 -40.22 -6.87 39.62
N ASP A 934 -40.18 -5.58 39.92
CA ASP A 934 -40.78 -5.05 41.13
C ASP A 934 -42.26 -4.77 40.93
N VAL A 935 -42.86 -4.07 41.88
CA VAL A 935 -44.25 -3.68 41.76
C VAL A 935 -44.38 -2.15 41.72
N MET A 936 -44.77 -1.61 40.57
CA MET A 936 -45.16 -0.20 40.44
C MET A 936 -44.10 0.77 40.95
N GLY A 937 -44.48 1.57 41.94
CA GLY A 937 -43.54 2.51 42.52
C GLY A 937 -43.75 4.00 42.24
N THR A 938 -44.80 4.35 41.52
CA THR A 938 -45.18 5.76 41.35
C THR A 938 -44.09 6.69 40.78
N GLU A 939 -43.93 7.87 41.37
CA GLU A 939 -43.15 8.96 40.75
C GLU A 939 -41.92 9.48 41.50
N GLU A 940 -42.11 10.08 42.67
CA GLU A 940 -41.00 10.70 43.40
C GLU A 940 -39.90 9.69 43.72
N GLU A 941 -40.22 8.42 43.51
CA GLU A 941 -39.30 7.33 43.79
C GLU A 941 -38.24 7.19 42.70
N GLU A 942 -38.60 7.57 41.47
CA GLU A 942 -37.64 7.57 40.38
C GLU A 942 -36.43 8.40 40.78
N ALA A 943 -36.67 9.44 41.58
CA ALA A 943 -35.58 10.26 42.09
C ALA A 943 -34.94 9.58 43.29
N GLY A 944 -35.65 8.64 43.88
CA GLY A 944 -35.21 7.94 45.08
C GLY A 944 -34.65 6.54 44.88
N VAL A 945 -34.86 5.97 43.70
CA VAL A 945 -34.41 4.61 43.45
C VAL A 945 -33.27 4.48 42.44
N THR A 946 -32.11 4.04 42.92
CA THR A 946 -30.92 3.88 42.08
C THR A 946 -30.90 2.51 41.41
N VAL A 947 -29.88 2.26 40.60
CA VAL A 947 -29.65 0.92 40.06
C VAL A 947 -28.99 0.09 41.13
N THR A 948 -28.34 0.76 42.08
CA THR A 948 -27.75 0.08 43.22
C THR A 948 -28.84 -0.25 44.24
N GLN A 949 -29.84 0.62 44.34
CA GLN A 949 -31.02 0.32 45.15
C GLN A 949 -31.72 -0.92 44.60
N ARG A 950 -32.06 -0.89 43.32
CA ARG A 950 -32.77 -2.00 42.70
C ARG A 950 -31.95 -3.27 42.80
N ALA A 951 -30.69 -3.19 42.39
CA ALA A 951 -29.83 -4.36 42.37
C ALA A 951 -29.74 -5.05 43.73
N SER A 952 -29.35 -4.31 44.77
CA SER A 952 -29.23 -4.89 46.10
C SER A 952 -30.48 -5.65 46.51
N PHE A 953 -31.63 -5.05 46.26
CA PHE A 953 -32.90 -5.65 46.64
C PHE A 953 -33.13 -7.01 45.98
N GLN A 954 -32.66 -7.14 44.74
CA GLN A 954 -32.75 -8.41 44.03
C GLN A 954 -31.72 -9.39 44.58
N ILE A 955 -30.55 -8.88 44.92
CA ILE A 955 -29.49 -9.69 45.49
C ILE A 955 -29.90 -10.28 46.83
N ARG A 956 -30.55 -9.48 47.66
CA ARG A 956 -30.92 -9.91 49.00
C ARG A 956 -31.81 -11.14 48.96
N GLN A 957 -32.55 -11.28 47.88
CA GLN A 957 -33.51 -12.36 47.74
C GLN A 957 -32.86 -13.68 47.34
N PHE A 958 -31.84 -13.61 46.48
CA PHE A 958 -31.10 -14.78 46.03
C PHE A 958 -30.08 -15.24 47.06
N GLN A 959 -29.42 -14.27 47.70
CA GLN A 959 -28.46 -14.59 48.73
C GLN A 959 -29.19 -15.17 49.93
N ARG A 960 -30.49 -14.89 50.02
CA ARG A 960 -31.32 -15.45 51.07
C ARG A 960 -31.59 -16.91 50.80
N SER A 961 -32.00 -17.24 49.58
CA SER A 961 -32.35 -18.61 49.25
C SER A 961 -31.13 -19.54 49.20
N LEU A 962 -29.93 -18.99 49.04
CA LEU A 962 -28.71 -19.78 49.17
C LEU A 962 -28.41 -20.05 50.64
N LEU A 963 -28.47 -18.99 51.44
CA LEU A 963 -28.31 -19.10 52.88
C LEU A 963 -29.21 -20.20 53.40
N ASN A 964 -30.46 -20.20 52.94
CA ASN A 964 -31.44 -21.19 53.33
C ASN A 964 -31.14 -22.55 52.70
N LEU A 965 -30.40 -22.55 51.60
CA LEU A 965 -29.98 -23.79 50.96
C LEU A 965 -28.88 -24.44 51.79
N LEU A 966 -28.00 -23.61 52.34
CA LEU A 966 -26.88 -24.11 53.13
C LEU A 966 -27.30 -24.47 54.54
N SER A 967 -28.15 -23.66 55.15
CA SER A 967 -28.53 -23.84 56.55
C SER A 967 -29.33 -25.12 56.79
N SER A 968 -30.09 -25.54 55.78
CA SER A 968 -30.94 -26.73 55.91
C SER A 968 -30.10 -27.99 56.03
N GLU A 969 -30.63 -28.97 56.77
CA GLU A 969 -29.90 -30.18 57.12
C GLU A 969 -30.08 -31.32 56.12
N GLU A 970 -30.80 -31.05 55.03
CA GLU A 970 -31.10 -32.07 54.02
C GLU A 970 -29.82 -32.82 53.64
N ASP A 971 -29.90 -34.15 53.67
CA ASP A 971 -28.73 -35.01 53.50
C ASP A 971 -27.88 -34.58 52.30
N ASP A 972 -28.56 -34.27 51.19
CA ASP A 972 -27.86 -33.84 50.00
C ASP A 972 -28.26 -32.40 49.63
N PHE A 973 -27.26 -31.54 49.56
CA PHE A 973 -27.46 -30.16 49.15
C PHE A 973 -27.13 -30.03 47.67
N ASN A 974 -28.01 -29.38 46.91
CA ASN A 974 -27.89 -29.42 45.47
C ASN A 974 -26.74 -28.56 44.97
N SER A 975 -25.79 -29.18 44.30
CA SER A 975 -24.60 -28.47 43.84
C SER A 975 -24.92 -27.59 42.64
N LYS A 976 -25.76 -28.11 41.75
CA LYS A 976 -26.15 -27.36 40.57
C LYS A 976 -26.89 -26.09 40.95
N GLU A 977 -27.78 -26.19 41.92
CA GLU A 977 -28.52 -25.01 42.37
C GLU A 977 -27.61 -23.98 43.02
N ALA A 978 -26.76 -24.44 43.93
CA ALA A 978 -25.85 -23.53 44.64
C ALA A 978 -24.87 -22.86 43.69
N LEU A 979 -24.47 -23.57 42.64
CA LEU A 979 -23.54 -22.98 41.68
C LEU A 979 -24.15 -21.83 40.91
N LEU A 980 -25.32 -22.06 40.29
CA LEU A 980 -25.92 -21.01 39.47
C LEU A 980 -26.72 -20.00 40.31
N LEU A 981 -26.99 -20.34 41.56
CA LEU A 981 -27.50 -19.36 42.49
C LEU A 981 -26.41 -18.32 42.75
N ILE A 982 -25.17 -18.78 42.75
CA ILE A 982 -24.03 -17.91 42.98
C ILE A 982 -23.70 -17.14 41.70
N ALA A 983 -24.01 -17.74 40.56
CA ALA A 983 -23.78 -17.10 39.27
C ALA A 983 -24.71 -15.91 39.09
N VAL A 984 -25.91 -16.01 39.67
CA VAL A 984 -26.83 -14.88 39.67
C VAL A 984 -26.29 -13.77 40.55
N LEU A 985 -25.86 -14.16 41.75
CA LEU A 985 -25.37 -13.19 42.74
C LEU A 985 -24.18 -12.40 42.21
N SER A 986 -23.33 -13.04 41.41
CA SER A 986 -22.21 -12.31 40.85
C SER A 986 -22.70 -11.36 39.75
N THR A 987 -23.56 -11.86 38.87
CA THR A 987 -24.09 -11.01 37.80
C THR A 987 -24.77 -9.78 38.37
N LEU A 988 -25.48 -9.94 39.48
CA LEU A 988 -26.21 -8.82 40.08
C LEU A 988 -25.30 -7.87 40.84
N SER A 989 -24.19 -8.36 41.37
CA SER A 989 -23.32 -7.53 42.19
C SER A 989 -22.39 -6.67 41.33
N ARG A 990 -22.46 -6.85 40.01
CA ARG A 990 -21.74 -6.00 39.08
C ARG A 990 -22.45 -4.66 38.93
N LEU A 991 -23.71 -4.64 39.35
CA LEU A 991 -24.55 -3.45 39.28
C LEU A 991 -24.42 -2.56 40.53
N LEU A 992 -23.82 -3.11 41.59
CA LEU A 992 -23.65 -2.36 42.83
C LEU A 992 -22.54 -1.33 42.67
N GLU A 993 -22.80 -0.09 43.10
CA GLU A 993 -21.77 0.93 43.10
C GLU A 993 -20.70 0.55 44.13
N PRO A 994 -19.46 0.36 43.68
CA PRO A 994 -18.39 -0.14 44.55
C PRO A 994 -18.22 0.65 45.84
N THR A 995 -18.64 1.91 45.84
CA THR A 995 -18.57 2.76 47.02
C THR A 995 -19.79 2.62 47.93
N SER A 996 -20.86 2.05 47.40
CA SER A 996 -22.16 2.15 48.07
C SER A 996 -22.29 1.34 49.36
N PRO A 997 -23.15 1.82 50.28
CA PRO A 997 -23.47 1.10 51.51
C PRO A 997 -24.10 -0.23 51.16
N GLN A 998 -24.63 -0.32 49.94
CA GLN A 998 -25.19 -1.58 49.47
C GLN A 998 -24.07 -2.56 49.17
N PHE A 999 -23.08 -2.11 48.42
CA PHE A 999 -21.94 -2.96 48.07
C PHE A 999 -21.31 -3.56 49.32
N VAL A 1000 -21.21 -2.77 50.37
CA VAL A 1000 -20.60 -3.24 51.60
C VAL A 1000 -21.37 -4.45 52.14
N GLN A 1001 -22.70 -4.35 52.13
CA GLN A 1001 -23.55 -5.42 52.62
C GLN A 1001 -23.26 -6.73 51.89
N MET A 1002 -23.25 -6.66 50.56
CA MET A 1002 -23.01 -7.83 49.74
C MET A 1002 -21.71 -8.49 50.15
N LEU A 1003 -20.67 -7.69 50.31
CA LEU A 1003 -19.35 -8.21 50.63
C LEU A 1003 -19.34 -8.82 52.02
N SER A 1004 -19.77 -8.06 53.01
CA SER A 1004 -19.75 -8.53 54.38
C SER A 1004 -20.58 -9.81 54.56
N TRP A 1005 -21.65 -9.96 53.78
CA TRP A 1005 -22.47 -11.18 53.81
C TRP A 1005 -21.73 -12.36 53.17
N THR A 1006 -21.01 -12.10 52.08
CA THR A 1006 -20.25 -13.15 51.42
C THR A 1006 -19.09 -13.59 52.32
N SER A 1007 -18.71 -12.73 53.25
CA SER A 1007 -17.70 -13.07 54.25
C SER A 1007 -18.33 -14.03 55.25
N LYS A 1008 -19.52 -13.65 55.72
CA LYS A 1008 -20.29 -14.46 56.65
C LYS A 1008 -20.54 -15.86 56.12
N ILE A 1009 -20.85 -15.96 54.82
CA ILE A 1009 -21.08 -17.26 54.22
C ILE A 1009 -19.80 -18.10 54.09
N CYS A 1010 -18.69 -17.43 53.81
CA CYS A 1010 -17.40 -18.11 53.76
C CYS A 1010 -16.94 -18.43 55.17
N LYS A 1011 -17.45 -17.66 56.12
CA LYS A 1011 -17.03 -17.79 57.50
C LYS A 1011 -17.70 -18.95 58.21
N GLU A 1012 -19.01 -19.09 57.99
CA GLU A 1012 -19.81 -20.05 58.76
C GLU A 1012 -20.20 -21.41 58.10
N TYR A 1013 -19.83 -21.66 56.85
CA TYR A 1013 -20.26 -22.89 56.17
C TYR A 1013 -19.14 -23.61 55.42
N SER A 1014 -19.23 -24.93 55.27
CA SER A 1014 -18.11 -25.69 54.70
C SER A 1014 -18.36 -26.35 53.32
N GLN A 1015 -19.09 -27.46 53.30
CA GLN A 1015 -19.46 -28.12 52.04
C GLN A 1015 -18.32 -28.56 51.12
N GLU A 1016 -17.76 -29.73 51.42
CA GLU A 1016 -16.58 -30.26 50.75
C GLU A 1016 -16.67 -30.27 49.22
N ASP A 1017 -17.85 -29.98 48.66
CA ASP A 1017 -17.99 -29.94 47.21
C ASP A 1017 -17.09 -28.84 46.62
N ALA A 1018 -16.19 -29.24 45.72
CA ALA A 1018 -15.14 -28.33 45.27
C ALA A 1018 -15.65 -27.24 44.34
N SER A 1019 -16.35 -27.61 43.29
CA SER A 1019 -16.81 -26.65 42.29
C SER A 1019 -17.54 -25.45 42.90
N PHE A 1020 -18.28 -25.70 43.99
CA PHE A 1020 -18.98 -24.62 44.68
C PHE A 1020 -18.05 -23.69 45.47
N CYS A 1021 -17.27 -24.28 46.36
CA CYS A 1021 -16.40 -23.49 47.23
C CYS A 1021 -15.50 -22.59 46.39
N LYS A 1022 -15.11 -23.07 45.22
CA LYS A 1022 -14.32 -22.27 44.29
C LYS A 1022 -15.10 -21.04 43.86
N SER A 1023 -16.37 -21.24 43.48
CA SER A 1023 -17.22 -20.16 42.99
C SER A 1023 -17.51 -19.17 44.09
N LEU A 1024 -17.73 -19.71 45.28
CA LEU A 1024 -17.97 -18.88 46.45
C LEU A 1024 -16.76 -18.00 46.67
N MET A 1025 -15.58 -18.62 46.70
CA MET A 1025 -14.33 -17.91 46.90
C MET A 1025 -14.14 -16.80 45.87
N ASN A 1026 -14.48 -17.08 44.61
CA ASN A 1026 -14.35 -16.09 43.55
C ASN A 1026 -15.26 -14.88 43.77
N LEU A 1027 -16.51 -15.16 44.11
CA LEU A 1027 -17.45 -14.10 44.50
C LEU A 1027 -16.78 -13.21 45.53
N PHE A 1028 -16.45 -13.82 46.67
CA PHE A 1028 -15.82 -13.13 47.79
C PHE A 1028 -14.64 -12.30 47.34
N PHE A 1029 -13.73 -12.91 46.59
CA PHE A 1029 -12.55 -12.20 46.14
C PHE A 1029 -12.89 -11.07 45.17
N SER A 1030 -13.79 -11.34 44.23
CA SER A 1030 -14.21 -10.33 43.25
C SER A 1030 -14.70 -9.04 43.91
N LEU A 1031 -15.46 -9.19 44.98
CA LEU A 1031 -15.93 -8.03 45.74
C LEU A 1031 -14.80 -7.42 46.57
N HIS A 1032 -14.12 -8.28 47.32
CA HIS A 1032 -13.08 -7.81 48.22
C HIS A 1032 -12.10 -6.94 47.46
N VAL A 1033 -11.72 -7.40 46.27
CA VAL A 1033 -10.72 -6.69 45.46
C VAL A 1033 -11.09 -5.25 45.17
N LEU A 1034 -12.38 -4.95 45.12
CA LEU A 1034 -12.83 -3.60 44.84
C LEU A 1034 -13.03 -2.79 46.12
N TYR A 1035 -12.64 -3.36 47.26
CA TYR A 1035 -12.77 -2.68 48.54
C TYR A 1035 -11.41 -2.32 49.14
N LYS A 1036 -10.71 -3.33 49.63
CA LYS A 1036 -9.34 -3.22 50.11
C LYS A 1036 -8.58 -4.40 49.52
N SER A 1037 -7.26 -4.31 49.44
CA SER A 1037 -6.48 -5.39 48.84
C SER A 1037 -6.53 -6.68 49.65
N PRO A 1038 -6.77 -7.80 48.97
CA PRO A 1038 -6.95 -9.17 49.48
C PRO A 1038 -5.77 -9.71 50.29
N VAL A 1039 -4.62 -9.05 50.25
CA VAL A 1039 -3.41 -9.57 50.90
C VAL A 1039 -3.69 -10.08 52.31
N THR A 1040 -4.55 -9.39 53.03
CA THR A 1040 -4.90 -9.81 54.38
C THR A 1040 -5.66 -11.12 54.37
N LEU A 1041 -6.64 -11.21 53.48
CA LEU A 1041 -7.47 -12.41 53.32
C LEU A 1041 -6.60 -13.61 52.92
N LEU A 1042 -5.74 -13.41 51.94
CA LEU A 1042 -4.85 -14.45 51.48
C LEU A 1042 -4.01 -14.99 52.63
N ARG A 1043 -3.43 -14.08 53.40
CA ARG A 1043 -2.66 -14.47 54.56
C ARG A 1043 -3.52 -15.32 55.49
N ASP A 1044 -4.77 -14.91 55.67
CA ASP A 1044 -5.71 -15.63 56.52
C ASP A 1044 -5.98 -17.04 55.99
N LEU A 1045 -6.36 -17.12 54.72
CA LEU A 1045 -6.63 -18.42 54.10
C LEU A 1045 -5.39 -19.29 54.07
N SER A 1046 -4.24 -18.68 53.83
CA SER A 1046 -2.98 -19.43 53.77
C SER A 1046 -2.67 -20.08 55.12
N GLN A 1047 -3.25 -19.55 56.19
CA GLN A 1047 -3.09 -20.16 57.50
C GLN A 1047 -4.08 -21.30 57.76
N ASP A 1048 -5.19 -21.30 57.02
CA ASP A 1048 -6.13 -22.42 57.09
C ASP A 1048 -5.63 -23.58 56.25
N ILE A 1049 -5.16 -23.26 55.05
CA ILE A 1049 -4.56 -24.27 54.18
C ILE A 1049 -3.39 -24.91 54.90
N HIS A 1050 -2.59 -24.08 55.56
CA HIS A 1050 -1.41 -24.54 56.29
C HIS A 1050 -1.81 -25.37 57.50
N GLY A 1051 -2.87 -24.95 58.20
CA GLY A 1051 -3.30 -25.61 59.41
C GLY A 1051 -4.02 -26.93 59.18
N GLN A 1052 -4.84 -26.98 58.14
CA GLN A 1052 -5.68 -28.14 57.87
C GLN A 1052 -4.90 -29.32 57.27
N LEU A 1053 -4.05 -29.03 56.30
CA LEU A 1053 -3.29 -30.07 55.62
C LEU A 1053 -2.08 -30.52 56.45
N GLY A 1054 -1.73 -29.75 57.47
CA GLY A 1054 -0.59 -30.08 58.32
C GLY A 1054 0.69 -29.39 57.90
N ASP A 1055 1.82 -30.00 58.27
CA ASP A 1055 3.13 -29.40 58.04
C ASP A 1055 4.05 -30.43 57.38
N ILE A 1056 5.23 -29.98 56.96
CA ILE A 1056 6.20 -30.86 56.34
C ILE A 1056 6.96 -31.74 57.35
N ASP A 1057 7.22 -31.19 58.53
CA ASP A 1057 8.10 -31.83 59.53
C ASP A 1057 7.63 -33.20 60.00
N GLN A 1058 6.40 -33.54 59.62
CA GLN A 1058 5.69 -34.75 60.05
C GLN A 1058 5.21 -34.62 61.49
N ASP A 1059 5.86 -33.74 62.24
CA ASP A 1059 5.33 -33.32 63.54
C ASP A 1059 5.52 -31.84 63.79
N VAL A 1060 4.42 -31.10 63.78
CA VAL A 1060 4.33 -29.77 64.35
C VAL A 1060 2.86 -29.55 64.68
N GLU A 1061 2.55 -28.81 65.73
CA GLU A 1061 1.15 -28.59 66.09
C GLU A 1061 0.63 -27.29 65.49
N ILE A 1062 -0.46 -27.37 64.74
CA ILE A 1062 -1.04 -26.19 64.12
C ILE A 1062 -2.55 -26.30 63.95
N GLU A 1063 -3.22 -25.18 64.13
CA GLU A 1063 -4.44 -24.86 63.38
C GLU A 1063 -5.01 -23.54 63.83
N LYS A 1064 -5.71 -22.88 62.91
CA LYS A 1064 -6.64 -21.82 63.25
C LYS A 1064 -7.83 -22.00 62.36
N THR A 1065 -8.96 -22.38 62.96
CA THR A 1065 -10.18 -22.57 62.22
C THR A 1065 -10.91 -21.25 62.02
N ASP A 1066 -10.90 -20.42 63.05
CA ASP A 1066 -11.78 -19.26 63.13
C ASP A 1066 -11.64 -18.27 61.98
N HIS A 1067 -10.57 -18.41 61.20
CA HIS A 1067 -10.40 -17.58 60.02
C HIS A 1067 -11.60 -17.72 59.07
N PHE A 1068 -11.75 -18.89 58.47
CA PHE A 1068 -12.90 -19.15 57.60
C PHE A 1068 -13.33 -20.62 57.62
N ALA A 1069 -14.65 -20.85 57.55
CA ALA A 1069 -15.22 -22.20 57.65
C ALA A 1069 -15.04 -23.00 56.36
N VAL A 1070 -14.90 -22.30 55.24
CA VAL A 1070 -14.46 -22.90 54.00
C VAL A 1070 -13.01 -23.24 54.26
N VAL A 1071 -12.40 -24.06 53.40
CA VAL A 1071 -11.16 -24.74 53.76
C VAL A 1071 -11.38 -25.86 54.78
N ASN A 1072 -12.01 -26.95 54.32
CA ASN A 1072 -11.99 -28.22 55.03
C ASN A 1072 -10.77 -28.99 54.57
N LEU A 1073 -10.68 -30.27 54.91
CA LEU A 1073 -9.66 -31.14 54.32
C LEU A 1073 -9.80 -31.19 52.81
N ARG A 1074 -11.01 -31.51 52.36
CA ARG A 1074 -11.28 -31.75 50.95
C ARG A 1074 -11.29 -30.43 50.17
N THR A 1075 -11.59 -29.35 50.88
CA THR A 1075 -11.71 -28.04 50.27
C THR A 1075 -10.35 -27.46 49.92
N ALA A 1076 -9.58 -27.16 50.95
CA ALA A 1076 -8.31 -26.45 50.82
C ALA A 1076 -7.24 -27.11 49.97
N ALA A 1077 -7.15 -28.44 50.00
CA ALA A 1077 -5.96 -29.09 49.46
C ALA A 1077 -5.69 -28.79 47.98
N PRO A 1078 -6.54 -29.29 47.05
CA PRO A 1078 -6.39 -28.84 45.66
C PRO A 1078 -6.98 -27.47 45.36
N THR A 1079 -8.14 -27.18 45.95
CA THR A 1079 -9.02 -26.14 45.41
C THR A 1079 -8.71 -24.72 45.92
N VAL A 1080 -8.89 -24.50 47.22
CA VAL A 1080 -8.59 -23.19 47.79
C VAL A 1080 -7.11 -22.89 47.60
N CYS A 1081 -6.32 -23.94 47.47
CA CYS A 1081 -4.88 -23.76 47.31
C CYS A 1081 -4.56 -23.05 46.01
N LEU A 1082 -5.01 -23.60 44.89
CA LEU A 1082 -4.75 -23.00 43.58
C LEU A 1082 -5.43 -21.65 43.44
N LEU A 1083 -6.66 -21.57 43.94
CA LEU A 1083 -7.46 -20.34 43.88
C LEU A 1083 -6.78 -19.20 44.63
N VAL A 1084 -6.18 -19.54 45.78
CA VAL A 1084 -5.44 -18.59 46.59
C VAL A 1084 -4.13 -18.17 45.92
N LEU A 1085 -3.45 -19.12 45.29
CA LEU A 1085 -2.22 -18.82 44.55
C LEU A 1085 -2.53 -17.89 43.39
N SER A 1086 -3.54 -18.25 42.60
CA SER A 1086 -3.94 -17.43 41.47
C SER A 1086 -4.18 -15.99 41.92
N GLN A 1087 -4.85 -15.85 43.06
CA GLN A 1087 -5.17 -14.54 43.61
C GLN A 1087 -3.90 -13.80 44.01
N ALA A 1088 -2.95 -14.54 44.56
CA ALA A 1088 -1.68 -13.97 45.01
C ALA A 1088 -0.88 -13.45 43.82
N GLU A 1089 -1.04 -14.10 42.68
CA GLU A 1089 -0.32 -13.70 41.48
C GLU A 1089 -0.87 -12.40 40.91
N LYS A 1090 -2.13 -12.12 41.21
CA LYS A 1090 -2.76 -10.90 40.75
C LYS A 1090 -2.27 -9.71 41.56
N VAL A 1091 -2.04 -9.94 42.85
CA VAL A 1091 -1.54 -8.90 43.76
C VAL A 1091 -0.13 -8.49 43.37
N LEU A 1092 0.64 -9.45 42.86
CA LEU A 1092 2.02 -9.20 42.46
C LEU A 1092 2.10 -8.48 41.13
N GLU A 1093 1.19 -8.81 40.20
CA GLU A 1093 1.15 -8.12 38.93
C GLU A 1093 0.88 -6.63 39.16
N GLU A 1094 0.21 -6.32 40.27
CA GLU A 1094 -0.08 -4.94 40.63
C GLU A 1094 1.17 -4.26 41.14
N VAL A 1095 1.82 -4.92 42.09
CA VAL A 1095 3.06 -4.39 42.66
C VAL A 1095 4.11 -4.25 41.57
N ASP A 1096 4.17 -5.23 40.68
CA ASP A 1096 5.05 -5.15 39.51
C ASP A 1096 4.73 -3.87 38.74
N TRP A 1097 3.45 -3.71 38.40
CA TRP A 1097 2.97 -2.53 37.70
C TRP A 1097 3.42 -1.23 38.37
N LEU A 1098 3.24 -1.15 39.68
CA LEU A 1098 3.63 0.04 40.44
C LEU A 1098 5.13 0.30 40.36
N ILE A 1099 5.93 -0.67 40.79
CA ILE A 1099 7.38 -0.54 40.71
C ILE A 1099 7.78 -0.09 39.32
N ALA A 1100 7.10 -0.62 38.31
CA ALA A 1100 7.37 -0.24 36.93
C ALA A 1100 7.08 1.25 36.72
N LYS A 1101 5.99 1.71 37.29
CA LYS A 1101 5.56 3.09 37.15
C LYS A 1101 6.54 4.07 37.77
N ILE A 1102 6.98 3.79 38.99
CA ILE A 1102 7.88 4.71 39.70
C ILE A 1102 9.18 4.92 38.95
N LYS A 1103 9.85 3.82 38.59
CA LYS A 1103 11.13 3.89 37.86
C LYS A 1103 11.00 4.71 36.59
N GLY A 1104 9.81 4.66 35.99
CA GLY A 1104 9.53 5.40 34.78
C GLY A 1104 9.61 6.92 34.94
N SER A 1105 9.82 7.36 36.18
CA SER A 1105 9.97 8.78 36.48
C SER A 1105 11.41 9.06 36.91
N ALA A 1106 12.16 9.69 36.03
CA ALA A 1106 13.58 9.99 36.22
C ALA A 1106 14.14 9.37 37.49
N PRO A 1127 4.51 12.50 46.92
CA PRO A 1127 3.46 11.65 46.33
C PRO A 1127 3.99 10.30 45.85
N THR A 1128 5.23 10.28 45.36
CA THR A 1128 5.86 9.06 44.88
C THR A 1128 6.41 8.21 46.01
N LEU A 1129 6.91 8.86 47.05
CA LEU A 1129 7.46 8.15 48.18
C LEU A 1129 6.36 7.36 48.88
N LEU A 1130 5.13 7.84 48.78
CA LEU A 1130 4.00 7.22 49.44
C LEU A 1130 3.64 5.88 48.81
N ILE A 1131 3.79 5.80 47.49
CA ILE A 1131 3.54 4.56 46.76
C ILE A 1131 4.57 3.52 47.13
N GLU A 1132 5.73 3.97 47.56
CA GLU A 1132 6.82 3.07 47.92
C GLU A 1132 6.52 2.32 49.21
N LYS A 1133 6.02 3.03 50.22
CA LYS A 1133 5.67 2.40 51.48
C LYS A 1133 4.55 1.38 51.29
N ALA A 1134 3.69 1.63 50.31
CA ALA A 1134 2.57 0.73 50.03
C ALA A 1134 3.07 -0.56 49.39
N ILE A 1135 3.95 -0.42 48.41
CA ILE A 1135 4.56 -1.55 47.75
C ILE A 1135 5.14 -2.52 48.79
N VAL A 1136 5.63 -1.97 49.88
CA VAL A 1136 6.30 -2.76 50.91
C VAL A 1136 5.32 -3.61 51.73
N MET A 1137 4.45 -2.94 52.47
CA MET A 1137 3.45 -3.63 53.29
C MET A 1137 2.77 -4.72 52.46
N GLN A 1138 2.40 -4.38 51.24
CA GLN A 1138 1.84 -5.37 50.33
C GLN A 1138 2.74 -6.59 50.30
N LEU A 1139 3.94 -6.43 49.77
CA LEU A 1139 4.88 -7.54 49.66
C LEU A 1139 5.08 -8.24 50.99
N GLY A 1140 5.36 -7.45 52.02
CA GLY A 1140 5.62 -8.00 53.34
C GLY A 1140 4.51 -8.91 53.81
N THR A 1141 3.27 -8.49 53.61
CA THR A 1141 2.11 -9.27 54.03
C THR A 1141 2.01 -10.61 53.33
N LEU A 1142 2.17 -10.61 52.01
CA LEU A 1142 2.05 -11.86 51.28
C LEU A 1142 3.38 -12.62 51.28
N VAL A 1143 4.36 -12.06 51.97
CA VAL A 1143 5.57 -12.81 52.30
C VAL A 1143 5.23 -13.78 53.42
N THR A 1144 4.45 -13.29 54.39
CA THR A 1144 3.93 -14.15 55.44
C THR A 1144 2.98 -15.17 54.83
N PHE A 1145 2.25 -14.75 53.80
CA PHE A 1145 1.32 -15.62 53.10
C PHE A 1145 2.04 -16.82 52.48
N PHE A 1146 3.15 -16.56 51.81
CA PHE A 1146 3.94 -17.62 51.20
C PHE A 1146 4.65 -18.48 52.23
N HIS A 1147 5.14 -17.84 53.29
CA HIS A 1147 5.79 -18.58 54.36
C HIS A 1147 4.88 -19.70 54.89
N GLU A 1148 3.57 -19.51 54.71
CA GLU A 1148 2.58 -20.47 55.22
C GLU A 1148 2.40 -21.70 54.35
N LEU A 1149 2.37 -21.52 53.03
CA LEU A 1149 2.18 -22.64 52.11
C LEU A 1149 3.46 -23.45 51.95
N VAL A 1150 4.60 -22.78 52.13
CA VAL A 1150 5.89 -23.44 51.95
C VAL A 1150 6.18 -24.36 53.13
N GLN A 1151 5.40 -24.21 54.20
CA GLN A 1151 5.46 -25.12 55.34
C GLN A 1151 4.35 -26.18 55.31
N THR A 1152 3.49 -26.11 54.29
CA THR A 1152 2.33 -26.99 54.20
C THR A 1152 2.67 -28.22 53.38
N ALA A 1153 2.10 -29.36 53.74
CA ALA A 1153 2.29 -30.53 52.89
C ALA A 1153 1.13 -30.51 51.91
N LEU A 1154 1.45 -30.15 50.68
CA LEU A 1154 0.46 -29.97 49.63
C LEU A 1154 0.29 -31.22 48.80
N PRO A 1155 -0.93 -31.46 48.30
CA PRO A 1155 -1.09 -32.49 47.28
C PRO A 1155 -0.04 -32.23 46.21
N SER A 1156 0.67 -33.26 45.79
CA SER A 1156 1.88 -33.05 44.99
C SER A 1156 1.63 -32.69 43.52
N GLY A 1157 0.45 -32.96 42.98
CA GLY A 1157 0.31 -32.86 41.54
C GLY A 1157 0.38 -31.48 40.91
N SER A 1158 -0.59 -30.61 41.14
CA SER A 1158 -0.48 -29.23 40.63
C SER A 1158 -0.22 -28.17 41.69
N CYS A 1159 -0.35 -28.54 42.96
CA CYS A 1159 -0.30 -27.54 44.02
C CYS A 1159 1.13 -27.25 44.43
N VAL A 1160 2.01 -28.22 44.14
CA VAL A 1160 3.42 -28.07 44.37
C VAL A 1160 4.02 -27.13 43.34
N ASP A 1161 3.63 -27.33 42.09
CA ASP A 1161 4.21 -26.57 41.00
C ASP A 1161 3.63 -25.17 40.89
N THR A 1162 2.38 -24.98 41.30
CA THR A 1162 1.79 -23.65 41.24
C THR A 1162 2.28 -22.80 42.39
N LEU A 1163 2.75 -23.45 43.45
CA LEU A 1163 3.33 -22.75 44.58
C LEU A 1163 4.72 -22.30 44.16
N LEU A 1164 5.42 -23.20 43.48
CA LEU A 1164 6.75 -22.90 42.99
C LEU A 1164 6.68 -21.78 41.97
N LYS A 1165 5.63 -21.74 41.15
CA LYS A 1165 5.48 -20.62 40.22
C LYS A 1165 5.34 -19.32 40.96
N GLY A 1166 4.39 -19.26 41.89
CA GLY A 1166 4.18 -18.07 42.68
C GLY A 1166 5.42 -17.68 43.47
N LEU A 1167 6.12 -18.68 43.98
CA LEU A 1167 7.30 -18.43 44.82
C LEU A 1167 8.42 -17.72 44.06
N SER A 1168 8.56 -18.01 42.77
CA SER A 1168 9.60 -17.35 41.99
C SER A 1168 9.12 -16.01 41.45
N LYS A 1169 7.80 -15.78 41.49
CA LYS A 1169 7.25 -14.52 41.03
C LYS A 1169 7.42 -13.42 42.07
N ILE A 1170 7.36 -13.80 43.34
CA ILE A 1170 7.57 -12.85 44.43
C ILE A 1170 9.02 -12.42 44.47
N TYR A 1171 9.93 -13.33 44.13
CA TYR A 1171 11.36 -13.01 44.13
C TYR A 1171 11.72 -12.11 42.95
N SER A 1172 11.01 -12.26 41.85
CA SER A 1172 11.20 -11.36 40.73
C SER A 1172 10.80 -9.96 41.15
N THR A 1173 9.59 -9.85 41.70
CA THR A 1173 9.07 -8.57 42.16
C THR A 1173 10.02 -7.94 43.18
N LEU A 1174 10.45 -8.74 44.16
CA LEU A 1174 11.42 -8.28 45.15
C LEU A 1174 12.70 -7.83 44.47
N THR A 1175 13.18 -8.64 43.54
CA THR A 1175 14.39 -8.34 42.79
C THR A 1175 14.32 -6.98 42.12
N ALA A 1176 13.23 -6.72 41.40
CA ALA A 1176 13.07 -5.45 40.69
C ALA A 1176 12.91 -4.27 41.65
N PHE A 1177 12.31 -4.52 42.81
CA PHE A 1177 12.13 -3.49 43.82
C PHE A 1177 13.48 -3.11 44.39
N VAL A 1178 14.35 -4.10 44.52
CA VAL A 1178 15.74 -3.88 44.87
C VAL A 1178 16.44 -3.20 43.71
N LYS A 1179 16.20 -3.68 42.50
CA LYS A 1179 16.77 -3.05 41.31
C LYS A 1179 16.24 -1.64 41.12
N TYR A 1180 15.09 -1.36 41.74
CA TYR A 1180 14.53 -0.01 41.72
C TYR A 1180 15.40 0.93 42.55
N TYR A 1181 15.74 0.51 43.77
CA TYR A 1181 16.54 1.33 44.66
C TYR A 1181 17.98 1.46 44.18
N LEU A 1182 18.38 0.63 43.22
CA LEU A 1182 19.69 0.81 42.60
C LEU A 1182 19.67 2.06 41.71
N GLN A 1183 18.47 2.46 41.31
CA GLN A 1183 18.29 3.71 40.57
C GLN A 1183 18.22 4.93 41.48
N VAL A 1184 17.51 4.79 42.60
CA VAL A 1184 17.25 5.91 43.51
C VAL A 1184 18.42 6.22 44.46
N CYS A 1185 19.28 5.24 44.68
CA CYS A 1185 20.39 5.39 45.62
C CYS A 1185 21.61 6.07 45.00
N GLN A 1186 21.60 6.23 43.67
CA GLN A 1186 22.70 6.89 42.99
C GLN A 1186 22.72 8.41 43.23
N SER A 1187 21.52 8.98 43.45
CA SER A 1187 21.37 10.41 43.71
C SER A 1187 21.66 10.82 45.15
N SER A 1188 21.10 10.06 46.09
CA SER A 1188 21.15 10.35 47.52
C SER A 1188 21.78 9.20 48.32
N ARG A 1189 21.20 8.00 48.18
CA ARG A 1189 21.68 6.78 48.85
C ARG A 1189 21.48 6.65 50.37
N GLY A 1190 20.23 6.44 50.73
CA GLY A 1190 19.88 5.94 52.04
C GLY A 1190 18.62 5.10 51.88
N ILE A 1191 18.47 4.12 52.76
CA ILE A 1191 17.43 3.12 52.63
C ILE A 1191 16.40 3.14 53.76
N PRO A 1192 15.13 3.45 53.43
CA PRO A 1192 14.05 3.53 54.42
C PRO A 1192 13.95 2.26 55.25
N ASN A 1193 13.77 2.39 56.56
CA ASN A 1193 13.66 1.23 57.44
C ASN A 1193 12.66 0.24 56.88
N THR A 1194 11.58 0.77 56.33
CA THR A 1194 10.53 -0.06 55.75
C THR A 1194 11.14 -1.10 54.83
N VAL A 1195 12.02 -0.66 53.94
CA VAL A 1195 12.69 -1.55 52.99
C VAL A 1195 13.69 -2.47 53.67
N GLU A 1196 14.50 -1.92 54.56
CA GLU A 1196 15.50 -2.70 55.27
C GLU A 1196 14.85 -3.81 56.08
N LYS A 1197 13.77 -3.46 56.76
CA LYS A 1197 13.11 -4.40 57.67
C LYS A 1197 12.48 -5.56 56.91
N LEU A 1198 11.70 -5.25 55.89
CA LEU A 1198 11.00 -6.28 55.12
C LEU A 1198 11.88 -6.86 54.02
N VAL A 1199 13.12 -6.38 53.94
CA VAL A 1199 14.15 -7.07 53.17
C VAL A 1199 14.73 -8.21 53.99
N LYS A 1200 14.79 -8.02 55.30
CA LYS A 1200 15.28 -9.06 56.20
C LYS A 1200 14.14 -10.00 56.57
N LEU A 1201 12.93 -9.58 56.21
CA LEU A 1201 11.76 -10.42 56.39
C LEU A 1201 11.85 -11.58 55.40
N SER A 1202 12.42 -11.31 54.24
CA SER A 1202 12.58 -12.36 53.24
C SER A 1202 13.70 -13.32 53.63
N GLY A 1203 14.73 -12.80 54.30
CA GLY A 1203 15.87 -13.60 54.71
C GLY A 1203 15.62 -14.49 55.90
N SER A 1204 14.47 -14.31 56.54
CA SER A 1204 14.12 -15.08 57.73
C SER A 1204 12.93 -16.01 57.47
N HIS A 1205 11.77 -15.45 57.13
CA HIS A 1205 10.58 -16.28 56.91
C HIS A 1205 10.47 -16.92 55.53
N LEU A 1206 11.29 -16.47 54.59
CA LEU A 1206 11.13 -16.96 53.22
C LEU A 1206 12.25 -17.89 52.76
N THR A 1207 13.41 -17.29 52.47
CA THR A 1207 14.49 -18.01 51.79
C THR A 1207 14.89 -19.33 52.46
N PRO A 1208 15.02 -19.33 53.80
CA PRO A 1208 15.32 -20.58 54.51
C PRO A 1208 14.17 -21.59 54.48
N VAL A 1209 12.94 -21.10 54.47
CA VAL A 1209 11.76 -21.98 54.41
C VAL A 1209 11.54 -22.55 53.01
N CYS A 1210 11.90 -21.77 52.01
CA CYS A 1210 11.87 -22.26 50.63
C CYS A 1210 12.76 -23.49 50.49
N TYR A 1211 14.01 -23.34 50.91
CA TYR A 1211 15.01 -24.37 50.71
C TYR A 1211 14.62 -25.73 51.28
N SER A 1212 13.90 -25.73 52.40
CA SER A 1212 13.45 -27.00 52.98
C SER A 1212 12.21 -27.58 52.29
N PHE A 1213 11.38 -26.71 51.73
CA PHE A 1213 10.26 -27.16 50.90
C PHE A 1213 10.81 -27.74 49.60
N ILE A 1214 11.86 -27.11 49.09
CA ILE A 1214 12.49 -27.57 47.86
C ILE A 1214 13.05 -28.98 47.99
N SER A 1215 13.65 -29.30 49.13
CA SER A 1215 14.17 -30.66 49.34
C SER A 1215 13.05 -31.64 49.71
N TYR A 1216 11.98 -31.14 50.32
CA TYR A 1216 10.81 -31.94 50.63
C TYR A 1216 10.15 -32.43 49.36
N VAL A 1217 10.29 -31.64 48.30
CA VAL A 1217 9.71 -31.98 47.01
C VAL A 1217 10.44 -33.14 46.35
N GLN A 1218 11.76 -33.21 46.54
CA GLN A 1218 12.52 -34.29 45.92
C GLN A 1218 12.66 -35.56 46.77
N ASN A 1219 12.37 -35.47 48.07
CA ASN A 1219 12.30 -36.68 48.91
C ASN A 1219 10.94 -37.37 48.86
N LYS A 1220 9.89 -36.56 48.78
CA LYS A 1220 8.53 -37.03 48.60
C LYS A 1220 8.38 -37.66 47.22
N SER A 1221 9.14 -37.15 46.25
CA SER A 1221 9.13 -37.65 44.88
C SER A 1221 9.76 -39.03 44.77
N SER A 1222 10.98 -39.16 45.28
CA SER A 1222 11.73 -40.40 45.19
C SER A 1222 11.73 -41.15 46.53
N PRO A 1248 10.95 -25.36 37.00
CA PRO A 1248 10.10 -25.05 38.16
C PRO A 1248 10.91 -24.99 39.45
N ILE A 1249 11.54 -26.10 39.81
CA ILE A 1249 12.45 -26.16 40.94
C ILE A 1249 13.73 -25.37 40.66
N PRO A 1250 14.34 -25.62 39.49
CA PRO A 1250 15.53 -24.84 39.14
C PRO A 1250 15.19 -23.38 38.85
N ASN A 1251 13.91 -23.11 38.62
CA ASN A 1251 13.48 -21.74 38.33
C ASN A 1251 13.41 -20.88 39.58
N LEU A 1252 12.92 -21.48 40.66
CA LEU A 1252 12.89 -20.83 41.96
C LEU A 1252 14.32 -20.46 42.32
N VAL A 1253 15.20 -21.44 42.24
CA VAL A 1253 16.61 -21.25 42.60
C VAL A 1253 17.17 -20.01 41.92
N PHE A 1254 16.99 -19.92 40.61
CA PHE A 1254 17.48 -18.78 39.84
C PHE A 1254 16.94 -17.45 40.38
N ALA A 1255 15.63 -17.33 40.49
CA ALA A 1255 15.01 -16.12 41.00
C ALA A 1255 15.59 -15.71 42.35
N ILE A 1256 15.92 -16.71 43.18
CA ILE A 1256 16.52 -16.45 44.48
C ILE A 1256 17.92 -15.86 44.34
N GLU A 1257 18.81 -16.56 43.65
CA GLU A 1257 20.18 -16.10 43.49
C GLU A 1257 20.19 -14.65 43.00
N GLN A 1258 19.41 -14.39 41.96
CA GLN A 1258 19.36 -13.05 41.39
C GLN A 1258 18.90 -12.03 42.41
N TYR A 1259 17.97 -12.43 43.27
CA TYR A 1259 17.50 -11.57 44.34
C TYR A 1259 18.66 -11.19 45.25
N GLU A 1260 19.41 -12.20 45.69
CA GLU A 1260 20.59 -11.94 46.50
C GLU A 1260 21.63 -11.17 45.70
N LYS A 1261 21.80 -11.55 44.44
CA LYS A 1261 22.77 -10.85 43.59
C LYS A 1261 22.58 -9.34 43.63
N PHE A 1262 21.34 -8.88 43.51
CA PHE A 1262 21.09 -7.43 43.45
C PHE A 1262 20.97 -6.76 44.81
N LEU A 1263 20.92 -7.56 45.88
CA LEU A 1263 21.08 -7.02 47.22
C LEU A 1263 22.56 -6.74 47.39
N ILE A 1264 23.37 -7.67 46.87
CA ILE A 1264 24.81 -7.52 46.89
C ILE A 1264 25.19 -6.21 46.25
N GLN A 1265 24.59 -5.92 45.09
CA GLN A 1265 24.86 -4.67 44.38
C GLN A 1265 24.33 -3.47 45.13
N LEU A 1266 23.18 -3.63 45.78
CA LEU A 1266 22.53 -2.51 46.46
C LEU A 1266 23.22 -2.18 47.78
N SER A 1267 23.69 -3.20 48.47
CA SER A 1267 24.32 -2.99 49.76
C SER A 1267 25.58 -2.12 49.64
N LYS A 1268 26.46 -2.50 48.72
CA LYS A 1268 27.71 -1.77 48.51
C LYS A 1268 27.50 -0.48 47.72
N LYS A 1269 26.42 -0.41 46.95
CA LYS A 1269 26.17 0.76 46.12
C LYS A 1269 25.22 1.80 46.73
N SER A 1270 24.75 1.55 47.95
CA SER A 1270 24.03 2.61 48.64
C SER A 1270 24.63 2.97 49.99
N LYS A 1271 24.18 2.27 51.03
CA LYS A 1271 24.71 2.49 52.36
C LYS A 1271 24.91 1.20 53.13
N VAL A 1272 23.78 0.62 53.50
CA VAL A 1272 23.66 -0.45 54.48
C VAL A 1272 24.10 -1.81 53.97
N ASN A 1273 24.39 -2.71 54.90
CA ASN A 1273 24.61 -4.10 54.55
C ASN A 1273 23.28 -4.83 54.69
N LEU A 1274 22.66 -5.14 53.56
CA LEU A 1274 21.40 -5.85 53.54
C LEU A 1274 21.60 -7.34 53.63
N MET A 1275 22.72 -7.82 53.10
CA MET A 1275 22.91 -9.25 52.89
C MET A 1275 23.34 -10.02 54.13
N GLN A 1276 23.56 -9.32 55.24
CA GLN A 1276 23.86 -10.02 56.49
C GLN A 1276 22.57 -10.37 57.22
N HIS A 1277 21.47 -9.88 56.67
CA HIS A 1277 20.13 -10.28 57.11
C HIS A 1277 19.74 -11.63 56.52
N MET A 1278 20.28 -11.92 55.34
CA MET A 1278 19.86 -13.09 54.57
C MET A 1278 20.61 -14.39 54.87
N LYS A 1279 21.93 -14.45 54.65
CA LYS A 1279 22.62 -15.67 55.06
C LYS A 1279 23.06 -15.44 56.50
N LEU A 1280 22.32 -16.06 57.41
CA LEU A 1280 22.60 -15.96 58.84
C LEU A 1280 23.25 -17.22 59.41
N SER A 1281 23.37 -18.24 58.59
CA SER A 1281 23.80 -19.55 59.08
C SER A 1281 25.19 -19.92 58.57
N THR A 1282 25.30 -20.08 57.26
CA THR A 1282 26.56 -20.46 56.63
C THR A 1282 27.55 -19.30 56.55
N SER A 1283 27.06 -18.07 56.36
CA SER A 1283 27.95 -16.93 56.19
C SER A 1283 28.79 -16.59 57.44
N ARG A 1284 28.27 -16.87 58.63
CA ARG A 1284 29.16 -16.97 59.78
C ARG A 1284 29.12 -18.43 60.23
N ASP A 1285 30.14 -19.20 59.84
CA ASP A 1285 30.29 -20.56 60.35
C ASP A 1285 31.72 -20.95 60.68
N PHE A 1286 32.55 -21.10 59.64
CA PHE A 1286 33.95 -21.46 59.84
C PHE A 1286 34.52 -20.48 60.87
N LYS A 1287 35.06 -21.05 61.94
CA LYS A 1287 35.43 -20.24 63.08
C LYS A 1287 36.89 -20.44 63.44
N ILE A 1288 37.51 -19.36 63.88
CA ILE A 1288 38.88 -19.41 64.35
C ILE A 1288 38.97 -18.64 65.66
N LYS A 1289 39.72 -19.19 66.62
CA LYS A 1289 39.76 -18.62 67.96
C LYS A 1289 40.15 -17.14 67.95
N GLY A 1290 39.30 -16.32 68.55
CA GLY A 1290 39.57 -14.89 68.67
C GLY A 1290 39.84 -14.21 67.35
N SER A 1291 40.64 -13.15 67.41
CA SER A 1291 41.06 -12.42 66.22
C SER A 1291 42.36 -11.69 66.50
N VAL A 1292 42.87 -10.96 65.51
CA VAL A 1292 44.06 -10.14 65.70
C VAL A 1292 43.70 -8.93 66.55
N LEU A 1293 42.52 -8.38 66.29
CA LEU A 1293 42.04 -7.21 67.00
C LEU A 1293 41.96 -7.45 68.50
N ASP A 1294 41.50 -8.64 68.90
CA ASP A 1294 41.36 -8.96 70.31
C ASP A 1294 42.71 -9.26 70.93
N MET A 1295 43.60 -9.85 70.16
CA MET A 1295 44.94 -10.20 70.62
C MET A 1295 45.72 -8.96 71.06
N VAL A 1296 45.67 -7.92 70.24
CA VAL A 1296 46.45 -6.70 70.50
C VAL A 1296 45.75 -5.74 71.46
N LEU A 1297 44.60 -5.22 71.04
CA LEU A 1297 43.90 -4.18 71.81
C LEU A 1297 43.72 -4.50 73.28
N ARG A 1298 43.34 -5.73 73.60
CA ARG A 1298 43.07 -6.10 74.98
C ARG A 1298 44.30 -6.57 75.76
N GLU A 1299 44.86 -7.72 75.36
CA GLU A 1299 45.91 -8.35 76.14
C GLU A 1299 47.33 -7.90 75.75
N ASP A 1300 48.32 -8.46 76.43
CA ASP A 1300 49.72 -8.14 76.18
C ASP A 1300 50.58 -9.39 76.26
N GLY B 11 -78.50 -3.88 -19.06
CA GLY B 11 -77.53 -4.82 -18.53
C GLY B 11 -77.25 -5.96 -19.49
N SER B 12 -76.07 -5.93 -20.12
CA SER B 12 -75.68 -6.95 -21.07
C SER B 12 -75.16 -8.20 -20.35
N VAL B 13 -74.73 -9.19 -21.12
CA VAL B 13 -74.14 -10.40 -20.57
C VAL B 13 -72.99 -10.01 -19.67
N PHE B 14 -72.20 -9.05 -20.14
CA PHE B 14 -71.03 -8.57 -19.42
C PHE B 14 -71.41 -7.83 -18.14
N VAL B 15 -72.36 -6.90 -18.25
CA VAL B 15 -72.78 -6.10 -17.11
C VAL B 15 -73.43 -6.95 -16.01
N LYS B 16 -74.40 -7.77 -16.41
CA LYS B 16 -75.20 -8.53 -15.46
C LYS B 16 -74.39 -9.61 -14.74
N LEU B 17 -73.50 -10.27 -15.47
CA LEU B 17 -72.71 -11.36 -14.93
C LEU B 17 -71.61 -10.86 -13.97
N LEU B 18 -71.25 -9.59 -14.14
CA LEU B 18 -70.28 -8.95 -13.25
C LEU B 18 -70.92 -8.60 -11.92
N LYS B 19 -72.12 -8.03 -11.95
CA LYS B 19 -72.80 -7.66 -10.72
C LYS B 19 -73.34 -8.89 -9.99
N ALA B 20 -73.42 -10.01 -10.70
CA ALA B 20 -73.80 -11.27 -10.10
C ALA B 20 -72.62 -11.85 -9.33
N SER B 21 -71.42 -11.59 -9.86
CA SER B 21 -70.19 -12.10 -9.27
C SER B 21 -69.65 -11.17 -8.19
N GLY B 22 -70.38 -10.09 -7.92
CA GLY B 22 -70.05 -9.18 -6.84
C GLY B 22 -69.51 -7.83 -7.27
N LEU B 23 -69.14 -7.73 -8.53
CA LEU B 23 -68.54 -6.49 -9.04
C LEU B 23 -69.57 -5.60 -9.72
N THR B 24 -69.86 -4.47 -9.10
CA THR B 24 -70.81 -3.50 -9.66
C THR B 24 -70.09 -2.36 -10.38
N LEU B 25 -70.39 -2.19 -11.67
CA LEU B 25 -69.74 -1.16 -12.47
C LEU B 25 -70.19 0.24 -12.06
N LYS B 26 -69.24 1.17 -11.98
CA LYS B 26 -69.55 2.55 -11.62
C LYS B 26 -69.11 3.53 -12.70
N THR B 27 -69.98 4.48 -13.01
CA THR B 27 -69.71 5.47 -14.06
C THR B 27 -68.78 6.60 -13.60
N GLY B 28 -68.13 7.23 -14.58
CA GLY B 28 -67.30 8.39 -14.32
C GLY B 28 -65.89 8.04 -13.88
N GLU B 29 -65.29 8.92 -13.07
CA GLU B 29 -63.96 8.64 -12.52
C GLU B 29 -63.98 7.98 -11.15
N ASN B 30 -65.17 7.57 -10.69
CA ASN B 30 -65.26 6.80 -9.46
C ASN B 30 -64.61 5.45 -9.72
N GLN B 31 -64.61 4.58 -8.72
CA GLN B 31 -63.97 3.28 -8.89
C GLN B 31 -64.99 2.15 -8.80
N ASN B 32 -64.90 1.20 -9.74
CA ASN B 32 -65.77 0.04 -9.75
C ASN B 32 -65.76 -0.63 -8.40
N GLN B 33 -66.93 -1.05 -7.92
CA GLN B 33 -67.05 -1.52 -6.56
C GLN B 33 -67.19 -3.03 -6.40
N LEU B 34 -66.32 -3.57 -5.56
CA LEU B 34 -66.20 -5.00 -5.32
C LEU B 34 -66.87 -5.38 -4.01
N GLY B 35 -67.98 -6.11 -4.08
CA GLY B 35 -68.75 -6.47 -2.91
C GLY B 35 -68.09 -7.50 -1.99
N VAL B 36 -67.46 -8.50 -2.60
CA VAL B 36 -66.78 -9.55 -1.86
C VAL B 36 -65.29 -9.45 -2.03
N ASP B 37 -64.55 -10.37 -1.42
CA ASP B 37 -63.10 -10.38 -1.54
C ASP B 37 -62.67 -10.53 -2.99
N GLN B 38 -61.60 -9.86 -3.38
CA GLN B 38 -61.17 -9.85 -4.78
C GLN B 38 -60.98 -11.25 -5.36
N VAL B 39 -60.63 -12.20 -4.51
CA VAL B 39 -60.54 -13.59 -4.95
C VAL B 39 -61.92 -14.24 -5.04
N ILE B 40 -62.77 -13.94 -4.06
CA ILE B 40 -64.11 -14.54 -4.04
C ILE B 40 -64.92 -14.10 -5.26
N PHE B 41 -64.68 -12.89 -5.72
CA PHE B 41 -65.28 -12.43 -6.97
C PHE B 41 -64.73 -13.22 -8.16
N GLN B 42 -63.49 -13.69 -8.03
CA GLN B 42 -62.86 -14.44 -9.11
C GLN B 42 -63.37 -15.88 -9.23
N ARG B 43 -63.82 -16.45 -8.13
CA ARG B 43 -64.46 -17.75 -8.18
C ARG B 43 -65.84 -17.59 -8.79
N LYS B 44 -66.54 -16.54 -8.36
CA LYS B 44 -67.91 -16.32 -8.78
C LYS B 44 -68.03 -16.06 -10.28
N LEU B 45 -67.12 -15.25 -10.82
CA LEU B 45 -67.16 -14.91 -12.24
C LEU B 45 -66.74 -16.08 -13.12
N PHE B 46 -66.00 -17.02 -12.56
CA PHE B 46 -65.66 -18.23 -13.29
C PHE B 46 -66.83 -19.19 -13.26
N GLN B 47 -67.46 -19.27 -12.09
CA GLN B 47 -68.59 -20.16 -11.88
C GLN B 47 -69.77 -19.74 -12.75
N ALA B 48 -69.99 -18.43 -12.85
CA ALA B 48 -71.05 -17.90 -13.69
C ALA B 48 -70.85 -18.31 -15.16
N LEU B 49 -69.62 -18.18 -15.63
CA LEU B 49 -69.29 -18.47 -17.03
C LEU B 49 -69.32 -19.95 -17.42
N ARG B 50 -69.10 -20.83 -16.43
CA ARG B 50 -69.17 -22.27 -16.67
C ARG B 50 -70.60 -22.78 -16.62
N LYS B 51 -71.44 -22.12 -15.83
CA LYS B 51 -72.83 -22.55 -15.63
C LYS B 51 -73.79 -22.00 -16.68
N HIS B 52 -73.33 -21.02 -17.45
CA HIS B 52 -74.18 -20.43 -18.48
C HIS B 52 -74.52 -21.46 -19.56
N PRO B 53 -75.76 -21.41 -20.07
CA PRO B 53 -76.29 -22.39 -21.02
C PRO B 53 -75.33 -22.70 -22.18
N ALA B 54 -74.72 -21.69 -22.78
CA ALA B 54 -73.61 -21.94 -23.70
C ALA B 54 -72.33 -21.39 -23.09
N TYR B 55 -71.49 -22.30 -22.60
CA TYR B 55 -70.20 -21.95 -22.05
C TYR B 55 -69.20 -21.52 -23.11
N PRO B 56 -69.06 -22.32 -24.17
CA PRO B 56 -68.03 -22.03 -25.19
C PRO B 56 -68.17 -20.64 -25.77
N LYS B 57 -69.38 -20.26 -26.14
CA LYS B 57 -69.61 -18.99 -26.82
C LYS B 57 -69.68 -17.78 -25.88
N VAL B 58 -70.00 -18.01 -24.62
CA VAL B 58 -70.19 -16.92 -23.68
C VAL B 58 -68.89 -16.18 -23.36
N ILE B 59 -67.77 -16.88 -23.52
CA ILE B 59 -66.46 -16.28 -23.28
C ILE B 59 -66.21 -15.17 -24.27
N GLU B 60 -66.74 -15.33 -25.47
CA GLU B 60 -66.68 -14.29 -26.48
C GLU B 60 -67.69 -13.19 -26.16
N GLU B 61 -68.81 -13.58 -25.58
CA GLU B 61 -69.89 -12.65 -25.27
C GLU B 61 -69.47 -11.69 -24.18
N PHE B 62 -68.78 -12.22 -23.18
CA PHE B 62 -68.31 -11.43 -22.05
C PHE B 62 -67.22 -10.46 -22.49
N VAL B 63 -66.30 -10.95 -23.31
CA VAL B 63 -65.23 -10.10 -23.83
C VAL B 63 -65.78 -8.95 -24.68
N ASN B 64 -66.79 -9.24 -25.49
CA ASN B 64 -67.37 -8.22 -26.37
C ASN B 64 -67.98 -7.05 -25.60
N GLY B 65 -68.78 -7.37 -24.59
CA GLY B 65 -69.38 -6.36 -23.74
C GLY B 65 -68.28 -5.54 -23.08
N LEU B 66 -67.24 -6.24 -22.63
CA LEU B 66 -66.08 -5.59 -22.05
C LEU B 66 -65.48 -4.59 -23.04
N GLU B 67 -65.34 -5.01 -24.29
CA GLU B 67 -64.67 -4.18 -25.29
C GLU B 67 -65.50 -2.96 -25.66
N SER B 68 -66.81 -3.12 -25.72
CA SER B 68 -67.69 -2.01 -26.09
C SER B 68 -67.89 -1.03 -24.93
N TYR B 69 -67.96 -1.54 -23.71
CA TYR B 69 -68.04 -0.67 -22.53
C TYR B 69 -66.72 0.07 -22.42
N THR B 70 -65.67 -0.56 -22.94
CA THR B 70 -64.33 -0.02 -22.87
C THR B 70 -64.12 1.09 -23.90
N GLU B 71 -65.00 1.17 -24.88
CA GLU B 71 -64.83 2.14 -25.96
C GLU B 71 -64.93 3.59 -25.48
N ASP B 72 -65.33 3.78 -24.22
CA ASP B 72 -65.26 5.09 -23.60
C ASP B 72 -63.90 5.26 -22.93
N SER B 73 -63.16 6.28 -23.33
CA SER B 73 -61.82 6.54 -22.78
C SER B 73 -61.79 6.61 -21.26
N GLU B 74 -62.83 7.17 -20.66
CA GLU B 74 -62.92 7.25 -19.21
C GLU B 74 -63.39 5.94 -18.59
N SER B 75 -64.29 5.24 -19.26
CA SER B 75 -64.73 3.93 -18.81
C SER B 75 -63.58 2.92 -18.88
N LEU B 76 -62.65 3.18 -19.78
CA LEU B 76 -61.48 2.32 -19.92
C LEU B 76 -60.53 2.52 -18.74
N ARG B 77 -60.16 3.77 -18.46
CA ARG B 77 -59.20 4.04 -17.39
C ARG B 77 -59.75 3.67 -16.01
N ASN B 78 -61.03 3.34 -15.92
CA ASN B 78 -61.60 2.84 -14.67
C ASN B 78 -61.32 1.36 -14.49
N CYS B 79 -61.28 0.65 -15.61
CA CYS B 79 -61.07 -0.79 -15.59
C CYS B 79 -59.60 -1.13 -15.43
N LEU B 80 -58.74 -0.15 -15.73
CA LEU B 80 -57.29 -0.32 -15.62
C LEU B 80 -56.79 0.08 -14.24
N LEU B 81 -57.68 0.64 -13.42
CA LEU B 81 -57.31 1.16 -12.12
C LEU B 81 -58.02 0.44 -10.98
N SER B 82 -57.46 0.55 -9.78
CA SER B 82 -57.92 -0.22 -8.63
C SER B 82 -59.40 -0.08 -8.31
N CYS B 83 -59.98 -1.18 -7.83
CA CYS B 83 -61.38 -1.24 -7.43
C CYS B 83 -61.57 -0.71 -6.01
N GLU B 84 -62.77 -0.95 -5.46
CA GLU B 84 -63.16 -0.40 -4.17
C GLU B 84 -63.86 -1.45 -3.30
N ARG B 85 -63.59 -1.45 -2.01
CA ARG B 85 -64.25 -2.40 -1.10
C ARG B 85 -65.55 -1.83 -0.53
N PHE B 96 -57.74 -0.83 2.23
CA PHE B 96 -57.93 -2.26 1.99
C PHE B 96 -58.09 -2.51 0.49
N TYR B 97 -57.02 -2.30 -0.26
CA TYR B 97 -57.12 -2.26 -1.72
C TYR B 97 -56.92 -3.57 -2.47
N SER B 98 -57.74 -3.75 -3.49
CA SER B 98 -57.58 -4.82 -4.46
C SER B 98 -57.05 -4.23 -5.77
N LYS B 99 -56.94 -5.06 -6.81
CA LYS B 99 -56.40 -4.61 -8.09
C LYS B 99 -57.50 -4.20 -9.06
N SER B 100 -57.12 -3.93 -10.31
CA SER B 100 -58.08 -3.42 -11.30
C SER B 100 -58.99 -4.52 -11.81
N LEU B 101 -60.18 -4.11 -12.26
CA LEU B 101 -61.15 -5.04 -12.82
C LEU B 101 -60.52 -5.88 -13.92
N ILE B 102 -59.72 -5.23 -14.76
CA ILE B 102 -59.09 -5.92 -15.87
C ILE B 102 -58.03 -6.92 -15.38
N LYS B 103 -57.22 -6.52 -14.42
CA LYS B 103 -56.26 -7.43 -13.80
C LYS B 103 -56.98 -8.62 -13.15
N LEU B 104 -58.08 -8.34 -12.45
CA LEU B 104 -58.88 -9.39 -11.85
C LEU B 104 -59.33 -10.41 -12.88
N LEU B 105 -59.83 -9.91 -14.02
CA LEU B 105 -60.28 -10.76 -15.11
C LEU B 105 -59.11 -11.45 -15.79
N LEU B 106 -57.99 -10.73 -15.88
CA LEU B 106 -56.78 -11.29 -16.47
C LEU B 106 -56.36 -12.54 -15.71
N GLY B 107 -56.70 -12.57 -14.42
CA GLY B 107 -56.38 -13.69 -13.57
C GLY B 107 -57.10 -14.96 -13.99
N ILE B 108 -58.42 -14.84 -14.17
CA ILE B 108 -59.24 -15.98 -14.58
C ILE B 108 -58.72 -16.58 -15.88
N ASP B 109 -58.44 -17.88 -15.85
CA ASP B 109 -57.71 -18.55 -16.93
C ASP B 109 -58.46 -18.66 -18.26
N ILE B 110 -59.68 -19.21 -18.21
CA ILE B 110 -60.48 -19.36 -19.40
C ILE B 110 -60.67 -17.98 -20.07
N LEU B 111 -60.68 -16.94 -19.25
CA LEU B 111 -60.96 -15.59 -19.71
C LEU B 111 -59.70 -14.82 -20.15
N GLN B 112 -58.54 -15.34 -19.80
CA GLN B 112 -57.29 -14.59 -19.98
C GLN B 112 -56.84 -14.36 -21.43
N PRO B 113 -56.74 -15.44 -22.22
CA PRO B 113 -56.19 -15.33 -23.59
C PRO B 113 -57.00 -14.42 -24.49
N ALA B 114 -58.32 -14.45 -24.33
CA ALA B 114 -59.20 -13.63 -25.13
C ALA B 114 -59.13 -12.15 -24.73
N ILE B 115 -58.88 -11.90 -23.46
CA ILE B 115 -58.78 -10.54 -22.94
C ILE B 115 -57.43 -9.89 -23.26
N ILE B 116 -56.38 -10.69 -23.24
CA ILE B 116 -55.05 -10.18 -23.61
C ILE B 116 -55.10 -9.68 -25.05
N LYS B 117 -55.76 -10.46 -25.91
CA LYS B 117 -55.94 -10.05 -27.29
C LYS B 117 -56.61 -8.68 -27.36
N MET B 118 -57.65 -8.47 -26.56
CA MET B 118 -58.38 -7.21 -26.57
C MET B 118 -57.48 -6.05 -26.16
N LEU B 119 -56.77 -6.20 -25.06
CA LEU B 119 -55.92 -5.12 -24.56
C LEU B 119 -55.03 -4.55 -25.66
N PHE B 120 -54.34 -5.43 -26.39
CA PHE B 120 -53.47 -4.96 -27.47
C PHE B 120 -54.25 -4.36 -28.62
N GLU B 121 -55.53 -4.70 -28.71
CA GLU B 121 -56.39 -4.15 -29.76
C GLU B 121 -56.62 -2.67 -29.55
N LYS B 122 -56.76 -2.26 -28.28
CA LYS B 122 -57.11 -0.89 -27.96
C LYS B 122 -55.88 -0.01 -27.80
N VAL B 123 -54.71 -0.64 -27.76
CA VAL B 123 -53.46 0.09 -27.50
C VAL B 123 -53.06 1.12 -28.55
N PRO B 124 -53.18 0.78 -29.85
CA PRO B 124 -52.75 1.66 -30.93
C PRO B 124 -53.41 3.03 -30.86
N GLN B 125 -54.69 3.06 -30.56
CA GLN B 125 -55.43 4.31 -30.42
C GLN B 125 -54.75 5.28 -29.46
N PHE B 126 -54.19 4.76 -28.38
CA PHE B 126 -53.54 5.60 -27.37
C PHE B 126 -52.02 5.68 -27.51
N LEU B 127 -51.47 4.98 -28.49
CA LEU B 127 -50.02 4.91 -28.64
C LEU B 127 -49.35 6.27 -28.77
N PHE B 128 -49.85 7.09 -29.69
CA PHE B 128 -49.23 8.38 -29.98
C PHE B 128 -49.88 9.54 -29.23
N GLU B 129 -50.90 9.21 -28.43
CA GLU B 129 -51.56 10.19 -27.58
C GLU B 129 -50.63 10.62 -26.45
N SER B 130 -50.65 11.92 -26.14
CA SER B 130 -49.86 12.42 -25.02
C SER B 130 -50.57 12.18 -23.70
N GLU B 131 -49.94 12.58 -22.61
CA GLU B 131 -50.55 12.42 -21.29
C GLU B 131 -51.59 13.49 -21.05
N ASN B 132 -52.70 13.11 -20.44
CA ASN B 132 -53.81 14.03 -20.22
C ASN B 132 -53.66 14.88 -18.96
N ARG B 133 -54.73 15.59 -18.60
CA ARG B 133 -54.72 16.46 -17.44
C ARG B 133 -54.16 15.74 -16.21
N ASP B 134 -54.64 14.52 -16.00
CA ASP B 134 -54.24 13.71 -14.85
C ASP B 134 -52.77 13.33 -14.91
N GLY B 135 -52.26 13.17 -16.13
CA GLY B 135 -50.89 12.74 -16.33
C GLY B 135 -50.83 11.25 -16.61
N ILE B 136 -52.00 10.64 -16.76
CA ILE B 136 -52.09 9.21 -16.99
C ILE B 136 -51.98 8.89 -18.46
N ASN B 137 -50.95 8.14 -18.83
CA ASN B 137 -50.77 7.75 -20.21
C ASN B 137 -51.44 6.41 -20.48
N MET B 138 -52.54 6.44 -21.23
CA MET B 138 -53.36 5.26 -21.44
C MET B 138 -52.56 4.10 -22.03
N ALA B 139 -51.65 4.40 -22.95
CA ALA B 139 -50.87 3.37 -23.61
C ALA B 139 -50.04 2.56 -22.63
N ARG B 140 -49.44 3.23 -21.65
CA ARG B 140 -48.60 2.54 -20.66
C ARG B 140 -49.40 1.82 -19.60
N LEU B 141 -50.58 2.34 -19.30
CA LEU B 141 -51.45 1.77 -18.28
C LEU B 141 -52.08 0.45 -18.74
N ILE B 142 -52.30 0.35 -20.04
CA ILE B 142 -52.83 -0.89 -20.63
C ILE B 142 -51.82 -2.02 -20.48
N ILE B 143 -50.59 -1.79 -20.92
CA ILE B 143 -49.55 -2.81 -20.83
C ILE B 143 -49.24 -3.17 -19.38
N ASN B 144 -49.32 -2.19 -18.49
CA ASN B 144 -49.02 -2.40 -17.08
C ASN B 144 -49.83 -3.52 -16.44
N GLN B 145 -50.95 -3.87 -17.08
CA GLN B 145 -51.84 -4.90 -16.56
C GLN B 145 -51.18 -6.28 -16.64
N LEU B 146 -50.34 -6.46 -17.65
CA LEU B 146 -49.68 -7.73 -17.90
C LEU B 146 -48.56 -8.02 -16.90
N LYS B 147 -48.24 -7.04 -16.06
CA LYS B 147 -47.10 -7.16 -15.16
C LYS B 147 -47.33 -8.13 -14.00
N TRP B 148 -46.43 -9.10 -13.88
CA TRP B 148 -46.45 -10.07 -12.79
C TRP B 148 -47.72 -10.91 -12.69
N LEU B 149 -48.22 -11.37 -13.83
CA LEU B 149 -49.39 -12.26 -13.85
C LEU B 149 -49.01 -13.61 -13.25
N ASP B 150 -49.94 -14.23 -12.52
CA ASP B 150 -49.67 -15.52 -11.89
C ASP B 150 -49.25 -16.58 -12.90
N ARG B 151 -50.03 -16.72 -13.97
CA ARG B 151 -49.65 -17.57 -15.09
C ARG B 151 -50.16 -17.02 -16.42
N ILE B 152 -49.35 -17.16 -17.46
CA ILE B 152 -49.72 -16.75 -18.80
C ILE B 152 -50.27 -17.97 -19.52
N VAL B 153 -51.51 -17.91 -19.96
CA VAL B 153 -52.11 -19.08 -20.61
C VAL B 153 -51.50 -19.29 -21.98
N ASP B 154 -51.74 -18.34 -22.90
CA ASP B 154 -51.10 -18.41 -24.20
C ASP B 154 -49.85 -17.54 -24.09
N GLY B 155 -48.69 -18.19 -23.96
CA GLY B 155 -47.43 -17.48 -23.80
C GLY B 155 -46.82 -16.99 -25.10
N LYS B 156 -46.75 -17.90 -26.07
CA LYS B 156 -46.08 -17.66 -27.33
C LYS B 156 -46.71 -16.45 -28.01
N ASP B 157 -48.01 -16.28 -27.80
CA ASP B 157 -48.75 -15.21 -28.44
C ASP B 157 -48.57 -13.87 -27.73
N LEU B 158 -48.51 -13.90 -26.40
CA LEU B 158 -48.27 -12.69 -25.63
C LEU B 158 -46.95 -12.05 -26.03
N THR B 159 -45.96 -12.89 -26.33
CA THR B 159 -44.64 -12.40 -26.71
C THR B 159 -44.69 -11.75 -28.08
N ALA B 160 -45.31 -12.43 -29.02
CA ALA B 160 -45.39 -11.92 -30.38
C ALA B 160 -46.10 -10.58 -30.40
N GLN B 161 -47.17 -10.45 -29.62
CA GLN B 161 -47.89 -9.18 -29.56
C GLN B 161 -46.99 -8.10 -28.99
N MET B 162 -46.32 -8.43 -27.89
CA MET B 162 -45.44 -7.48 -27.22
C MET B 162 -44.35 -7.02 -28.17
N MET B 163 -43.75 -7.98 -28.86
CA MET B 163 -42.67 -7.68 -29.78
C MET B 163 -43.14 -6.80 -30.92
N GLN B 164 -44.31 -7.10 -31.48
CA GLN B 164 -44.85 -6.34 -32.59
C GLN B 164 -45.30 -4.95 -32.11
N LEU B 165 -45.59 -4.84 -30.81
CA LEU B 165 -45.92 -3.57 -30.22
C LEU B 165 -44.65 -2.75 -30.00
N ILE B 166 -43.59 -3.43 -29.55
CA ILE B 166 -42.31 -2.77 -29.35
C ILE B 166 -41.75 -2.26 -30.67
N SER B 167 -42.01 -3.01 -31.73
CA SER B 167 -41.51 -2.63 -33.06
C SER B 167 -42.09 -1.29 -33.51
N VAL B 168 -43.39 -1.12 -33.33
CA VAL B 168 -44.07 0.09 -33.81
C VAL B 168 -44.18 1.21 -32.79
N ALA B 169 -43.82 0.93 -31.54
CA ALA B 169 -44.00 1.90 -30.48
C ALA B 169 -43.14 3.15 -30.67
N PRO B 170 -43.61 4.28 -30.15
CA PRO B 170 -42.83 5.52 -30.15
C PRO B 170 -41.53 5.30 -29.39
N VAL B 171 -40.49 6.07 -29.73
CA VAL B 171 -39.16 5.83 -29.19
C VAL B 171 -39.02 6.27 -27.72
N ASN B 172 -39.98 7.05 -27.24
CA ASN B 172 -40.05 7.38 -25.82
C ASN B 172 -40.70 6.25 -25.03
N LEU B 173 -41.75 5.67 -25.62
CA LEU B 173 -42.51 4.61 -24.98
C LEU B 173 -41.82 3.25 -25.08
N GLN B 174 -41.19 3.00 -26.21
CA GLN B 174 -40.62 1.69 -26.49
C GLN B 174 -39.43 1.36 -25.60
N HIS B 175 -38.87 2.38 -24.94
CA HIS B 175 -37.76 2.15 -24.03
C HIS B 175 -38.24 1.56 -22.71
N ASP B 176 -39.46 1.92 -22.32
CA ASP B 176 -40.05 1.38 -21.09
C ASP B 176 -40.76 0.06 -21.35
N PHE B 177 -41.06 -0.24 -22.61
CA PHE B 177 -41.74 -1.48 -22.95
C PHE B 177 -40.79 -2.68 -23.02
N ILE B 178 -39.55 -2.43 -23.41
CA ILE B 178 -38.52 -3.47 -23.48
C ILE B 178 -38.03 -3.82 -22.07
N THR B 179 -37.85 -2.79 -21.26
CA THR B 179 -37.45 -2.92 -19.88
C THR B 179 -38.45 -3.72 -19.03
N SER B 180 -39.71 -3.73 -19.44
CA SER B 180 -40.75 -4.42 -18.69
C SER B 180 -40.90 -5.87 -19.12
N LEU B 181 -40.28 -6.23 -20.24
CA LEU B 181 -40.40 -7.56 -20.81
C LEU B 181 -40.25 -8.68 -19.78
N PRO B 182 -39.23 -8.59 -18.91
CA PRO B 182 -39.04 -9.64 -17.90
C PRO B 182 -40.23 -9.75 -16.97
N GLU B 183 -40.88 -8.63 -16.70
CA GLU B 183 -42.02 -8.58 -15.79
C GLU B 183 -43.29 -9.09 -16.47
N ILE B 184 -43.44 -8.75 -17.75
CA ILE B 184 -44.64 -9.10 -18.51
C ILE B 184 -44.64 -10.57 -18.94
N LEU B 185 -43.52 -11.01 -19.52
CA LEU B 185 -43.39 -12.35 -20.07
C LEU B 185 -43.00 -13.37 -19.00
N GLY B 186 -43.51 -14.58 -19.10
CA GLY B 186 -43.17 -15.63 -18.15
C GLY B 186 -41.74 -16.16 -18.34
N ASP B 187 -41.34 -17.09 -17.50
CA ASP B 187 -40.00 -17.67 -17.58
C ASP B 187 -39.80 -18.52 -18.83
N SER B 188 -40.89 -19.07 -19.36
CA SER B 188 -40.82 -20.01 -20.48
C SER B 188 -40.38 -19.37 -21.80
N GLN B 189 -40.70 -18.10 -21.98
CA GLN B 189 -40.52 -17.44 -23.28
C GLN B 189 -39.22 -16.64 -23.45
N HIS B 190 -38.36 -16.64 -22.44
CA HIS B 190 -37.13 -15.83 -22.50
C HIS B 190 -36.26 -16.14 -23.72
N ALA B 191 -36.41 -17.34 -24.27
CA ALA B 191 -35.65 -17.74 -25.44
C ALA B 191 -36.05 -16.95 -26.69
N ASN B 192 -37.36 -16.93 -26.97
CA ASN B 192 -37.89 -16.21 -28.12
C ASN B 192 -37.41 -14.76 -28.13
N VAL B 193 -37.44 -14.14 -26.96
CA VAL B 193 -37.05 -12.74 -26.80
C VAL B 193 -35.63 -12.49 -27.29
N GLY B 194 -34.72 -13.38 -26.91
CA GLY B 194 -33.33 -13.27 -27.29
C GLY B 194 -33.15 -13.08 -28.77
N LYS B 195 -33.73 -13.96 -29.57
CA LYS B 195 -33.56 -13.89 -31.02
C LYS B 195 -34.24 -12.65 -31.58
N GLU B 196 -35.28 -12.19 -30.90
CA GLU B 196 -36.01 -11.00 -31.30
C GLU B 196 -35.23 -9.74 -31.00
N LEU B 197 -35.03 -9.48 -29.71
CA LEU B 197 -34.31 -8.29 -29.26
C LEU B 197 -32.98 -8.15 -29.98
N GLY B 198 -32.30 -9.28 -30.19
CA GLY B 198 -31.02 -9.29 -30.87
C GLY B 198 -31.10 -8.62 -32.23
N GLU B 199 -32.09 -9.02 -33.02
CA GLU B 199 -32.28 -8.45 -34.34
C GLU B 199 -32.64 -6.97 -34.25
N LEU B 200 -33.33 -6.58 -33.18
CA LEU B 200 -33.67 -5.18 -32.97
C LEU B 200 -32.42 -4.34 -32.72
N LEU B 201 -31.38 -4.96 -32.20
CA LEU B 201 -30.18 -4.24 -31.80
C LEU B 201 -29.33 -3.89 -33.01
N VAL B 202 -29.39 -4.72 -34.04
CA VAL B 202 -28.65 -4.48 -35.27
C VAL B 202 -29.33 -3.39 -36.08
N GLN B 203 -30.65 -3.28 -35.93
CA GLN B 203 -31.41 -2.26 -36.64
C GLN B 203 -31.47 -0.93 -35.89
N ASN B 204 -31.12 -0.97 -34.60
CA ASN B 204 -31.11 0.23 -33.77
C ASN B 204 -29.91 0.32 -32.83
N THR B 205 -29.16 1.42 -32.93
CA THR B 205 -28.13 1.72 -31.96
C THR B 205 -28.75 2.53 -30.84
N SER B 206 -29.98 3.00 -31.08
CA SER B 206 -30.70 3.80 -30.12
C SER B 206 -31.36 2.94 -29.04
N LEU B 207 -31.45 1.64 -29.30
CA LEU B 207 -32.04 0.70 -28.36
C LEU B 207 -31.01 -0.01 -27.50
N THR B 208 -29.74 0.35 -27.68
CA THR B 208 -28.67 -0.35 -26.98
C THR B 208 -28.88 -0.35 -25.46
N VAL B 209 -29.20 0.82 -24.91
CA VAL B 209 -29.30 0.96 -23.47
C VAL B 209 -30.35 0.05 -22.84
N PRO B 210 -31.60 0.14 -23.31
CA PRO B 210 -32.65 -0.69 -22.73
C PRO B 210 -32.48 -2.19 -23.03
N ILE B 211 -31.98 -2.52 -24.21
CA ILE B 211 -31.77 -3.92 -24.58
C ILE B 211 -30.78 -4.62 -23.66
N LEU B 212 -29.65 -3.98 -23.40
CA LEU B 212 -28.65 -4.52 -22.47
C LEU B 212 -29.23 -4.66 -21.06
N ASP B 213 -30.15 -3.77 -20.71
CA ASP B 213 -30.80 -3.82 -19.41
C ASP B 213 -31.58 -5.12 -19.28
N VAL B 214 -32.38 -5.43 -20.30
CA VAL B 214 -33.15 -6.66 -20.32
C VAL B 214 -32.25 -7.89 -20.41
N PHE B 215 -31.26 -7.85 -21.29
CA PHE B 215 -30.38 -8.99 -21.52
C PHE B 215 -29.70 -9.50 -20.26
N SER B 216 -29.56 -8.61 -19.28
CA SER B 216 -28.98 -8.99 -18.00
C SER B 216 -29.95 -9.84 -17.18
N SER B 217 -31.23 -9.47 -17.21
CA SER B 217 -32.22 -10.13 -16.36
C SER B 217 -33.01 -11.30 -16.97
N LEU B 218 -32.66 -11.72 -18.18
CA LEU B 218 -33.32 -12.89 -18.75
C LEU B 218 -32.48 -14.18 -18.65
N ARG B 219 -33.05 -15.29 -19.08
CA ARG B 219 -32.33 -16.57 -19.14
C ARG B 219 -31.81 -16.77 -20.56
N LEU B 220 -30.49 -16.91 -20.67
CA LEU B 220 -29.83 -16.90 -21.97
C LEU B 220 -28.70 -17.94 -22.11
N ASP B 221 -28.42 -18.29 -23.36
CA ASP B 221 -27.34 -19.20 -23.69
C ASP B 221 -26.01 -18.47 -23.65
N PRO B 222 -24.98 -19.09 -23.05
CA PRO B 222 -23.65 -18.51 -23.08
C PRO B 222 -23.23 -18.17 -24.51
N ASN B 223 -23.48 -19.09 -25.45
CA ASN B 223 -23.20 -18.86 -26.86
C ASN B 223 -23.93 -17.64 -27.40
N PHE B 224 -25.14 -17.42 -26.91
CA PHE B 224 -25.95 -16.30 -27.39
C PHE B 224 -25.42 -14.98 -26.85
N LEU B 225 -25.14 -14.94 -25.56
CA LEU B 225 -24.58 -13.76 -24.92
C LEU B 225 -23.35 -13.28 -25.68
N SER B 226 -22.44 -14.22 -25.96
CA SER B 226 -21.20 -13.91 -26.65
C SER B 226 -21.45 -13.24 -28.00
N LYS B 227 -22.59 -13.54 -28.61
CA LYS B 227 -22.94 -12.93 -29.89
C LYS B 227 -23.37 -11.48 -29.67
N ILE B 228 -23.90 -11.21 -28.48
CA ILE B 228 -24.32 -9.86 -28.12
C ILE B 228 -23.12 -8.95 -27.88
N ARG B 229 -22.20 -9.43 -27.06
CA ARG B 229 -21.00 -8.67 -26.72
C ARG B 229 -20.27 -8.17 -27.95
N GLN B 230 -20.28 -8.97 -29.01
CA GLN B 230 -19.64 -8.58 -30.26
C GLN B 230 -20.38 -7.45 -30.95
N LEU B 231 -21.68 -7.64 -31.17
CA LEU B 231 -22.50 -6.65 -31.87
C LEU B 231 -22.61 -5.34 -31.10
N VAL B 232 -22.42 -5.40 -29.79
CA VAL B 232 -22.41 -4.20 -28.96
C VAL B 232 -21.09 -3.44 -29.10
N MET B 233 -19.97 -4.17 -29.05
CA MET B 233 -18.65 -3.56 -29.06
C MET B 233 -18.23 -3.07 -30.45
N GLY B 234 -18.82 -3.64 -31.49
CA GLY B 234 -18.53 -3.22 -32.85
C GLY B 234 -19.24 -1.93 -33.24
N LYS B 235 -20.48 -1.78 -32.79
CA LYS B 235 -21.27 -0.61 -33.10
C LYS B 235 -21.09 0.47 -32.03
N LEU B 236 -20.16 0.23 -31.11
CA LEU B 236 -19.93 1.11 -29.97
C LEU B 236 -19.55 2.54 -30.36
N SER B 237 -19.26 2.75 -31.64
CA SER B 237 -18.91 4.09 -32.13
C SER B 237 -20.12 5.02 -32.26
N SER B 238 -21.28 4.44 -32.57
CA SER B 238 -22.51 5.20 -32.79
C SER B 238 -23.36 5.35 -31.52
N VAL B 239 -22.83 4.91 -30.39
CA VAL B 239 -23.47 5.09 -29.09
C VAL B 239 -23.21 6.50 -28.54
N ARG B 240 -24.21 7.08 -27.88
CA ARG B 240 -24.07 8.40 -27.26
C ARG B 240 -23.04 8.33 -26.13
N LEU B 241 -22.41 9.46 -25.80
CA LEU B 241 -21.41 9.49 -24.73
C LEU B 241 -22.02 9.30 -23.35
N GLU B 242 -23.33 9.53 -23.23
CA GLU B 242 -24.01 9.34 -21.96
C GLU B 242 -24.13 7.85 -21.65
N ASP B 243 -24.24 7.06 -22.72
CA ASP B 243 -24.52 5.64 -22.57
C ASP B 243 -23.27 4.77 -22.54
N PHE B 244 -22.11 5.39 -22.61
CA PHE B 244 -20.86 4.63 -22.49
C PHE B 244 -20.70 4.00 -21.11
N PRO B 245 -20.94 4.79 -20.05
CA PRO B 245 -20.87 4.24 -18.69
C PRO B 245 -21.92 3.16 -18.45
N VAL B 246 -23.12 3.35 -18.99
CA VAL B 246 -24.20 2.38 -18.80
C VAL B 246 -23.95 1.10 -19.61
N ILE B 247 -23.31 1.25 -20.77
CA ILE B 247 -23.01 0.13 -21.64
C ILE B 247 -21.80 -0.68 -21.20
N VAL B 248 -20.77 0.01 -20.72
CA VAL B 248 -19.58 -0.66 -20.24
C VAL B 248 -19.91 -1.49 -19.01
N LYS B 249 -20.91 -1.05 -18.26
CA LYS B 249 -21.34 -1.76 -17.05
C LYS B 249 -21.92 -3.14 -17.37
N PHE B 250 -22.63 -3.25 -18.49
CA PHE B 250 -23.16 -4.55 -18.91
C PHE B 250 -22.03 -5.49 -19.33
N LEU B 251 -20.99 -4.93 -19.94
CA LEU B 251 -19.87 -5.72 -20.44
C LEU B 251 -19.04 -6.32 -19.30
N LEU B 252 -18.87 -5.56 -18.23
CA LEU B 252 -18.07 -6.00 -17.10
C LEU B 252 -18.83 -6.87 -16.10
N HIS B 253 -20.16 -6.82 -16.15
CA HIS B 253 -20.96 -7.63 -15.23
C HIS B 253 -21.36 -8.98 -15.83
N SER B 254 -21.02 -9.19 -17.11
CA SER B 254 -21.27 -10.45 -17.80
C SER B 254 -20.02 -11.32 -17.72
N VAL B 255 -19.03 -10.82 -16.97
CA VAL B 255 -17.73 -11.44 -16.86
C VAL B 255 -17.61 -12.39 -15.66
N THR B 256 -18.68 -12.53 -14.88
CA THR B 256 -18.62 -13.26 -13.59
C THR B 256 -18.02 -14.66 -13.66
N ASP B 257 -18.50 -15.50 -14.57
CA ASP B 257 -17.91 -16.81 -14.78
C ASP B 257 -16.62 -16.53 -15.50
N THR B 258 -15.93 -17.55 -16.00
CA THR B 258 -14.75 -17.16 -16.76
C THR B 258 -15.04 -17.21 -18.26
N THR B 259 -15.47 -16.06 -18.77
CA THR B 259 -15.21 -15.58 -20.11
C THR B 259 -14.24 -14.42 -19.93
N SER B 260 -13.95 -14.14 -18.66
CA SER B 260 -13.44 -12.85 -18.23
C SER B 260 -12.24 -12.37 -19.03
N LEU B 261 -11.22 -13.22 -19.12
CA LEU B 261 -9.99 -12.87 -19.82
C LEU B 261 -10.27 -12.57 -21.30
N GLU B 262 -11.28 -13.23 -21.85
CA GLU B 262 -11.64 -13.03 -23.25
C GLU B 262 -12.37 -11.69 -23.45
N VAL B 263 -13.38 -11.45 -22.61
CA VAL B 263 -14.17 -10.23 -22.72
C VAL B 263 -13.28 -9.00 -22.59
N ILE B 264 -12.51 -8.96 -21.51
CA ILE B 264 -11.62 -7.83 -21.24
C ILE B 264 -10.68 -7.55 -22.41
N ALA B 265 -10.07 -8.60 -22.95
CA ALA B 265 -9.18 -8.41 -24.08
C ALA B 265 -9.89 -7.69 -25.23
N GLU B 266 -11.12 -8.10 -25.52
CA GLU B 266 -11.90 -7.48 -26.58
C GLU B 266 -12.29 -6.06 -26.22
N LEU B 267 -12.80 -5.89 -24.99
CA LEU B 267 -13.15 -4.59 -24.46
C LEU B 267 -11.97 -3.62 -24.52
N ARG B 268 -10.76 -4.15 -24.37
CA ARG B 268 -9.55 -3.33 -24.40
C ARG B 268 -9.25 -2.84 -25.80
N GLU B 269 -9.31 -3.74 -26.77
CA GLU B 269 -9.02 -3.38 -28.17
C GLU B 269 -10.00 -2.36 -28.72
N ASN B 270 -11.24 -2.40 -28.25
CA ASN B 270 -12.25 -1.44 -28.69
C ASN B 270 -12.17 -0.08 -27.99
N LEU B 271 -11.58 -0.06 -26.80
CA LEU B 271 -11.29 1.19 -26.11
C LEU B 271 -9.99 1.80 -26.63
N ASN B 272 -9.09 0.93 -27.09
CA ASN B 272 -7.79 1.34 -27.59
C ASN B 272 -7.87 1.97 -28.97
N VAL B 273 -8.30 1.17 -29.95
CA VAL B 273 -8.24 1.56 -31.35
C VAL B 273 -9.47 2.37 -31.79
N GLN B 274 -10.37 2.66 -30.86
CA GLN B 274 -11.52 3.51 -31.16
C GLN B 274 -12.06 4.20 -29.91
N ASN B 303 -16.57 19.49 -21.01
CA ASN B 303 -17.76 18.70 -20.67
C ASN B 303 -17.74 17.31 -21.28
N SER B 304 -18.03 17.22 -22.58
CA SER B 304 -18.11 15.94 -23.29
C SER B 304 -16.87 15.07 -23.13
N ASP B 305 -15.69 15.66 -23.26
CA ASP B 305 -14.44 14.93 -23.11
C ASP B 305 -14.24 14.47 -21.67
N LYS B 306 -14.31 15.42 -20.74
CA LYS B 306 -14.13 15.14 -19.31
C LYS B 306 -15.14 14.13 -18.76
N ASP B 307 -16.41 14.54 -18.71
CA ASP B 307 -17.45 13.77 -18.06
C ASP B 307 -17.59 12.37 -18.64
N CYS B 308 -17.08 12.19 -19.86
CA CYS B 308 -17.09 10.87 -20.48
C CYS B 308 -15.97 10.01 -19.92
N ILE B 309 -14.74 10.43 -20.18
CA ILE B 309 -13.57 9.68 -19.74
C ILE B 309 -13.53 9.54 -18.23
N VAL B 310 -14.18 10.48 -17.53
CA VAL B 310 -14.25 10.42 -16.07
C VAL B 310 -15.23 9.36 -15.58
N LEU B 311 -16.44 9.39 -16.12
CA LEU B 311 -17.48 8.45 -15.70
C LEU B 311 -17.27 7.04 -16.24
N VAL B 312 -16.53 6.91 -17.34
CA VAL B 312 -16.24 5.60 -17.88
C VAL B 312 -15.18 4.91 -17.04
N PHE B 313 -14.24 5.69 -16.53
CA PHE B 313 -13.17 5.15 -15.71
C PHE B 313 -13.59 4.97 -14.26
N ASP B 314 -14.73 5.55 -13.89
CA ASP B 314 -15.28 5.33 -12.57
C ASP B 314 -15.92 3.95 -12.53
N VAL B 315 -16.45 3.52 -13.67
CA VAL B 315 -17.04 2.20 -13.78
C VAL B 315 -15.96 1.14 -13.94
N ILE B 316 -14.86 1.50 -14.60
CA ILE B 316 -13.77 0.57 -14.85
C ILE B 316 -12.86 0.39 -13.64
N LYS B 317 -12.70 1.46 -12.86
CA LYS B 317 -11.93 1.40 -11.61
C LYS B 317 -12.66 0.59 -10.54
N SER B 318 -13.90 0.96 -10.27
CA SER B 318 -14.69 0.22 -9.29
C SER B 318 -14.83 -1.23 -9.73
N ALA B 319 -14.77 -1.48 -11.03
CA ALA B 319 -14.83 -2.85 -11.53
C ALA B 319 -13.66 -3.68 -11.00
N ILE B 320 -12.45 -3.23 -11.28
CA ILE B 320 -11.26 -3.99 -10.86
C ILE B 320 -11.04 -3.88 -9.35
N ARG B 321 -11.51 -2.80 -8.76
CA ARG B 321 -11.38 -2.59 -7.33
C ARG B 321 -12.14 -3.67 -6.56
N TYR B 322 -13.43 -3.83 -6.89
CA TYR B 322 -14.27 -4.78 -6.17
C TYR B 322 -14.07 -6.23 -6.62
N GLU B 323 -14.08 -6.47 -7.92
CA GLU B 323 -13.99 -7.85 -8.43
C GLU B 323 -12.61 -8.22 -8.94
N LYS B 324 -11.99 -9.19 -8.27
CA LYS B 324 -10.66 -9.65 -8.66
C LYS B 324 -10.69 -10.37 -10.01
N THR B 325 -11.84 -10.95 -10.34
CA THR B 325 -11.99 -11.69 -11.59
C THR B 325 -11.62 -10.80 -12.78
N ILE B 326 -11.79 -9.50 -12.60
CA ILE B 326 -11.51 -8.52 -13.64
C ILE B 326 -10.04 -8.10 -13.61
N SER B 327 -9.63 -7.48 -12.51
CA SER B 327 -8.28 -6.94 -12.39
C SER B 327 -7.23 -7.95 -12.86
N GLU B 328 -7.38 -9.20 -12.46
CA GLU B 328 -6.42 -10.23 -12.85
C GLU B 328 -6.50 -10.55 -14.34
N ALA B 329 -7.68 -10.39 -14.93
CA ALA B 329 -7.86 -10.68 -16.35
C ALA B 329 -7.32 -9.56 -17.23
N TRP B 330 -7.27 -8.35 -16.69
CA TRP B 330 -6.68 -7.21 -17.39
C TRP B 330 -5.16 -7.25 -17.26
N PHE B 331 -4.68 -7.80 -16.15
CA PHE B 331 -3.25 -7.95 -15.91
C PHE B 331 -2.66 -9.01 -16.83
N LYS B 332 -3.42 -10.09 -17.06
CA LYS B 332 -3.00 -11.11 -18.01
C LYS B 332 -3.22 -10.63 -19.44
N ALA B 333 -4.20 -9.76 -19.64
CA ALA B 333 -4.50 -9.24 -20.98
C ALA B 333 -3.41 -8.29 -21.44
N ILE B 334 -2.72 -7.69 -20.48
CA ILE B 334 -1.60 -6.79 -20.76
C ILE B 334 -0.29 -7.53 -21.05
N GLU B 335 -0.04 -8.62 -20.34
CA GLU B 335 1.21 -9.35 -20.52
C GLU B 335 1.26 -10.18 -21.81
N ARG B 336 0.10 -10.52 -22.35
CA ARG B 336 0.05 -11.23 -23.63
C ARG B 336 0.58 -10.35 -24.76
N ILE B 337 0.14 -9.10 -24.77
CA ILE B 337 0.44 -8.20 -25.87
C ILE B 337 1.89 -7.77 -25.89
N GLU B 338 2.65 -8.18 -24.89
CA GLU B 338 4.09 -7.93 -24.88
C GLU B 338 4.73 -8.65 -26.07
N SER B 339 3.95 -9.51 -26.72
CA SER B 339 4.38 -10.14 -27.96
C SER B 339 4.16 -9.23 -29.17
N ALA B 340 3.34 -8.20 -28.98
CA ALA B 340 3.22 -7.13 -29.97
C ALA B 340 3.61 -5.80 -29.34
N ALA B 341 4.75 -5.24 -29.77
CA ALA B 341 5.33 -4.07 -29.13
C ALA B 341 4.56 -2.77 -29.39
N GLU B 342 3.54 -2.82 -30.24
CA GLU B 342 2.81 -1.62 -30.61
C GLU B 342 1.53 -1.34 -29.79
N HIS B 343 1.27 -2.13 -28.76
CA HIS B 343 0.07 -1.94 -27.96
C HIS B 343 -0.03 -0.51 -27.41
N LYS B 344 -1.26 -0.04 -27.27
CA LYS B 344 -1.60 1.38 -27.08
C LYS B 344 -1.29 2.00 -25.71
N SER B 345 -1.73 3.25 -25.53
CA SER B 345 -1.47 4.00 -24.30
C SER B 345 -2.37 3.62 -23.13
N LEU B 346 -3.60 3.22 -23.41
CA LEU B 346 -4.56 2.88 -22.36
C LEU B 346 -4.05 1.79 -21.43
N ASP B 347 -3.03 1.07 -21.87
CA ASP B 347 -2.45 0.00 -21.09
C ASP B 347 -1.65 0.56 -19.91
N VAL B 348 -1.03 1.71 -20.12
CA VAL B 348 -0.24 2.33 -19.06
C VAL B 348 -1.16 2.92 -18.00
N VAL B 349 -2.27 3.49 -18.44
CA VAL B 349 -3.24 4.08 -17.52
C VAL B 349 -3.83 2.99 -16.64
N MET B 350 -4.13 1.86 -17.24
CA MET B 350 -4.78 0.76 -16.54
C MET B 350 -3.85 0.08 -15.54
N LEU B 351 -2.55 0.05 -15.85
CA LEU B 351 -1.56 -0.53 -14.97
C LEU B 351 -1.37 0.31 -13.71
N LEU B 352 -1.55 1.61 -13.82
CA LEU B 352 -1.44 2.49 -12.65
C LEU B 352 -2.63 2.31 -11.72
N ILE B 353 -3.81 2.06 -12.30
CA ILE B 353 -5.01 1.80 -11.53
C ILE B 353 -4.92 0.47 -10.78
N ILE B 354 -4.46 -0.56 -11.48
CA ILE B 354 -4.29 -1.89 -10.89
C ILE B 354 -3.26 -1.86 -9.78
N TYR B 355 -2.23 -1.03 -9.96
CA TYR B 355 -1.16 -0.92 -8.97
C TYR B 355 -1.66 -0.37 -7.64
N SER B 356 -2.59 0.58 -7.71
CA SER B 356 -3.05 1.28 -6.51
C SER B 356 -4.23 0.61 -5.83
N THR B 357 -4.74 -0.47 -6.42
CA THR B 357 -5.88 -1.18 -5.85
C THR B 357 -5.57 -1.95 -4.58
N SER B 358 -4.56 -2.82 -4.63
CA SER B 358 -4.19 -3.66 -3.48
C SER B 358 -2.71 -4.00 -3.46
N THR B 359 -2.21 -4.43 -2.31
CA THR B 359 -0.79 -4.70 -2.12
C THR B 359 -0.32 -5.95 -2.88
N GLN B 360 -1.24 -6.86 -3.17
CA GLN B 360 -0.90 -8.08 -3.90
C GLN B 360 -0.71 -7.81 -5.39
N THR B 361 -1.42 -6.80 -5.89
CA THR B 361 -1.26 -6.37 -7.27
C THR B 361 -0.03 -5.48 -7.43
N LYS B 362 0.42 -4.87 -6.33
CA LYS B 362 1.57 -3.98 -6.36
C LYS B 362 2.84 -4.68 -6.83
N LYS B 363 3.25 -5.72 -6.11
CA LYS B 363 4.48 -6.41 -6.44
C LYS B 363 4.41 -7.11 -7.80
N GLY B 364 3.20 -7.53 -8.19
CA GLY B 364 3.01 -8.20 -9.46
C GLY B 364 3.16 -7.23 -10.63
N VAL B 365 2.47 -6.10 -10.52
CA VAL B 365 2.57 -5.03 -11.50
C VAL B 365 4.01 -4.55 -11.62
N GLU B 366 4.62 -4.31 -10.46
CA GLU B 366 5.95 -3.73 -10.40
C GLU B 366 6.98 -4.51 -11.22
N LYS B 367 7.01 -5.82 -11.08
CA LYS B 367 7.92 -6.63 -11.90
C LYS B 367 7.52 -6.56 -13.37
N LEU B 368 6.23 -6.68 -13.64
CA LEU B 368 5.73 -6.65 -15.02
C LEU B 368 6.11 -5.36 -15.71
N LEU B 369 6.06 -4.26 -14.96
CA LEU B 369 6.36 -2.95 -15.52
C LEU B 369 7.84 -2.85 -15.87
N ARG B 370 8.68 -3.48 -15.06
CA ARG B 370 10.13 -3.51 -15.28
C ARG B 370 10.49 -4.38 -16.47
N ASN B 371 9.82 -5.53 -16.58
CA ASN B 371 10.06 -6.42 -17.71
C ASN B 371 9.52 -5.83 -19.01
N LYS B 372 8.56 -4.91 -18.88
CA LYS B 372 7.99 -4.22 -20.02
C LYS B 372 8.93 -3.14 -20.54
N ILE B 373 9.57 -2.43 -19.61
CA ILE B 373 10.52 -1.38 -19.96
C ILE B 373 11.81 -1.97 -20.52
N GLN B 374 12.19 -3.14 -20.04
CA GLN B 374 13.38 -3.84 -20.54
C GLN B 374 13.05 -4.62 -21.82
N SER B 375 11.77 -4.63 -22.19
CA SER B 375 11.30 -5.23 -23.43
C SER B 375 11.31 -4.19 -24.55
N ASP B 376 11.83 -3.00 -24.23
CA ASP B 376 11.79 -1.85 -25.12
C ASP B 376 10.36 -1.40 -25.34
N CYS B 377 9.52 -1.60 -24.33
CA CYS B 377 8.12 -1.24 -24.44
C CYS B 377 7.73 -0.29 -23.32
N ILE B 378 6.59 0.37 -23.48
CA ILE B 378 6.17 1.42 -22.56
C ILE B 378 7.26 2.49 -22.51
N GLN B 379 7.42 3.20 -23.61
CA GLN B 379 8.45 4.22 -23.72
C GLN B 379 7.89 5.58 -23.36
N GLU B 380 8.71 6.62 -23.49
CA GLU B 380 8.26 7.99 -23.22
C GLU B 380 6.98 8.27 -23.99
N GLN B 381 6.99 7.92 -25.27
CA GLN B 381 5.88 8.20 -26.17
C GLN B 381 4.54 7.78 -25.58
N LEU B 382 4.47 6.55 -25.08
CA LEU B 382 3.22 6.00 -24.54
C LEU B 382 2.82 6.65 -23.23
N LEU B 383 3.77 6.78 -22.31
CA LEU B 383 3.50 7.45 -21.04
C LEU B 383 2.98 8.86 -21.31
N ASP B 384 3.42 9.44 -22.42
CA ASP B 384 2.95 10.76 -22.85
C ASP B 384 1.45 10.79 -23.04
N SER B 385 0.97 10.11 -24.08
CA SER B 385 -0.45 10.11 -24.41
C SER B 385 -1.29 9.58 -23.25
N ALA B 386 -0.69 8.74 -22.42
CA ALA B 386 -1.36 8.22 -21.24
C ALA B 386 -1.68 9.34 -20.25
N PHE B 387 -0.71 10.22 -20.02
CA PHE B 387 -0.90 11.32 -19.06
C PHE B 387 -1.65 12.54 -19.61
N SER B 388 -1.36 12.91 -20.85
CA SER B 388 -1.93 14.13 -21.43
C SER B 388 -3.45 14.05 -21.53
N THR B 389 -3.95 12.86 -21.87
CA THR B 389 -5.39 12.62 -21.96
C THR B 389 -6.01 12.33 -20.59
N HIS B 390 -5.34 11.48 -19.81
CA HIS B 390 -5.96 10.85 -18.66
C HIS B 390 -5.69 11.45 -17.26
N TYR B 391 -4.98 12.57 -17.19
CA TYR B 391 -4.53 13.08 -15.89
C TYR B 391 -5.62 13.16 -14.83
N LEU B 392 -6.84 13.51 -15.25
CA LEU B 392 -7.97 13.61 -14.33
C LEU B 392 -8.32 12.26 -13.69
N VAL B 393 -8.27 11.20 -14.49
CA VAL B 393 -8.53 9.85 -14.00
C VAL B 393 -7.46 9.45 -12.98
N LEU B 394 -6.23 9.88 -13.23
CA LEU B 394 -5.07 9.47 -12.44
C LEU B 394 -4.83 10.33 -11.19
N LYS B 395 -5.62 11.40 -11.03
CA LYS B 395 -5.46 12.31 -9.90
C LYS B 395 -5.65 11.68 -8.52
N ASP B 396 -6.43 10.60 -8.47
CA ASP B 396 -6.70 9.90 -7.21
C ASP B 396 -5.72 8.77 -6.94
N ILE B 397 -4.89 8.47 -7.95
CA ILE B 397 -3.92 7.39 -7.87
C ILE B 397 -2.54 7.90 -7.43
N CYS B 398 -2.48 9.19 -7.10
CA CYS B 398 -1.20 9.90 -6.93
C CYS B 398 -0.16 9.21 -6.05
N PRO B 399 -0.48 8.95 -4.77
CA PRO B 399 0.53 8.43 -3.84
C PRO B 399 1.16 7.11 -4.29
N SER B 400 0.40 6.32 -5.03
CA SER B 400 0.93 5.07 -5.58
C SER B 400 1.86 5.40 -6.74
N ILE B 401 1.42 6.30 -7.62
CA ILE B 401 2.25 6.77 -8.72
C ILE B 401 3.59 7.23 -8.18
N LEU B 402 3.56 7.89 -7.02
CA LEU B 402 4.78 8.33 -6.37
C LEU B 402 5.52 7.18 -5.70
N LEU B 403 4.78 6.15 -5.29
CA LEU B 403 5.42 4.97 -4.73
C LEU B 403 6.03 4.13 -5.85
N LEU B 404 5.42 4.21 -7.03
CA LEU B 404 6.00 3.59 -8.23
C LEU B 404 7.34 4.25 -8.56
N ALA B 405 7.33 5.59 -8.58
CA ALA B 405 8.54 6.34 -8.88
C ALA B 405 9.68 5.84 -8.01
N GLN B 406 9.41 5.69 -6.72
CA GLN B 406 10.42 5.22 -5.79
C GLN B 406 11.05 3.89 -6.20
N THR B 407 10.30 2.82 -6.07
CA THR B 407 10.83 1.48 -6.32
C THR B 407 11.35 1.29 -7.73
N LEU B 408 10.93 2.16 -8.64
CA LEU B 408 11.48 2.19 -10.00
C LEU B 408 12.83 2.92 -9.99
N PHE B 409 12.94 3.93 -9.15
CA PHE B 409 14.16 4.73 -9.05
C PHE B 409 15.32 3.94 -8.47
N HIS B 410 15.01 2.86 -7.76
CA HIS B 410 15.99 2.19 -6.91
C HIS B 410 16.81 1.10 -7.61
N SER B 411 16.67 0.99 -8.92
CA SER B 411 17.40 -0.01 -9.69
C SER B 411 18.46 0.61 -10.60
N GLN B 412 19.46 -0.19 -10.96
CA GLN B 412 20.40 0.20 -11.99
C GLN B 412 19.64 0.08 -13.31
N ASP B 413 20.33 0.15 -14.44
CA ASP B 413 19.64 0.13 -15.73
C ASP B 413 18.73 1.33 -15.90
N GLN B 414 19.34 2.47 -16.22
CA GLN B 414 18.69 3.78 -16.19
C GLN B 414 17.27 3.75 -16.79
N ARG B 415 17.05 2.89 -17.78
CA ARG B 415 15.75 2.82 -18.44
C ARG B 415 14.57 2.80 -17.46
N ILE B 416 14.73 2.06 -16.36
CA ILE B 416 13.69 1.99 -15.32
C ILE B 416 13.68 3.27 -14.49
N ILE B 417 14.87 3.79 -14.19
CA ILE B 417 14.99 5.03 -13.44
C ILE B 417 14.40 6.19 -14.22
N LEU B 418 14.66 6.25 -15.52
CA LEU B 418 14.07 7.28 -16.37
C LEU B 418 12.55 7.24 -16.23
N PHE B 419 11.96 6.09 -16.53
CA PHE B 419 10.52 5.93 -16.43
C PHE B 419 10.02 6.24 -15.03
N GLY B 420 10.85 5.98 -14.03
CA GLY B 420 10.53 6.33 -12.67
C GLY B 420 10.56 7.83 -12.48
N SER B 421 11.41 8.49 -13.25
CA SER B 421 11.51 9.95 -13.21
C SER B 421 10.39 10.58 -14.03
N LEU B 422 10.02 9.95 -15.13
CA LEU B 422 8.91 10.42 -15.96
C LEU B 422 7.59 10.38 -15.19
N LEU B 423 7.50 9.50 -14.20
CA LEU B 423 6.35 9.48 -13.31
C LEU B 423 6.33 10.72 -12.44
N TYR B 424 7.46 10.97 -11.77
CA TYR B 424 7.62 12.14 -10.93
C TYR B 424 7.26 13.43 -11.66
N LYS B 425 7.75 13.56 -12.90
CA LYS B 425 7.56 14.77 -13.69
C LYS B 425 6.11 14.96 -14.16
N TYR B 426 5.57 13.95 -14.84
CA TYR B 426 4.20 14.06 -15.33
C TYR B 426 3.23 14.24 -14.17
N ALA B 427 3.69 13.91 -12.96
CA ALA B 427 2.93 14.16 -11.75
C ALA B 427 2.95 15.66 -11.54
N PHE B 428 4.15 16.19 -11.33
CA PHE B 428 4.33 17.61 -11.14
C PHE B 428 3.55 18.41 -12.19
N LYS B 429 3.59 17.96 -13.44
CA LYS B 429 2.99 18.72 -14.54
C LYS B 429 1.50 19.06 -14.35
N PHE B 430 0.62 18.07 -14.41
CA PHE B 430 -0.80 18.31 -14.16
C PHE B 430 -1.17 17.67 -12.85
N PHE B 431 -1.42 18.50 -11.84
CA PHE B 431 -1.70 18.00 -10.51
C PHE B 431 -1.82 19.08 -9.44
N ASP B 432 -2.25 18.63 -8.26
CA ASP B 432 -2.49 19.49 -7.11
C ASP B 432 -1.20 19.91 -6.41
N THR B 433 -1.25 21.06 -5.75
CA THR B 433 -0.10 21.59 -5.01
C THR B 433 0.48 20.58 -4.03
N TYR B 434 -0.35 20.05 -3.14
CA TYR B 434 0.12 19.08 -2.14
C TYR B 434 0.88 17.93 -2.79
N CYS B 435 0.41 17.53 -3.97
CA CYS B 435 1.12 16.54 -4.77
C CYS B 435 2.48 17.09 -5.21
N GLN B 436 2.49 18.35 -5.63
CA GLN B 436 3.72 18.99 -6.10
C GLN B 436 4.67 19.28 -4.95
N GLN B 437 4.16 19.28 -3.73
CA GLN B 437 5.01 19.49 -2.57
C GLN B 437 5.84 18.25 -2.25
N GLU B 438 5.23 17.08 -2.41
CA GLU B 438 5.94 15.83 -2.15
C GLU B 438 6.85 15.43 -3.29
N VAL B 439 6.41 15.64 -4.53
CA VAL B 439 7.25 15.37 -5.69
C VAL B 439 8.62 16.04 -5.54
N VAL B 440 8.60 17.34 -5.27
CA VAL B 440 9.83 18.10 -5.04
C VAL B 440 10.63 17.50 -3.89
N GLY B 441 9.93 17.11 -2.84
CA GLY B 441 10.56 16.51 -1.68
C GLY B 441 11.17 15.16 -2.00
N ALA B 442 10.40 14.30 -2.66
CA ALA B 442 10.90 12.98 -3.02
C ALA B 442 12.14 13.09 -3.89
N LEU B 443 12.11 14.02 -4.85
CA LEU B 443 13.24 14.24 -5.74
C LEU B 443 14.46 14.78 -5.01
N VAL B 444 14.25 15.77 -4.15
CA VAL B 444 15.34 16.32 -3.35
C VAL B 444 16.05 15.21 -2.59
N THR B 445 15.27 14.27 -2.04
CA THR B 445 15.84 13.17 -1.26
C THR B 445 16.71 12.27 -2.14
N HIS B 446 16.18 11.87 -3.29
CA HIS B 446 16.93 11.05 -4.22
C HIS B 446 18.27 11.69 -4.51
N VAL B 447 18.29 13.02 -4.46
CA VAL B 447 19.49 13.77 -4.75
C VAL B 447 20.53 13.60 -3.65
N CYS B 448 20.12 13.86 -2.41
CA CYS B 448 21.05 13.85 -1.28
C CYS B 448 21.56 12.45 -0.91
N SER B 449 20.63 11.54 -0.66
CA SER B 449 20.98 10.21 -0.20
C SER B 449 21.04 9.15 -1.32
N GLY B 450 20.75 9.56 -2.55
CA GLY B 450 20.67 8.62 -3.65
C GLY B 450 22.01 8.06 -4.11
N THR B 451 21.95 7.24 -5.14
CA THR B 451 23.15 6.66 -5.74
C THR B 451 23.61 7.53 -6.89
N GLU B 452 24.63 7.06 -7.62
CA GLU B 452 25.17 7.78 -8.76
C GLU B 452 24.10 8.24 -9.76
N ALA B 453 23.49 7.27 -10.42
CA ALA B 453 22.46 7.54 -11.41
C ALA B 453 21.28 8.30 -10.80
N GLU B 454 20.80 7.80 -9.66
CA GLU B 454 19.65 8.41 -9.00
C GLU B 454 19.79 9.91 -8.86
N VAL B 455 21.00 10.37 -8.51
CA VAL B 455 21.23 11.79 -8.28
C VAL B 455 21.28 12.59 -9.57
N ASP B 456 21.93 12.03 -10.59
CA ASP B 456 22.00 12.66 -11.90
C ASP B 456 20.60 12.84 -12.48
N THR B 457 19.82 11.76 -12.44
CA THR B 457 18.48 11.76 -13.03
C THR B 457 17.53 12.65 -12.24
N ALA B 458 17.69 12.65 -10.92
CA ALA B 458 16.84 13.49 -10.07
C ALA B 458 17.09 14.98 -10.33
N LEU B 459 18.35 15.33 -10.53
CA LEU B 459 18.72 16.73 -10.78
C LEU B 459 18.40 17.15 -12.21
N ASP B 460 18.18 16.18 -13.08
CA ASP B 460 17.77 16.46 -14.45
C ASP B 460 16.29 16.80 -14.49
N VAL B 461 15.51 16.06 -13.71
CA VAL B 461 14.09 16.33 -13.63
C VAL B 461 13.84 17.64 -12.88
N LEU B 462 14.55 17.84 -11.78
CA LEU B 462 14.37 19.06 -10.99
C LEU B 462 14.66 20.29 -11.81
N LEU B 463 15.49 20.13 -12.84
CA LEU B 463 15.79 21.22 -13.77
C LEU B 463 14.60 21.42 -14.68
N GLU B 464 14.15 20.34 -15.28
CA GLU B 464 13.03 20.37 -16.23
C GLU B 464 11.75 20.87 -15.58
N LEU B 465 11.65 20.71 -14.26
CA LEU B 465 10.48 21.18 -13.53
C LEU B 465 10.37 22.69 -13.56
N ILE B 466 11.50 23.37 -13.42
CA ILE B 466 11.53 24.82 -13.46
C ILE B 466 11.07 25.28 -14.84
N VAL B 467 11.53 24.58 -15.87
CA VAL B 467 11.11 24.86 -17.23
C VAL B 467 9.59 24.70 -17.38
N LEU B 468 9.09 23.54 -16.96
CA LEU B 468 7.64 23.27 -17.00
C LEU B 468 6.82 24.28 -16.19
N ASN B 469 6.99 24.26 -14.87
CA ASN B 469 6.38 25.27 -14.03
C ASN B 469 7.40 25.89 -13.09
N ALA B 470 7.76 27.15 -13.32
CA ALA B 470 8.71 27.83 -12.46
C ALA B 470 8.09 28.41 -11.18
N SER B 471 6.99 29.14 -11.34
CA SER B 471 6.38 29.86 -10.24
C SER B 471 6.04 28.95 -9.07
N ALA B 472 5.62 27.73 -9.40
CA ALA B 472 5.29 26.73 -8.40
C ALA B 472 6.57 26.08 -7.87
N MET B 473 7.57 26.03 -8.73
CA MET B 473 8.85 25.46 -8.37
C MET B 473 9.50 26.29 -7.27
N ARG B 474 9.33 27.61 -7.34
CA ARG B 474 9.98 28.53 -6.41
C ARG B 474 9.30 28.57 -5.04
N LEU B 475 8.03 28.20 -4.99
CA LEU B 475 7.27 28.19 -3.75
C LEU B 475 7.74 27.11 -2.79
N ASN B 476 8.22 26.01 -3.35
CA ASN B 476 8.75 24.92 -2.53
C ASN B 476 10.27 24.93 -2.38
N ALA B 477 10.91 25.97 -2.90
CA ALA B 477 12.37 26.02 -2.99
C ALA B 477 13.09 25.76 -1.67
N ALA B 478 12.40 25.94 -0.55
CA ALA B 478 12.99 25.70 0.76
C ALA B 478 13.57 24.29 0.90
N PHE B 479 12.93 23.33 0.25
CA PHE B 479 13.39 21.94 0.24
C PHE B 479 14.64 21.78 -0.61
N VAL B 480 14.67 22.48 -1.74
CA VAL B 480 15.80 22.41 -2.67
C VAL B 480 17.07 22.96 -2.04
N LYS B 481 16.94 23.99 -1.23
CA LYS B 481 18.08 24.59 -0.53
C LYS B 481 18.78 23.57 0.36
N GLY B 482 17.98 22.69 0.97
CA GLY B 482 18.51 21.67 1.85
C GLY B 482 19.59 20.87 1.16
N ILE B 483 19.51 20.78 -0.16
CA ILE B 483 20.52 20.07 -0.94
C ILE B 483 21.91 20.58 -0.62
N LEU B 484 22.01 21.90 -0.44
CA LEU B 484 23.30 22.55 -0.22
C LEU B 484 24.11 21.91 0.90
N ASP B 485 23.43 21.46 1.94
CA ASP B 485 24.10 20.87 3.09
C ASP B 485 24.79 19.56 2.74
N TYR B 486 24.36 18.92 1.66
CA TYR B 486 24.96 17.65 1.20
C TYR B 486 26.00 17.80 0.09
N LEU B 487 26.33 19.06 -0.25
CA LEU B 487 27.24 19.37 -1.35
C LEU B 487 28.57 18.61 -1.32
N GLU B 488 29.09 18.35 -0.12
CA GLU B 488 30.40 17.74 0.03
C GLU B 488 30.50 16.33 -0.56
N ASN B 489 29.36 15.68 -0.75
CA ASN B 489 29.33 14.30 -1.26
C ASN B 489 29.20 14.15 -2.78
N MET B 490 28.95 15.27 -3.47
CA MET B 490 28.56 15.22 -4.88
C MET B 490 29.75 15.25 -5.83
N SER B 491 29.45 15.16 -7.12
CA SER B 491 30.48 15.16 -8.16
C SER B 491 30.66 16.56 -8.73
N PRO B 492 31.61 16.73 -9.66
CA PRO B 492 31.75 18.02 -10.33
C PRO B 492 30.56 18.32 -11.23
N GLN B 493 30.05 17.30 -11.92
CA GLN B 493 28.91 17.47 -12.81
C GLN B 493 27.69 17.98 -12.07
N GLN B 494 27.44 17.41 -10.90
CA GLN B 494 26.23 17.68 -10.14
C GLN B 494 26.30 19.00 -9.38
N ILE B 495 27.48 19.31 -8.86
CA ILE B 495 27.70 20.61 -8.24
C ILE B 495 27.33 21.68 -9.26
N ARG B 496 27.73 21.46 -10.51
CA ARG B 496 27.37 22.35 -11.61
C ARG B 496 25.87 22.31 -11.83
N LYS B 497 25.29 21.12 -11.68
CA LYS B 497 23.88 20.91 -11.91
C LYS B 497 23.04 21.54 -10.80
N ILE B 498 23.53 21.43 -9.57
CA ILE B 498 22.81 21.91 -8.39
C ILE B 498 22.76 23.44 -8.29
N PHE B 499 23.86 24.10 -8.63
CA PHE B 499 23.88 25.55 -8.60
C PHE B 499 23.10 26.12 -9.76
N CYS B 500 23.09 25.40 -10.88
CA CYS B 500 22.34 25.82 -12.05
C CYS B 500 20.88 26.02 -11.66
N ILE B 501 20.38 25.09 -10.84
CA ILE B 501 18.99 25.09 -10.38
C ILE B 501 18.67 26.19 -9.37
N LEU B 502 19.45 26.26 -8.30
CA LEU B 502 19.19 27.21 -7.22
C LEU B 502 19.27 28.66 -7.69
N SER B 503 20.27 28.97 -8.52
CA SER B 503 20.42 30.33 -9.00
C SER B 503 19.34 30.69 -10.02
N THR B 504 18.91 29.72 -10.81
CA THR B 504 17.84 29.94 -11.78
C THR B 504 16.52 30.26 -11.07
N LEU B 505 16.33 29.69 -9.88
CA LEU B 505 15.15 30.01 -9.07
C LEU B 505 15.29 31.42 -8.49
N ALA B 506 16.46 31.71 -7.95
CA ALA B 506 16.69 32.98 -7.26
C ALA B 506 16.41 34.19 -8.15
N PHE B 507 16.76 34.07 -9.44
CA PHE B 507 16.62 35.18 -10.38
C PHE B 507 15.27 35.22 -11.06
N SER B 508 14.50 34.15 -10.90
CA SER B 508 13.13 34.11 -11.41
C SER B 508 12.22 34.90 -10.48
N GLN B 509 12.49 34.83 -9.18
CA GLN B 509 11.70 35.55 -8.19
C GLN B 509 11.80 37.05 -8.40
N GLN B 510 13.00 37.60 -8.29
CA GLN B 510 13.25 38.99 -8.66
C GLN B 510 14.65 39.21 -9.23
N PRO B 511 14.75 40.07 -10.25
CA PRO B 511 16.05 40.59 -10.71
C PRO B 511 16.57 41.66 -9.74
N GLY B 512 17.87 41.63 -9.45
CA GLY B 512 18.53 42.68 -8.68
C GLY B 512 18.38 42.64 -7.17
N THR B 513 17.40 41.88 -6.69
CA THR B 513 17.16 41.79 -5.25
C THR B 513 17.91 40.58 -4.67
N SER B 514 17.78 40.40 -3.37
CA SER B 514 18.37 39.23 -2.70
C SER B 514 17.40 38.63 -1.69
N ASN B 515 17.07 37.36 -1.92
CA ASN B 515 16.07 36.63 -1.13
C ASN B 515 16.65 35.33 -0.59
N HIS B 516 15.77 34.47 -0.06
CA HIS B 516 16.21 33.27 0.65
C HIS B 516 17.38 32.59 -0.07
N ILE B 517 17.13 32.09 -1.28
CA ILE B 517 18.13 31.33 -2.02
C ILE B 517 19.40 32.12 -2.32
N GLN B 518 19.24 33.34 -2.84
CA GLN B 518 20.37 34.15 -3.25
C GLN B 518 21.43 34.28 -2.16
N ASP B 519 21.01 34.70 -0.98
CA ASP B 519 21.93 34.96 0.13
C ASP B 519 22.69 33.71 0.60
N ASP B 520 21.93 32.68 0.96
CA ASP B 520 22.51 31.48 1.55
C ASP B 520 23.46 30.73 0.62
N MET B 521 23.18 30.76 -0.68
CA MET B 521 24.06 30.11 -1.65
C MET B 521 25.29 30.98 -1.90
N HIS B 522 25.21 32.25 -1.49
CA HIS B 522 26.39 33.11 -1.45
C HIS B 522 27.19 32.80 -0.20
N LEU B 523 26.48 32.40 0.85
CA LEU B 523 27.11 32.09 2.13
C LEU B 523 28.02 30.87 2.03
N VAL B 524 27.48 29.78 1.50
CA VAL B 524 28.24 28.54 1.35
C VAL B 524 29.36 28.71 0.34
N ILE B 525 29.12 29.53 -0.68
CA ILE B 525 30.13 29.78 -1.70
C ILE B 525 31.37 30.42 -1.08
N ARG B 526 31.16 31.27 -0.09
CA ARG B 526 32.27 31.89 0.62
C ARG B 526 32.98 30.87 1.48
N LYS B 527 32.20 30.12 2.25
CA LYS B 527 32.77 29.17 3.18
C LYS B 527 33.47 28.02 2.48
N GLN B 528 33.12 27.79 1.21
CA GLN B 528 33.77 26.75 0.41
C GLN B 528 35.10 27.18 -0.21
N LEU B 529 35.16 28.40 -0.70
CA LEU B 529 36.36 28.91 -1.37
C LEU B 529 37.54 29.03 -0.41
N SER B 530 37.24 29.20 0.88
CA SER B 530 38.25 29.54 1.87
C SER B 530 38.90 28.35 2.57
N SER B 531 38.56 27.14 2.13
CA SER B 531 39.16 25.91 2.64
C SER B 531 40.52 25.61 1.99
N THR B 532 41.42 25.05 2.79
CA THR B 532 42.72 24.60 2.31
C THR B 532 42.58 23.35 1.44
N VAL B 533 41.65 22.48 1.82
CA VAL B 533 41.44 21.21 1.13
C VAL B 533 40.78 21.47 -0.20
N PHE B 534 41.37 20.93 -1.27
CA PHE B 534 40.89 21.15 -2.62
C PHE B 534 39.45 20.66 -2.81
N LYS B 535 39.14 19.52 -2.22
CA LYS B 535 37.80 18.95 -2.34
C LYS B 535 36.72 20.00 -2.04
N TYR B 536 36.98 20.86 -1.05
CA TYR B 536 35.99 21.88 -0.68
C TYR B 536 36.14 23.18 -1.48
N LYS B 537 37.26 23.34 -2.17
CA LYS B 537 37.43 24.48 -3.06
C LYS B 537 36.73 24.16 -4.38
N LEU B 538 36.74 22.89 -4.73
CA LEU B 538 36.07 22.42 -5.93
C LEU B 538 34.62 22.89 -5.91
N ILE B 539 34.01 22.85 -4.72
CA ILE B 539 32.62 23.23 -4.54
C ILE B 539 32.39 24.72 -4.75
N GLY B 540 33.28 25.54 -4.19
CA GLY B 540 33.17 26.97 -4.35
C GLY B 540 33.49 27.43 -5.75
N ILE B 541 34.56 26.89 -6.32
CA ILE B 541 35.00 27.30 -7.65
C ILE B 541 33.93 27.04 -8.70
N ILE B 542 33.33 25.87 -8.65
CA ILE B 542 32.28 25.51 -9.60
C ILE B 542 30.98 26.25 -9.31
N GLY B 543 30.58 26.26 -8.05
CA GLY B 543 29.35 26.91 -7.65
C GLY B 543 29.33 28.40 -7.91
N ALA B 544 30.49 29.06 -7.74
CA ALA B 544 30.58 30.50 -7.89
C ALA B 544 30.59 30.91 -9.35
N VAL B 545 31.34 30.16 -10.16
CA VAL B 545 31.40 30.43 -11.59
C VAL B 545 30.06 30.13 -12.24
N THR B 546 29.30 29.20 -11.66
CA THR B 546 27.97 28.88 -12.18
C THR B 546 26.97 30.01 -11.88
N MET B 547 26.96 30.49 -10.64
CA MET B 547 26.15 31.65 -10.28
C MET B 547 26.41 32.81 -11.22
N ALA B 548 27.66 33.29 -11.20
CA ALA B 548 28.09 34.38 -12.06
C ALA B 548 27.65 34.12 -13.50
N GLY B 549 27.79 32.87 -13.94
CA GLY B 549 27.40 32.50 -15.27
C GLY B 549 25.93 32.77 -15.55
N ILE B 550 25.08 32.45 -14.59
CA ILE B 550 23.63 32.59 -14.75
C ILE B 550 23.16 34.03 -14.57
N MET B 551 23.84 34.77 -13.71
CA MET B 551 23.44 36.15 -13.46
C MET B 551 24.02 37.08 -14.52
N ALA B 552 24.75 36.49 -15.46
CA ALA B 552 25.33 37.25 -16.56
C ALA B 552 24.32 37.48 -17.68
N GLU B 553 23.16 36.87 -17.57
CA GLU B 553 22.13 36.96 -18.61
C GLU B 553 22.72 36.72 -19.99
N SER B 570 24.95 47.97 -15.40
CA SER B 570 25.92 48.55 -14.47
C SER B 570 25.94 47.78 -13.16
N GLU B 571 24.76 47.54 -12.58
CA GLU B 571 24.65 46.78 -11.35
C GLU B 571 24.79 45.29 -11.60
N GLN B 572 24.56 44.88 -12.84
CA GLN B 572 24.63 43.47 -13.20
C GLN B 572 26.08 43.02 -13.33
N ARG B 573 26.88 43.83 -14.02
CA ARG B 573 28.27 43.50 -14.31
C ARG B 573 29.15 43.61 -13.05
N THR B 574 28.89 44.61 -12.22
CA THR B 574 29.67 44.80 -10.99
C THR B 574 29.43 43.67 -9.98
N GLN B 575 28.20 43.16 -9.95
CA GLN B 575 27.87 42.03 -9.08
C GLN B 575 28.61 40.79 -9.57
N VAL B 576 28.46 40.48 -10.85
CA VAL B 576 29.09 39.34 -11.49
C VAL B 576 30.61 39.42 -11.41
N THR B 577 31.15 40.58 -11.72
CA THR B 577 32.60 40.79 -11.68
C THR B 577 33.16 40.53 -10.29
N SER B 578 32.55 41.13 -9.26
CA SER B 578 33.04 40.97 -7.89
C SER B 578 32.99 39.52 -7.47
N LEU B 579 32.05 38.77 -8.05
CA LEU B 579 31.89 37.35 -7.75
C LEU B 579 32.97 36.53 -8.44
N LEU B 580 33.35 36.94 -9.64
CA LEU B 580 34.38 36.26 -10.42
C LEU B 580 35.80 36.54 -9.95
N GLN B 581 36.04 37.74 -9.44
CA GLN B 581 37.36 38.12 -8.94
C GLN B 581 37.63 37.47 -7.58
N LEU B 582 36.58 37.29 -6.79
CA LEU B 582 36.69 36.61 -5.51
C LEU B 582 37.07 35.15 -5.75
N VAL B 583 36.77 34.64 -6.94
CA VAL B 583 37.12 33.28 -7.29
C VAL B 583 38.59 33.19 -7.70
N HIS B 584 39.03 34.16 -8.49
CA HIS B 584 40.38 34.16 -9.03
C HIS B 584 41.45 34.39 -7.96
N SER B 585 41.08 35.05 -6.88
CA SER B 585 42.00 35.31 -5.78
C SER B 585 42.18 34.09 -4.89
N CYS B 586 41.13 33.28 -4.79
CA CYS B 586 41.17 32.05 -4.01
C CYS B 586 41.87 30.93 -4.78
N THR B 587 41.71 30.94 -6.09
CA THR B 587 42.12 29.82 -6.93
C THR B 587 43.54 29.96 -7.48
N GLU B 588 44.15 31.13 -7.28
CA GLU B 588 45.41 31.46 -7.95
C GLU B 588 46.64 30.83 -7.31
N HIS B 589 46.56 30.48 -6.04
CA HIS B 589 47.72 29.95 -5.33
C HIS B 589 48.06 28.51 -5.70
N SER B 590 47.05 27.68 -5.90
CA SER B 590 47.28 26.29 -6.28
C SER B 590 47.03 26.07 -7.78
N PRO B 591 48.01 25.47 -8.48
CA PRO B 591 47.87 25.24 -9.92
C PRO B 591 46.72 24.28 -10.26
N TRP B 592 46.26 23.52 -9.27
CA TRP B 592 45.09 22.66 -9.45
C TRP B 592 43.84 23.51 -9.57
N ALA B 593 43.67 24.39 -8.59
CA ALA B 593 42.48 25.22 -8.49
C ALA B 593 42.35 26.18 -9.66
N SER B 594 43.44 26.87 -10.00
CA SER B 594 43.38 27.89 -11.04
C SER B 594 43.06 27.31 -12.42
N SER B 595 43.49 26.07 -12.66
CA SER B 595 43.20 25.40 -13.93
C SER B 595 41.70 25.06 -13.97
N LEU B 596 41.16 24.65 -12.83
CA LEU B 596 39.74 24.39 -12.72
C LEU B 596 38.93 25.65 -13.02
N TYR B 597 39.24 26.72 -12.30
CA TYR B 597 38.55 28.00 -12.46
C TYR B 597 38.62 28.50 -13.89
N TYR B 598 39.69 28.16 -14.59
CA TYR B 598 39.85 28.54 -15.98
C TYR B 598 38.99 27.67 -16.88
N ASP B 599 38.77 26.43 -16.47
CA ASP B 599 37.91 25.52 -17.22
C ASP B 599 36.43 25.79 -16.91
N GLU B 600 36.15 26.22 -15.70
CA GLU B 600 34.79 26.57 -15.31
C GLU B 600 34.42 27.92 -15.93
N PHE B 601 35.43 28.74 -16.17
CA PHE B 601 35.25 30.00 -16.86
C PHE B 601 35.10 29.76 -18.35
N ALA B 602 35.82 28.75 -18.84
CA ALA B 602 35.75 28.36 -20.24
C ALA B 602 34.40 27.74 -20.56
N ASN B 603 33.75 27.16 -19.55
CA ASN B 603 32.41 26.66 -19.72
C ASN B 603 31.40 27.79 -19.85
N LEU B 604 31.43 28.69 -18.88
CA LEU B 604 30.43 29.75 -18.79
C LEU B 604 30.43 30.66 -20.03
N ILE B 605 31.55 30.76 -20.71
CA ILE B 605 31.63 31.62 -21.89
C ILE B 605 31.05 31.00 -23.16
N GLN B 606 31.25 29.70 -23.36
CA GLN B 606 30.77 29.04 -24.56
C GLN B 606 29.28 28.67 -24.49
N GLU B 607 28.77 28.48 -23.29
CA GLU B 607 27.38 28.06 -23.13
C GLU B 607 26.39 29.22 -23.17
N ARG B 608 26.36 30.02 -22.10
CA ARG B 608 25.39 31.10 -22.02
C ARG B 608 25.73 32.26 -22.95
N LYS B 609 24.69 32.90 -23.45
CA LYS B 609 24.85 34.08 -24.29
C LYS B 609 24.81 35.32 -23.39
N LEU B 610 25.95 35.95 -23.24
CA LEU B 610 26.07 37.11 -22.37
C LEU B 610 26.12 38.41 -23.16
N ALA B 611 26.19 39.53 -22.44
CA ALA B 611 26.27 40.83 -23.09
C ALA B 611 27.68 41.09 -23.60
N PRO B 612 27.79 41.49 -24.87
CA PRO B 612 29.08 41.81 -25.48
C PRO B 612 29.85 42.83 -24.67
N LYS B 613 29.14 43.61 -23.86
CA LYS B 613 29.76 44.58 -22.96
C LYS B 613 30.29 43.94 -21.68
N THR B 614 29.63 42.90 -21.20
CA THR B 614 30.12 42.17 -20.03
C THR B 614 31.23 41.19 -20.45
N LEU B 615 31.16 40.74 -21.69
CA LEU B 615 32.14 39.80 -22.25
C LEU B 615 33.46 40.50 -22.55
N GLU B 616 33.37 41.77 -22.90
CA GLU B 616 34.54 42.56 -23.27
C GLU B 616 35.22 43.14 -22.03
N TRP B 617 34.61 42.93 -20.87
CA TRP B 617 35.19 43.38 -19.60
C TRP B 617 36.22 42.37 -19.10
N VAL B 618 35.74 41.18 -18.77
CA VAL B 618 36.60 40.12 -18.24
C VAL B 618 37.50 39.55 -19.32
N GLY B 619 37.26 39.95 -20.56
CA GLY B 619 38.04 39.46 -21.68
C GLY B 619 39.42 40.07 -21.83
N GLN B 620 39.57 41.31 -21.35
CA GLN B 620 40.82 42.05 -21.50
C GLN B 620 41.98 41.40 -20.75
N THR B 621 41.74 41.02 -19.51
CA THR B 621 42.77 40.42 -18.66
C THR B 621 43.29 39.12 -19.25
N ILE B 622 42.41 38.37 -19.90
CA ILE B 622 42.75 37.04 -20.41
C ILE B 622 43.82 37.06 -21.49
N PHE B 623 43.78 38.05 -22.36
CA PHE B 623 44.75 38.14 -23.45
C PHE B 623 46.15 38.47 -22.92
N ASN B 624 46.21 39.39 -21.97
CA ASN B 624 47.50 39.77 -21.36
C ASN B 624 48.05 38.69 -20.43
N ASP B 625 47.21 38.21 -19.52
CA ASP B 625 47.63 37.17 -18.59
C ASP B 625 48.25 35.99 -19.33
N PHE B 626 47.69 35.65 -20.49
CA PHE B 626 48.13 34.48 -21.24
C PHE B 626 49.49 34.67 -21.90
N GLN B 627 49.66 35.78 -22.62
CA GLN B 627 50.94 36.07 -23.27
C GLN B 627 52.03 36.17 -22.21
N ASP B 628 51.69 36.74 -21.07
CA ASP B 628 52.62 36.89 -19.96
C ASP B 628 53.18 35.54 -19.52
N ALA B 629 52.31 34.69 -19.00
CA ALA B 629 52.76 33.40 -18.47
C ALA B 629 53.42 32.50 -19.50
N PHE B 630 52.72 32.18 -20.59
CA PHE B 630 53.17 31.12 -21.48
C PHE B 630 53.92 31.48 -22.77
N VAL B 631 54.04 32.76 -23.10
CA VAL B 631 54.53 33.14 -24.43
C VAL B 631 55.90 33.83 -24.49
N VAL B 632 56.77 33.30 -25.34
CA VAL B 632 58.15 33.78 -25.47
C VAL B 632 58.56 33.89 -26.94
N ASP B 633 59.68 34.58 -27.19
CA ASP B 633 60.18 34.77 -28.55
C ASP B 633 61.03 33.59 -29.05
N PHE B 634 61.54 33.69 -30.27
CA PHE B 634 62.12 32.51 -30.93
C PHE B 634 63.57 32.19 -30.63
N CYS B 635 64.21 32.91 -29.71
CA CYS B 635 65.59 32.55 -29.40
C CYS B 635 65.56 31.04 -29.13
N ALA B 636 66.36 30.30 -29.90
CA ALA B 636 66.28 28.84 -29.91
C ALA B 636 67.02 28.31 -28.71
N ALA B 637 67.81 29.20 -28.09
CA ALA B 637 68.43 28.89 -26.83
C ALA B 637 67.61 29.53 -25.72
N PRO B 638 66.85 28.71 -24.99
CA PRO B 638 66.16 29.19 -23.79
C PRO B 638 67.13 29.31 -22.63
N GLU B 639 66.81 30.18 -21.67
CA GLU B 639 67.68 30.42 -20.53
C GLU B 639 67.55 29.30 -19.50
N GLY B 640 68.64 28.98 -18.82
CA GLY B 640 68.63 28.00 -17.75
C GLY B 640 69.29 26.67 -18.11
N ASP B 641 69.69 25.92 -17.09
CA ASP B 641 70.36 24.64 -17.29
C ASP B 641 69.39 23.47 -17.23
N PHE B 642 69.13 22.87 -18.38
CA PHE B 642 68.33 21.67 -18.45
C PHE B 642 69.18 20.54 -19.03
N PRO B 643 69.42 19.47 -18.25
CA PRO B 643 70.26 18.41 -18.84
C PRO B 643 69.52 17.68 -19.98
N PHE B 644 69.01 18.45 -20.91
CA PHE B 644 68.45 17.94 -22.16
C PHE B 644 68.67 18.95 -23.28
N PRO B 645 68.75 18.46 -24.54
CA PRO B 645 68.84 19.37 -25.68
C PRO B 645 67.48 20.03 -25.94
N VAL B 646 67.20 21.09 -25.19
CA VAL B 646 65.93 21.79 -25.31
C VAL B 646 65.90 22.67 -26.55
N LYS B 647 64.98 22.39 -27.45
CA LYS B 647 64.79 23.20 -28.64
C LYS B 647 63.36 23.77 -28.63
N ALA B 648 63.02 24.54 -29.67
CA ALA B 648 61.64 24.95 -29.85
C ALA B 648 61.05 23.99 -30.88
N LEU B 649 60.17 23.12 -30.42
CA LEU B 649 59.81 21.93 -31.20
C LEU B 649 58.46 21.97 -31.90
N TYR B 650 58.49 21.52 -33.14
CA TYR B 650 57.30 21.36 -33.97
C TYR B 650 56.30 22.52 -34.04
N GLY B 651 56.71 23.59 -34.70
CA GLY B 651 55.76 24.54 -35.25
C GLY B 651 55.35 23.93 -36.58
N LEU B 652 54.72 24.71 -37.44
CA LEU B 652 54.35 24.21 -38.75
C LEU B 652 55.40 24.49 -39.81
N GLU B 653 56.35 25.35 -39.46
CA GLU B 653 57.46 25.74 -40.33
C GLU B 653 57.00 26.47 -41.59
N GLU B 654 55.70 26.47 -41.84
CA GLU B 654 55.12 27.32 -42.86
C GLU B 654 55.03 28.68 -42.20
N TYR B 655 55.00 28.65 -40.87
CA TYR B 655 55.18 29.85 -40.06
C TYR B 655 56.66 30.18 -40.07
N SER B 656 56.98 31.45 -40.29
CA SER B 656 58.35 31.86 -40.55
C SER B 656 59.37 31.38 -39.51
N THR B 657 60.53 30.93 -39.99
CA THR B 657 61.62 30.53 -39.12
C THR B 657 62.15 31.72 -38.32
N GLN B 658 62.38 32.83 -39.01
CA GLN B 658 62.72 34.07 -38.34
C GLN B 658 61.40 34.72 -37.93
N ASP B 659 61.21 34.84 -36.62
CA ASP B 659 59.92 35.26 -36.08
C ASP B 659 59.92 35.17 -34.56
N GLY B 660 58.93 35.81 -33.95
CA GLY B 660 58.82 35.86 -32.51
C GLY B 660 58.29 34.67 -31.71
N ILE B 661 57.13 34.14 -32.07
CA ILE B 661 56.36 33.31 -31.11
C ILE B 661 56.70 31.82 -30.90
N VAL B 662 56.93 31.47 -29.63
CA VAL B 662 57.15 30.09 -29.19
C VAL B 662 56.62 29.92 -27.75
N ILE B 663 56.02 28.77 -27.45
CA ILE B 663 55.48 28.53 -26.10
C ILE B 663 56.51 28.03 -25.09
N ASN B 664 56.34 28.44 -23.84
CA ASN B 664 57.38 28.38 -22.81
C ASN B 664 57.49 27.09 -22.00
N LEU B 665 56.79 26.05 -22.45
CA LEU B 665 56.49 24.86 -21.66
C LEU B 665 57.62 24.33 -20.77
N LEU B 666 58.72 23.85 -21.36
CA LEU B 666 59.78 23.21 -20.58
C LEU B 666 60.39 24.08 -19.45
N PRO B 667 60.91 25.26 -19.80
CA PRO B 667 61.46 26.14 -18.76
C PRO B 667 60.48 26.38 -17.61
N LEU B 668 59.19 26.39 -17.91
CA LEU B 668 58.14 26.57 -16.92
C LEU B 668 57.88 25.31 -16.11
N PHE B 669 57.83 24.17 -16.79
CA PHE B 669 57.52 22.90 -16.13
C PHE B 669 58.70 22.36 -15.34
N TYR B 670 59.90 22.80 -15.69
CA TYR B 670 61.11 22.37 -14.99
C TYR B 670 61.26 23.12 -13.67
N GLN B 671 60.97 24.42 -13.71
CA GLN B 671 61.06 25.28 -12.52
C GLN B 671 60.03 24.88 -11.46
N GLU B 672 58.86 24.44 -11.92
CA GLU B 672 57.80 23.98 -11.03
C GLU B 672 58.19 22.67 -10.34
N CYS B 673 58.81 21.78 -11.10
CA CYS B 673 59.25 20.49 -10.57
C CYS B 673 60.28 20.67 -9.45
N ALA B 674 61.39 21.34 -9.78
CA ALA B 674 62.45 21.57 -8.79
C ALA B 674 61.92 22.42 -7.63
N LYS B 675 61.29 23.55 -7.96
CA LYS B 675 60.74 24.45 -6.95
C LYS B 675 59.23 24.62 -7.09
N SER B 691 51.01 26.52 -12.77
CA SER B 691 50.95 27.60 -13.73
C SER B 691 51.15 27.10 -15.16
N SER B 692 52.15 26.23 -15.34
CA SER B 692 52.34 25.58 -16.63
C SER B 692 51.28 24.49 -16.80
N LEU B 693 50.55 24.23 -15.71
CA LEU B 693 49.45 23.28 -15.72
C LEU B 693 48.13 23.99 -16.05
N CYS B 694 48.21 25.32 -16.07
CA CYS B 694 47.07 26.16 -16.42
C CYS B 694 47.11 26.59 -17.87
N LEU B 695 48.11 26.10 -18.60
CA LEU B 695 48.30 26.51 -20.00
C LEU B 695 47.11 26.14 -20.86
N ALA B 696 46.72 24.87 -20.84
CA ALA B 696 45.61 24.41 -21.67
C ALA B 696 44.28 25.04 -21.27
N SER B 697 44.02 25.11 -19.97
CA SER B 697 42.79 25.72 -19.48
C SER B 697 42.72 27.19 -19.90
N HIS B 698 43.84 27.88 -19.84
CA HIS B 698 43.86 29.30 -20.19
C HIS B 698 43.69 29.49 -21.69
N PHE B 699 44.19 28.53 -22.46
CA PHE B 699 44.04 28.60 -23.90
C PHE B 699 42.59 28.48 -24.32
N ARG B 700 41.87 27.55 -23.71
CA ARG B 700 40.45 27.38 -24.03
C ARG B 700 39.68 28.64 -23.69
N LEU B 701 39.95 29.21 -22.50
CA LEU B 701 39.28 30.43 -22.06
C LEU B 701 39.52 31.58 -23.04
N LEU B 702 40.79 31.91 -23.27
CA LEU B 702 41.17 32.91 -24.25
C LEU B 702 40.55 32.60 -25.60
N ARG B 703 40.62 31.33 -25.99
CA ARG B 703 40.12 30.90 -27.29
C ARG B 703 38.64 31.20 -27.43
N LEU B 704 37.87 31.03 -26.36
CA LEU B 704 36.45 31.32 -26.39
C LEU B 704 36.15 32.80 -26.22
N CYS B 705 37.07 33.52 -25.58
CA CYS B 705 36.87 34.95 -25.39
C CYS B 705 36.97 35.70 -26.70
N VAL B 706 38.03 35.44 -27.46
CA VAL B 706 38.19 36.07 -28.75
C VAL B 706 37.08 35.63 -29.71
N ALA B 707 36.80 34.33 -29.75
CA ALA B 707 35.79 33.78 -30.63
C ALA B 707 34.42 34.42 -30.44
N ARG B 708 34.07 34.69 -29.17
CA ARG B 708 32.77 35.28 -28.86
C ARG B 708 32.70 36.80 -29.10
N GLN B 709 33.84 37.47 -29.00
CA GLN B 709 33.87 38.89 -29.36
C GLN B 709 34.17 39.13 -30.84
N HIS B 710 34.68 38.12 -31.53
CA HIS B 710 34.94 38.28 -32.97
C HIS B 710 33.96 37.61 -33.94
N ASP B 711 32.92 36.97 -33.43
CA ASP B 711 31.99 36.25 -34.29
C ASP B 711 32.53 34.87 -34.63
N GLY B 712 33.70 34.57 -34.08
CA GLY B 712 34.37 33.31 -34.37
C GLY B 712 35.63 33.48 -35.20
N ASN B 713 36.01 34.72 -35.47
CA ASN B 713 37.29 34.97 -36.11
C ASN B 713 38.42 34.89 -35.09
N LEU B 714 39.31 33.94 -35.30
CA LEU B 714 40.42 33.73 -34.37
C LEU B 714 41.69 34.45 -34.80
N ASP B 715 41.59 35.27 -35.85
CA ASP B 715 42.79 35.80 -36.51
C ASP B 715 43.87 36.27 -35.54
N GLU B 716 43.48 36.93 -34.46
CA GLU B 716 44.48 37.47 -33.53
C GLU B 716 45.32 36.37 -32.89
N ILE B 717 44.68 35.24 -32.62
CA ILE B 717 45.34 34.13 -31.96
C ILE B 717 45.97 33.14 -32.95
N ASP B 718 45.67 33.31 -34.24
CA ASP B 718 45.98 32.29 -35.24
C ASP B 718 47.44 31.84 -35.20
N GLY B 719 48.31 32.71 -34.69
CA GLY B 719 49.71 32.37 -34.56
C GLY B 719 49.95 31.27 -33.54
N LEU B 720 48.96 31.05 -32.66
CA LEU B 720 49.09 30.04 -31.61
C LEU B 720 49.00 28.62 -32.15
N LEU B 721 48.35 28.47 -33.30
CA LEU B 721 48.28 27.18 -33.97
C LEU B 721 49.56 26.90 -34.75
N ASP B 722 50.33 27.95 -35.02
CA ASP B 722 51.60 27.83 -35.75
C ASP B 722 52.80 27.65 -34.82
N CYS B 723 52.55 27.73 -33.52
CA CYS B 723 53.60 27.74 -32.52
C CYS B 723 54.36 26.44 -32.39
N PRO B 724 55.67 26.55 -32.09
CA PRO B 724 56.43 25.45 -31.52
C PRO B 724 56.40 25.58 -29.99
N LEU B 725 56.95 24.60 -29.30
CA LEU B 725 57.05 24.65 -27.86
C LEU B 725 58.50 24.41 -27.51
N PHE B 726 58.93 24.86 -26.33
CA PHE B 726 60.30 24.64 -25.92
C PHE B 726 60.32 23.33 -25.18
N LEU B 727 60.92 22.33 -25.83
CA LEU B 727 60.85 20.97 -25.33
C LEU B 727 62.11 20.19 -25.65
N PRO B 728 62.48 19.24 -24.79
CA PRO B 728 63.50 18.27 -25.16
C PRO B 728 62.87 17.34 -26.17
N ASP B 729 63.66 16.58 -26.93
CA ASP B 729 63.02 15.64 -27.83
C ASP B 729 62.29 14.62 -27.00
N LEU B 730 60.99 14.49 -27.23
CA LEU B 730 60.20 13.46 -26.59
C LEU B 730 60.12 12.26 -27.52
N GLU B 731 60.52 12.43 -28.78
CA GLU B 731 59.95 11.61 -29.84
C GLU B 731 60.20 10.11 -29.67
N PRO B 732 61.43 9.64 -29.87
CA PRO B 732 61.73 8.32 -29.30
C PRO B 732 62.11 8.42 -27.84
N GLY B 733 61.82 7.34 -27.11
CA GLY B 733 62.54 7.02 -25.92
C GLY B 733 63.33 5.79 -26.32
N GLU B 734 63.30 5.50 -27.63
CA GLU B 734 63.75 4.21 -28.19
C GLU B 734 65.26 3.96 -28.12
N LYS B 735 66.05 4.95 -28.51
CA LYS B 735 67.50 4.84 -28.34
C LYS B 735 67.85 5.11 -26.88
N LEU B 736 67.07 5.99 -26.26
CA LEU B 736 67.33 6.47 -24.91
C LEU B 736 66.72 5.54 -23.85
N GLU B 737 66.15 4.42 -24.30
CA GLU B 737 65.48 3.47 -23.39
C GLU B 737 66.42 3.02 -22.28
N SER B 738 65.83 2.76 -21.12
CA SER B 738 66.59 2.36 -19.93
C SER B 738 67.53 3.46 -19.42
N MET B 739 67.23 4.72 -19.76
CA MET B 739 67.80 5.85 -19.05
C MET B 739 66.65 6.58 -18.39
N SER B 740 66.59 6.55 -17.06
CA SER B 740 65.30 6.68 -16.36
C SER B 740 65.32 7.43 -15.03
N ALA B 741 64.26 7.17 -14.26
CA ALA B 741 63.83 7.95 -13.10
C ALA B 741 63.31 9.32 -13.50
N LYS B 742 63.83 10.38 -12.88
CA LYS B 742 63.29 11.71 -13.11
C LYS B 742 63.06 11.96 -14.60
N ASP B 743 63.99 11.51 -15.43
CA ASP B 743 63.91 11.74 -16.86
C ASP B 743 62.72 11.04 -17.50
N ARG B 744 62.35 9.88 -16.98
CA ARG B 744 61.23 9.15 -17.56
C ARG B 744 59.87 9.67 -17.10
N SER B 745 59.82 10.32 -15.95
CA SER B 745 58.58 10.95 -15.52
C SER B 745 58.43 12.31 -16.19
N LEU B 746 59.56 12.86 -16.63
CA LEU B 746 59.58 14.15 -17.32
C LEU B 746 59.24 14.01 -18.80
N MET B 747 59.75 12.98 -19.44
CA MET B 747 59.43 12.75 -20.84
C MET B 747 57.97 12.30 -21.00
N CYS B 748 57.42 11.69 -19.96
CA CYS B 748 56.03 11.21 -20.02
C CYS B 748 55.05 12.38 -19.97
N SER B 749 55.20 13.24 -18.97
CA SER B 749 54.28 14.35 -18.79
C SER B 749 54.52 15.51 -19.77
N LEU B 750 55.76 15.67 -20.23
CA LEU B 750 56.04 16.65 -21.26
C LEU B 750 55.37 16.24 -22.56
N THR B 751 55.38 14.94 -22.83
CA THR B 751 54.67 14.39 -23.98
C THR B 751 53.20 14.61 -23.76
N PHE B 752 52.80 14.37 -22.51
CA PHE B 752 51.43 14.49 -22.08
C PHE B 752 50.93 15.93 -22.21
N LEU B 753 51.62 16.85 -21.54
CA LEU B 753 51.20 18.25 -21.54
C LEU B 753 51.05 18.81 -22.95
N THR B 754 52.01 18.50 -23.80
CA THR B 754 51.99 18.92 -25.20
C THR B 754 50.81 18.30 -25.94
N PHE B 755 50.60 17.01 -25.70
CA PHE B 755 49.50 16.28 -26.30
C PHE B 755 48.17 16.97 -26.00
N ASN B 756 48.03 17.52 -24.80
CA ASN B 756 46.83 18.24 -24.43
C ASN B 756 46.75 19.59 -25.11
N TRP B 757 47.89 20.25 -25.26
CA TRP B 757 47.95 21.52 -25.97
C TRP B 757 47.41 21.36 -27.38
N PHE B 758 48.00 20.45 -28.14
CA PHE B 758 47.54 20.22 -29.49
C PHE B 758 46.23 19.44 -29.53
N ARG B 759 45.78 19.00 -28.36
CA ARG B 759 44.44 18.46 -28.28
C ARG B 759 43.45 19.62 -28.20
N GLU B 760 43.83 20.67 -27.47
CA GLU B 760 42.99 21.84 -27.32
C GLU B 760 43.05 22.78 -28.52
N VAL B 761 44.16 22.75 -29.25
CA VAL B 761 44.32 23.61 -30.40
C VAL B 761 43.46 23.13 -31.55
N VAL B 762 43.32 21.82 -31.68
CA VAL B 762 42.42 21.26 -32.68
C VAL B 762 40.99 21.64 -32.35
N ASN B 763 40.71 21.87 -31.06
CA ASN B 763 39.40 22.33 -30.64
C ASN B 763 39.14 23.74 -31.12
N ALA B 764 40.19 24.56 -31.12
CA ALA B 764 40.08 25.96 -31.51
C ALA B 764 39.83 26.14 -33.01
N PHE B 765 40.71 25.58 -33.83
CA PHE B 765 40.75 25.91 -35.25
C PHE B 765 40.02 24.97 -36.20
N CYS B 766 39.31 23.99 -35.65
CA CYS B 766 38.53 23.06 -36.47
C CYS B 766 37.38 23.76 -37.18
N GLN B 767 36.89 24.83 -36.57
CA GLN B 767 35.74 25.55 -37.10
C GLN B 767 36.11 26.62 -38.12
N GLN B 768 37.39 26.95 -38.21
CA GLN B 768 37.82 28.04 -39.07
C GLN B 768 37.55 27.77 -40.55
N THR B 769 37.35 28.85 -41.30
CA THR B 769 36.95 28.80 -42.71
C THR B 769 38.07 28.47 -43.69
N SER B 770 39.09 29.32 -43.73
CA SER B 770 40.13 29.25 -44.76
C SER B 770 40.75 27.87 -44.92
N PRO B 771 41.03 27.49 -46.18
CA PRO B 771 41.57 26.17 -46.55
C PRO B 771 42.99 25.95 -46.09
N GLU B 772 43.75 27.03 -45.93
CA GLU B 772 45.09 26.94 -45.35
C GLU B 772 44.95 26.65 -43.87
N MET B 773 43.90 27.22 -43.27
CA MET B 773 43.61 27.03 -41.86
C MET B 773 43.14 25.61 -41.57
N LYS B 774 42.51 24.97 -42.57
CA LYS B 774 42.13 23.57 -42.42
C LYS B 774 43.35 22.68 -42.63
N GLY B 775 44.31 23.17 -43.40
CA GLY B 775 45.55 22.46 -43.59
C GLY B 775 46.35 22.46 -42.30
N LYS B 776 46.39 23.63 -41.64
CA LYS B 776 47.12 23.79 -40.39
C LYS B 776 46.54 22.93 -39.28
N VAL B 777 45.24 22.67 -39.31
CA VAL B 777 44.68 21.76 -38.32
C VAL B 777 45.06 20.32 -38.65
N LEU B 778 44.85 19.93 -39.91
CA LEU B 778 45.09 18.56 -40.35
C LEU B 778 46.47 18.03 -40.01
N SER B 779 47.45 18.92 -39.93
CA SER B 779 48.80 18.53 -39.52
C SER B 779 48.93 18.41 -37.99
N ARG B 780 48.21 19.27 -37.27
CA ARG B 780 48.16 19.15 -35.82
C ARG B 780 47.49 17.83 -35.46
N LEU B 781 46.77 17.29 -36.42
CA LEU B 781 46.08 16.01 -36.27
C LEU B 781 47.06 14.85 -36.41
N LYS B 782 48.08 15.04 -37.24
CA LYS B 782 49.13 14.04 -37.40
C LYS B 782 50.12 14.14 -36.25
N ASP B 783 50.36 15.36 -35.79
CA ASP B 783 51.24 15.62 -34.67
C ASP B 783 50.57 15.19 -33.37
N LEU B 784 49.24 15.14 -33.41
CA LEU B 784 48.46 14.65 -32.29
C LEU B 784 48.50 13.14 -32.30
N VAL B 785 48.61 12.58 -33.50
CA VAL B 785 48.73 11.13 -33.66
C VAL B 785 50.10 10.64 -33.21
N GLU B 786 51.17 11.27 -33.69
CA GLU B 786 52.50 10.84 -33.31
C GLU B 786 52.71 11.04 -31.82
N LEU B 787 52.23 12.14 -31.28
CA LEU B 787 52.36 12.42 -29.86
C LEU B 787 51.74 11.30 -29.02
N GLN B 788 50.61 10.77 -29.47
CA GLN B 788 49.90 9.78 -28.68
C GLN B 788 50.59 8.42 -28.71
N GLY B 789 51.39 8.17 -29.76
CA GLY B 789 52.16 6.95 -29.83
C GLY B 789 53.35 7.06 -28.91
N ILE B 790 53.94 8.26 -28.88
CA ILE B 790 55.06 8.59 -28.02
C ILE B 790 54.66 8.58 -26.57
N LEU B 791 53.39 8.89 -26.31
CA LEU B 791 52.88 8.93 -24.96
C LEU B 791 52.84 7.52 -24.39
N GLU B 792 52.29 6.59 -25.16
CA GLU B 792 52.17 5.21 -24.70
C GLU B 792 53.50 4.45 -24.75
N LYS B 793 54.49 5.02 -25.43
CA LYS B 793 55.83 4.46 -25.41
C LYS B 793 56.42 4.57 -24.01
N TYR B 794 56.20 5.74 -23.39
CA TYR B 794 56.70 6.00 -22.04
C TYR B 794 55.90 5.26 -20.98
N LEU B 795 54.64 4.95 -21.28
CA LEU B 795 53.77 4.28 -20.30
C LEU B 795 54.10 2.80 -20.11
N ALA B 796 54.24 2.07 -21.21
CA ALA B 796 54.57 0.65 -21.13
C ALA B 796 56.00 0.47 -20.63
N VAL B 797 56.75 1.56 -20.60
CA VAL B 797 58.13 1.55 -20.14
C VAL B 797 58.23 1.94 -18.67
N ILE B 798 57.81 3.15 -18.33
CA ILE B 798 57.85 3.59 -16.93
C ILE B 798 56.56 3.12 -16.25
N PRO B 799 56.66 2.04 -15.47
CA PRO B 799 55.50 1.44 -14.81
C PRO B 799 55.08 2.08 -13.48
N ASP B 800 53.78 2.30 -13.31
CA ASP B 800 53.15 2.28 -11.99
C ASP B 800 53.67 3.31 -10.99
N TYR B 801 54.80 3.93 -11.29
CA TYR B 801 55.34 4.93 -10.40
C TYR B 801 54.93 6.32 -10.86
N VAL B 802 54.03 6.35 -11.84
CA VAL B 802 53.76 7.53 -12.66
C VAL B 802 52.38 8.12 -12.40
N PRO B 803 52.26 8.90 -11.33
CA PRO B 803 51.08 9.76 -11.19
C PRO B 803 51.24 10.89 -12.20
N PRO B 804 50.13 11.47 -12.66
CA PRO B 804 50.27 12.57 -13.60
C PRO B 804 50.40 13.88 -12.81
N PHE B 805 50.64 14.97 -13.50
CA PHE B 805 50.75 16.26 -12.85
C PHE B 805 49.46 17.08 -12.97
N ALA B 806 48.47 16.49 -13.63
CA ALA B 806 47.17 17.11 -13.88
C ALA B 806 46.01 16.16 -13.52
N SER B 807 44.78 16.67 -13.47
CA SER B 807 43.62 15.80 -13.23
C SER B 807 42.68 15.74 -14.44
N VAL B 808 41.65 14.89 -14.36
CA VAL B 808 40.67 14.77 -15.45
C VAL B 808 39.25 14.53 -14.94
N ASP B 809 38.31 15.36 -15.39
CA ASP B 809 36.89 15.24 -15.01
C ASP B 809 36.73 15.30 -13.49
N LEU B 810 37.74 15.85 -12.82
CA LEU B 810 37.77 16.06 -11.37
C LEU B 810 37.80 14.78 -10.55
N ASP B 811 37.45 13.65 -11.16
CA ASP B 811 37.67 12.32 -10.57
C ASP B 811 37.38 12.27 -9.06
N THR B 812 38.32 11.67 -8.33
CA THR B 812 38.30 11.64 -6.87
C THR B 812 39.73 11.38 -6.38
N LEU B 813 40.00 11.68 -5.11
CA LEU B 813 41.33 11.48 -4.55
C LEU B 813 41.26 10.92 -3.14
N VAL B 822 48.61 6.53 -12.59
CA VAL B 822 48.25 6.34 -14.00
C VAL B 822 48.94 5.13 -14.60
N SER B 823 48.36 4.64 -15.69
CA SER B 823 48.86 3.48 -16.41
C SER B 823 48.19 3.57 -17.78
N LEU B 824 48.32 2.51 -18.58
CA LEU B 824 47.63 2.48 -19.85
C LEU B 824 46.15 2.83 -19.68
N GLN B 825 45.39 1.98 -18.98
CA GLN B 825 43.95 2.20 -18.86
C GLN B 825 43.59 3.64 -18.53
N ASN B 826 44.25 4.21 -17.54
CA ASN B 826 43.91 5.54 -17.04
C ASN B 826 44.27 6.72 -17.95
N TYR B 827 45.34 6.56 -18.73
CA TYR B 827 45.83 7.66 -19.55
C TYR B 827 44.74 8.13 -20.49
N ARG B 828 43.87 7.21 -20.88
CA ARG B 828 42.75 7.53 -21.77
C ARG B 828 41.92 8.64 -21.13
N ALA B 829 41.74 8.55 -19.81
CA ALA B 829 40.87 9.45 -19.08
C ALA B 829 41.52 10.80 -18.79
N PHE B 830 42.84 10.84 -18.86
CA PHE B 830 43.57 12.08 -18.58
C PHE B 830 43.74 12.96 -19.82
N PHE B 831 43.20 12.50 -20.95
CA PHE B 831 43.15 13.31 -22.15
C PHE B 831 42.24 14.50 -21.90
N ARG B 832 42.35 15.54 -22.72
CA ARG B 832 41.37 16.60 -22.70
C ARG B 832 40.20 16.27 -23.62
N GLU B 833 39.19 17.13 -23.64
CA GLU B 833 37.96 16.83 -24.35
C GLU B 833 37.95 17.50 -25.71
N LEU B 834 37.79 16.68 -26.75
CA LEU B 834 37.51 17.17 -28.08
C LEU B 834 36.00 17.33 -28.21
N ASP B 835 35.54 18.44 -28.78
CA ASP B 835 34.11 18.64 -28.97
C ASP B 835 33.70 18.11 -30.34
N ILE B 836 32.42 18.16 -30.66
CA ILE B 836 31.94 17.53 -31.87
C ILE B 836 32.26 18.37 -33.09
N GLU B 837 32.53 19.65 -32.86
CA GLU B 837 32.96 20.54 -33.93
C GLU B 837 34.28 20.05 -34.51
N VAL B 838 35.09 19.44 -33.67
CA VAL B 838 36.35 18.84 -34.11
C VAL B 838 36.11 17.74 -35.13
N PHE B 839 34.94 17.12 -35.09
CA PHE B 839 34.60 16.02 -35.99
C PHE B 839 34.25 16.49 -37.40
N SER B 840 34.21 17.81 -37.58
CA SER B 840 33.99 18.39 -38.91
C SER B 840 35.25 18.30 -39.77
N ILE B 841 36.34 17.84 -39.17
CA ILE B 841 37.57 17.57 -39.91
C ILE B 841 37.38 16.32 -40.76
N LEU B 842 36.33 15.57 -40.46
CA LEU B 842 36.05 14.29 -41.10
C LEU B 842 35.58 14.47 -42.54
N HIS B 843 35.36 15.72 -42.92
CA HIS B 843 34.82 16.08 -44.24
C HIS B 843 35.71 15.67 -45.42
N SER B 844 37.02 15.58 -45.21
CA SER B 844 37.96 15.29 -46.30
C SER B 844 38.12 13.79 -46.58
N GLY B 845 38.99 13.46 -47.53
CA GLY B 845 39.16 12.09 -47.99
C GLY B 845 40.37 11.35 -47.44
N LEU B 846 40.83 10.34 -48.17
CA LEU B 846 41.92 9.49 -47.71
C LEU B 846 43.09 9.40 -48.69
N VAL B 847 44.08 8.58 -48.36
CA VAL B 847 45.27 8.43 -49.18
C VAL B 847 45.84 7.00 -49.15
N THR B 848 46.56 6.63 -50.21
CA THR B 848 47.17 5.31 -50.31
C THR B 848 48.20 5.08 -49.19
N LEU B 866 44.48 14.22 -44.70
CA LEU B 866 43.80 13.20 -43.90
C LEU B 866 44.09 11.78 -44.41
N GLY B 867 44.94 11.06 -43.68
CA GLY B 867 45.23 9.69 -44.02
C GLY B 867 44.46 8.75 -43.11
N PRO B 868 44.85 7.47 -43.08
CA PRO B 868 44.20 6.46 -42.24
C PRO B 868 44.46 6.67 -40.74
N ALA B 869 45.65 7.16 -40.42
CA ALA B 869 46.06 7.32 -39.02
C ALA B 869 45.25 8.39 -38.31
N GLU B 870 45.00 9.49 -39.02
CA GLU B 870 44.26 10.59 -38.43
C GLU B 870 42.76 10.29 -38.46
N LEU B 871 42.31 9.59 -39.50
CA LEU B 871 40.92 9.18 -39.59
C LEU B 871 40.53 8.38 -38.36
N LEU B 872 41.30 7.33 -38.09
CA LEU B 872 41.03 6.48 -36.93
C LEU B 872 40.98 7.30 -35.65
N PHE B 873 41.91 8.24 -35.53
CA PHE B 873 42.00 9.04 -34.31
C PHE B 873 40.68 9.76 -34.02
N LEU B 874 40.07 10.31 -35.05
CA LEU B 874 38.77 10.95 -34.92
C LEU B 874 37.66 9.92 -34.72
N LEU B 875 37.64 8.92 -35.60
CA LEU B 875 36.63 7.87 -35.55
C LEU B 875 36.58 7.19 -34.18
N GLU B 876 37.71 7.11 -33.51
CA GLU B 876 37.76 6.47 -32.20
C GLU B 876 37.18 7.36 -31.09
N ASP B 877 37.38 8.67 -31.21
CA ASP B 877 36.81 9.60 -30.25
C ASP B 877 35.29 9.61 -30.44
N LEU B 878 34.85 9.68 -31.68
CA LEU B 878 33.44 9.69 -31.99
C LEU B 878 32.75 8.51 -31.35
N SER B 879 33.22 7.31 -31.66
CA SER B 879 32.61 6.09 -31.13
C SER B 879 32.52 6.12 -29.60
N GLN B 880 33.53 6.68 -28.94
CA GLN B 880 33.53 6.71 -27.48
C GLN B 880 32.51 7.72 -26.97
N LYS B 881 32.22 8.72 -27.80
CA LYS B 881 31.20 9.72 -27.49
C LYS B 881 29.79 9.18 -27.72
N LEU B 882 29.59 8.51 -28.84
CA LEU B 882 28.27 8.00 -29.19
C LEU B 882 27.90 6.76 -28.38
N GLU B 883 28.88 6.19 -27.66
CA GLU B 883 28.58 5.13 -26.72
C GLU B 883 28.00 5.73 -25.45
N ASN B 884 28.54 6.88 -25.08
CA ASN B 884 28.16 7.56 -23.85
C ASN B 884 26.86 8.35 -23.96
N MET B 885 26.50 8.74 -25.18
CA MET B 885 25.26 9.48 -25.42
C MET B 885 24.11 8.55 -25.76
N LEU B 886 24.26 7.86 -26.89
CA LEU B 886 23.17 7.11 -27.50
C LEU B 886 23.08 5.67 -27.02
N THR B 887 23.90 5.32 -26.03
CA THR B 887 23.88 3.95 -25.53
C THR B 887 24.14 3.88 -24.02
N PHE B 907 33.48 12.57 -19.74
CA PHE B 907 32.78 13.52 -20.60
C PHE B 907 32.08 14.61 -19.81
N SER B 908 32.25 15.86 -20.24
CA SER B 908 31.53 16.97 -19.64
C SER B 908 30.88 17.82 -20.70
N HIS B 909 31.70 18.48 -21.51
CA HIS B 909 31.21 19.36 -22.56
C HIS B 909 30.17 18.67 -23.44
N LEU B 910 30.40 17.37 -23.67
CA LEU B 910 29.45 16.55 -24.41
C LEU B 910 28.08 16.58 -23.71
N HIS B 911 28.05 16.06 -22.50
CA HIS B 911 26.82 15.96 -21.72
C HIS B 911 26.15 17.30 -21.46
N GLN B 912 26.87 18.39 -21.66
CA GLN B 912 26.34 19.71 -21.32
C GLN B 912 25.66 20.41 -22.50
N ARG B 913 25.57 19.70 -23.62
CA ARG B 913 24.67 20.10 -24.70
C ARG B 913 23.65 18.98 -24.91
N SER B 914 22.45 19.34 -25.36
CA SER B 914 21.35 18.37 -25.43
C SER B 914 21.65 17.20 -26.37
N VAL B 915 21.01 16.06 -26.09
CA VAL B 915 21.24 14.85 -26.86
C VAL B 915 20.81 15.00 -28.31
N GLN B 916 19.68 15.65 -28.51
CA GLN B 916 19.15 15.87 -29.86
C GLN B 916 20.19 16.56 -30.74
N ASP B 917 20.76 17.65 -30.23
CA ASP B 917 21.78 18.38 -30.97
C ASP B 917 22.85 17.41 -31.47
N ILE B 918 23.37 16.61 -30.54
CA ILE B 918 24.46 15.68 -30.85
C ILE B 918 24.05 14.65 -31.88
N VAL B 919 22.77 14.28 -31.89
CA VAL B 919 22.26 13.32 -32.86
C VAL B 919 22.06 14.00 -34.22
N HIS B 920 21.46 15.18 -34.20
CA HIS B 920 21.27 15.97 -35.41
C HIS B 920 22.59 16.21 -36.13
N CYS B 921 23.58 16.70 -35.39
CA CYS B 921 24.88 16.99 -35.97
C CYS B 921 25.60 15.74 -36.46
N VAL B 922 25.47 14.64 -35.73
CA VAL B 922 26.21 13.41 -36.06
C VAL B 922 25.67 12.72 -37.30
N VAL B 923 24.50 13.14 -37.75
CA VAL B 923 23.93 12.63 -38.98
C VAL B 923 24.55 13.34 -40.19
N GLN B 924 24.62 14.67 -40.12
CA GLN B 924 25.31 15.46 -41.14
C GLN B 924 26.77 15.08 -41.13
N LEU B 925 27.40 15.28 -39.97
CA LEU B 925 28.85 15.13 -39.83
C LEU B 925 29.39 13.80 -40.33
N LEU B 926 28.57 12.76 -40.32
CA LEU B 926 29.06 11.44 -40.66
C LEU B 926 28.59 10.97 -42.04
N THR B 927 27.28 10.82 -42.20
CA THR B 927 26.74 10.06 -43.31
C THR B 927 27.24 10.50 -44.70
N PRO B 928 26.98 11.75 -45.12
CA PRO B 928 27.54 12.05 -46.44
C PRO B 928 28.98 12.48 -46.27
N MET B 929 29.71 11.69 -45.47
CA MET B 929 31.14 11.80 -45.35
C MET B 929 31.65 10.37 -45.42
N CYS B 930 31.26 9.60 -44.41
CA CYS B 930 31.58 8.18 -44.35
C CYS B 930 31.10 7.42 -45.59
N ASN B 931 29.97 7.84 -46.14
CA ASN B 931 29.52 7.27 -47.41
C ASN B 931 30.62 7.41 -48.45
N HIS B 932 31.35 8.51 -48.36
CA HIS B 932 32.54 8.72 -49.19
C HIS B 932 33.77 8.02 -48.61
N LEU B 933 33.89 8.02 -47.28
CA LEU B 933 35.02 7.37 -46.61
C LEU B 933 34.90 5.85 -46.67
N GLU B 934 33.71 5.33 -46.40
CA GLU B 934 33.44 3.90 -46.54
C GLU B 934 33.82 3.39 -47.92
N ASN B 935 33.40 4.13 -48.95
CA ASN B 935 33.64 3.73 -50.32
C ASN B 935 35.12 3.63 -50.67
N ILE B 936 35.94 4.39 -49.96
CA ILE B 936 37.39 4.35 -50.15
C ILE B 936 37.99 3.13 -49.45
N HIS B 937 37.40 2.75 -48.32
CA HIS B 937 37.85 1.57 -47.59
C HIS B 937 37.55 0.30 -48.36
N ASN B 938 36.40 0.28 -49.01
CA ASN B 938 35.99 -0.89 -49.77
C ASN B 938 36.89 -1.12 -50.97
N PHE B 939 37.10 -0.06 -51.74
CA PHE B 939 37.92 -0.12 -52.96
C PHE B 939 39.34 -0.55 -52.60
N PHE B 940 39.74 -0.26 -51.36
CA PHE B 940 41.06 -0.60 -50.84
C PHE B 940 41.15 -2.07 -50.43
N GLN B 941 40.10 -2.56 -49.81
CA GLN B 941 40.06 -3.95 -49.37
C GLN B 941 39.71 -4.88 -50.54
N CYS B 942 39.28 -4.28 -51.65
CA CYS B 942 39.09 -5.02 -52.90
C CYS B 942 40.43 -5.21 -53.61
N LEU B 943 41.25 -4.16 -53.60
CA LEU B 943 42.58 -4.21 -54.19
C LEU B 943 43.61 -4.77 -53.22
N THR B 957 52.09 -1.35 -45.87
CA THR B 957 51.10 -2.42 -45.91
C THR B 957 50.88 -3.07 -44.54
N ALA B 958 51.95 -3.17 -43.76
CA ALA B 958 51.84 -3.72 -42.41
C ALA B 958 50.84 -2.90 -41.60
N GLN B 959 51.06 -1.58 -41.56
CA GLN B 959 50.17 -0.66 -40.86
C GLN B 959 48.92 -0.29 -41.66
N GLU B 960 49.07 -0.19 -42.98
CA GLU B 960 47.94 0.16 -43.85
C GLU B 960 46.74 -0.74 -43.57
N GLN B 961 46.96 -2.04 -43.66
CA GLN B 961 45.93 -3.02 -43.31
C GLN B 961 45.43 -2.76 -41.90
N HIS B 962 46.34 -2.93 -40.94
CA HIS B 962 46.01 -2.84 -39.52
C HIS B 962 45.19 -1.59 -39.18
N THR B 963 45.52 -0.47 -39.82
CA THR B 963 44.85 0.81 -39.54
C THR B 963 43.51 0.98 -40.23
N MET B 964 43.43 0.61 -41.50
CA MET B 964 42.18 0.77 -42.24
C MET B 964 41.15 -0.28 -41.85
N ALA B 965 41.59 -1.49 -41.58
CA ALA B 965 40.69 -2.52 -41.06
C ALA B 965 40.09 -2.04 -39.75
N CYS B 966 40.81 -1.18 -39.03
CA CYS B 966 40.28 -0.58 -37.81
C CYS B 966 39.30 0.55 -38.12
N CYS B 967 39.68 1.41 -39.08
CA CYS B 967 38.80 2.49 -39.52
C CYS B 967 37.50 1.92 -40.06
N TYR B 968 37.60 0.72 -40.62
CA TYR B 968 36.44 0.03 -41.14
C TYR B 968 35.51 -0.33 -39.99
N GLN B 969 36.08 -0.80 -38.88
CA GLN B 969 35.30 -1.05 -37.68
C GLN B 969 34.68 0.22 -37.12
N LYS B 970 35.53 1.20 -36.79
CA LYS B 970 35.05 2.43 -36.16
C LYS B 970 33.90 3.06 -36.95
N LEU B 971 33.92 2.88 -38.27
CA LEU B 971 32.83 3.35 -39.10
C LEU B 971 31.57 2.54 -38.84
N LEU B 972 31.71 1.23 -38.92
CA LEU B 972 30.57 0.35 -38.75
C LEU B 972 30.12 0.31 -37.28
N GLN B 973 30.97 0.78 -36.38
CA GLN B 973 30.56 0.94 -35.00
C GLN B 973 29.78 2.24 -34.82
N VAL B 974 30.24 3.29 -35.48
CA VAL B 974 29.58 4.59 -35.38
C VAL B 974 28.22 4.59 -36.10
N LEU B 975 28.20 4.21 -37.37
CA LEU B 975 26.96 4.14 -38.15
C LEU B 975 25.88 3.38 -37.39
N HIS B 976 26.29 2.26 -36.81
CA HIS B 976 25.40 1.43 -36.03
C HIS B 976 24.86 2.18 -34.82
N ALA B 977 25.74 2.86 -34.10
CA ALA B 977 25.33 3.57 -32.88
C ALA B 977 24.29 4.65 -33.17
N LEU B 978 24.30 5.17 -34.40
CA LEU B 978 23.34 6.20 -34.79
C LEU B 978 21.94 5.63 -35.01
N PHE B 979 21.84 4.55 -35.78
CA PHE B 979 20.53 3.98 -36.08
C PHE B 979 20.00 3.08 -34.97
N ALA B 980 20.87 2.78 -34.00
CA ALA B 980 20.49 2.01 -32.83
C ALA B 980 19.94 2.96 -31.78
N TRP B 981 19.93 4.25 -32.12
CA TRP B 981 19.43 5.27 -31.23
C TRP B 981 18.00 4.89 -30.84
N LYS B 982 17.77 4.77 -29.53
CA LYS B 982 16.52 4.26 -29.01
C LYS B 982 15.50 5.38 -28.91
N GLY B 983 15.90 6.58 -29.31
CA GLY B 983 15.00 7.72 -29.34
C GLY B 983 14.39 7.96 -30.72
N PHE B 984 14.66 7.05 -31.65
CA PHE B 984 14.10 7.15 -32.99
C PHE B 984 12.68 6.59 -33.02
N THR B 985 12.22 6.10 -31.87
CA THR B 985 10.88 5.57 -31.74
C THR B 985 9.85 6.70 -31.71
N HIS B 986 10.27 7.86 -31.22
CA HIS B 986 9.39 9.02 -31.08
C HIS B 986 8.99 9.58 -32.43
N GLN B 987 7.81 10.18 -32.48
CA GLN B 987 7.32 10.81 -33.69
C GLN B 987 8.37 11.74 -34.28
N SER B 988 8.72 12.77 -33.52
CA SER B 988 9.57 13.85 -34.00
C SER B 988 10.83 13.39 -34.73
N LYS B 989 11.49 12.35 -34.20
CA LYS B 989 12.78 11.94 -34.73
C LYS B 989 12.68 11.31 -36.11
N HIS B 990 11.46 11.10 -36.59
CA HIS B 990 11.25 10.55 -37.93
C HIS B 990 11.94 11.42 -38.98
N ARG B 991 11.87 12.73 -38.79
CA ARG B 991 12.50 13.67 -39.71
C ARG B 991 14.02 13.46 -39.73
N LEU B 992 14.60 13.31 -38.54
CA LEU B 992 16.02 13.00 -38.41
C LEU B 992 16.31 11.65 -39.08
N LEU B 993 15.38 10.72 -38.93
CA LEU B 993 15.54 9.39 -39.51
C LEU B 993 15.37 9.41 -41.02
N HIS B 994 14.42 10.21 -41.49
CA HIS B 994 14.16 10.34 -42.91
C HIS B 994 15.42 10.82 -43.60
N SER B 995 16.03 11.85 -43.01
CA SER B 995 17.30 12.34 -43.50
C SER B 995 18.36 11.24 -43.53
N ALA B 996 18.71 10.70 -42.37
CA ALA B 996 19.75 9.68 -42.28
C ALA B 996 19.50 8.49 -43.19
N LEU B 997 18.22 8.18 -43.40
CA LEU B 997 17.83 7.05 -44.25
C LEU B 997 17.91 7.37 -45.75
N GLU B 998 17.57 8.60 -46.11
CA GLU B 998 17.66 9.02 -47.51
C GLU B 998 19.06 9.49 -47.90
N VAL B 999 19.89 9.80 -46.89
CA VAL B 999 21.29 10.14 -47.13
C VAL B 999 22.05 8.84 -47.36
N LEU B 1000 21.44 7.74 -46.92
CA LEU B 1000 21.95 6.40 -47.23
C LEU B 1000 21.29 5.89 -48.51
N SER B 1001 20.47 6.75 -49.13
CA SER B 1001 19.66 6.34 -50.28
C SER B 1001 20.36 6.46 -51.63
N ASN B 1002 21.57 7.00 -51.67
CA ASN B 1002 22.22 7.13 -52.96
C ASN B 1002 23.29 6.08 -53.24
N ARG B 1003 22.89 5.01 -53.90
CA ARG B 1003 23.71 4.29 -54.86
C ARG B 1003 23.37 4.92 -56.20
N LEU B 1004 22.07 5.13 -56.36
CA LEU B 1004 21.46 5.77 -57.53
C LEU B 1004 20.88 7.09 -57.04
N LYS B 1005 20.23 7.82 -57.93
CA LYS B 1005 19.66 9.11 -57.54
C LYS B 1005 18.33 8.89 -56.79
N GLN B 1006 17.68 10.00 -56.48
CA GLN B 1006 16.37 9.96 -55.84
C GLN B 1006 15.32 10.40 -56.85
N MET B 1007 14.49 9.44 -57.30
CA MET B 1007 13.44 9.75 -58.26
C MET B 1007 12.30 10.51 -57.59
N GLU B 1008 11.98 10.10 -56.36
CA GLU B 1008 11.02 10.83 -55.53
C GLU B 1008 11.72 11.48 -54.33
N GLN B 1009 11.27 12.66 -53.95
CA GLN B 1009 11.86 13.38 -52.83
C GLN B 1009 11.35 12.81 -51.51
N ASP B 1010 10.06 12.45 -51.53
CA ASP B 1010 9.31 12.08 -50.34
C ASP B 1010 9.25 10.59 -50.04
N GLN B 1011 10.07 9.81 -50.76
CA GLN B 1011 9.93 8.36 -50.83
C GLN B 1011 9.63 7.73 -49.48
N PRO B 1012 8.66 6.81 -49.46
CA PRO B 1012 8.17 6.12 -48.26
C PRO B 1012 9.30 5.52 -47.43
N LEU B 1013 9.15 5.56 -46.10
CA LEU B 1013 10.17 5.02 -45.20
C LEU B 1013 10.56 3.59 -45.51
N GLU B 1014 9.61 2.80 -45.98
CA GLU B 1014 9.84 1.37 -46.16
C GLU B 1014 10.88 1.05 -47.24
N GLU B 1015 10.84 1.79 -48.34
CA GLU B 1015 11.81 1.61 -49.41
C GLU B 1015 13.19 2.12 -49.00
N LEU B 1016 13.20 3.30 -48.39
CA LEU B 1016 14.44 3.90 -47.87
C LEU B 1016 15.21 2.89 -47.03
N VAL B 1017 14.49 2.13 -46.22
CA VAL B 1017 15.10 1.11 -45.38
C VAL B 1017 15.88 0.12 -46.23
N SER B 1018 15.25 -0.40 -47.27
CA SER B 1018 15.86 -1.45 -48.09
C SER B 1018 16.92 -0.90 -49.07
N GLN B 1019 16.76 0.35 -49.47
CA GLN B 1019 17.76 1.02 -50.30
C GLN B 1019 19.07 1.16 -49.54
N SER B 1020 18.94 1.53 -48.27
CA SER B 1020 20.07 1.61 -47.36
C SER B 1020 20.66 0.22 -47.16
N PHE B 1021 19.80 -0.73 -46.76
CA PHE B 1021 20.23 -2.09 -46.46
C PHE B 1021 21.06 -2.69 -47.59
N SER B 1022 20.50 -2.67 -48.79
CA SER B 1022 21.18 -3.23 -49.95
C SER B 1022 22.53 -2.53 -50.13
N TYR B 1023 22.52 -1.22 -49.97
CA TYR B 1023 23.73 -0.42 -50.08
C TYR B 1023 24.82 -0.91 -49.14
N LEU B 1024 24.43 -1.35 -47.94
CA LEU B 1024 25.38 -1.81 -46.93
C LEU B 1024 25.63 -3.31 -47.00
N GLN B 1025 24.85 -4.03 -47.80
CA GLN B 1025 24.95 -5.49 -47.83
C GLN B 1025 26.16 -5.99 -48.62
N ASN B 1026 26.52 -5.27 -49.68
CA ASN B 1026 27.66 -5.66 -50.52
C ASN B 1026 28.99 -5.36 -49.84
N PHE B 1027 28.97 -4.45 -48.88
CA PHE B 1027 30.16 -4.05 -48.16
C PHE B 1027 30.86 -5.24 -47.51
N HIS B 1028 30.12 -6.34 -47.34
CA HIS B 1028 30.61 -7.47 -46.57
C HIS B 1028 31.92 -8.07 -47.09
N HIS B 1029 31.99 -8.31 -48.40
CA HIS B 1029 33.11 -9.07 -48.96
C HIS B 1029 34.47 -8.38 -48.75
N SER B 1030 34.45 -7.08 -48.50
CA SER B 1030 35.68 -6.33 -48.28
C SER B 1030 36.19 -6.45 -46.83
N VAL B 1031 35.29 -6.82 -45.92
CA VAL B 1031 35.59 -6.86 -44.49
C VAL B 1031 36.82 -7.71 -44.13
N PRO B 1032 37.83 -7.08 -43.52
CA PRO B 1032 39.11 -7.69 -43.14
C PRO B 1032 39.03 -8.73 -42.02
N SER B 1033 38.19 -8.48 -41.02
CA SER B 1033 38.19 -9.32 -39.82
C SER B 1033 36.80 -9.84 -39.44
N PHE B 1034 36.76 -10.89 -38.64
CA PHE B 1034 35.50 -11.47 -38.20
C PHE B 1034 34.65 -10.40 -37.53
N GLN B 1035 35.29 -9.46 -36.86
CA GLN B 1035 34.59 -8.37 -36.20
C GLN B 1035 33.83 -7.50 -37.20
N CYS B 1036 34.55 -7.02 -38.22
CA CYS B 1036 33.97 -6.10 -39.20
C CYS B 1036 32.74 -6.68 -39.87
N GLY B 1037 32.61 -7.99 -39.87
CA GLY B 1037 31.42 -8.65 -40.41
C GLY B 1037 30.28 -8.55 -39.43
N LEU B 1038 30.60 -8.64 -38.14
CA LEU B 1038 29.61 -8.53 -37.08
C LEU B 1038 28.96 -7.15 -37.04
N TYR B 1039 29.78 -6.11 -36.90
CA TYR B 1039 29.26 -4.74 -36.80
C TYR B 1039 28.50 -4.31 -38.03
N LEU B 1040 28.77 -4.96 -39.16
CA LEU B 1040 28.00 -4.71 -40.37
C LEU B 1040 26.63 -5.36 -40.23
N LEU B 1041 26.64 -6.62 -39.79
CA LEU B 1041 25.39 -7.31 -39.49
C LEU B 1041 24.54 -6.48 -38.52
N ARG B 1042 25.13 -6.12 -37.38
CA ARG B 1042 24.43 -5.33 -36.38
C ARG B 1042 23.89 -4.02 -36.96
N LEU B 1043 24.64 -3.41 -37.88
CA LEU B 1043 24.19 -2.18 -38.51
C LEU B 1043 22.94 -2.45 -39.34
N LEU B 1044 23.04 -3.41 -40.25
CA LEU B 1044 21.92 -3.79 -41.10
C LEU B 1044 20.70 -4.13 -40.25
N MET B 1045 20.94 -4.86 -39.17
CA MET B 1045 19.89 -5.35 -38.30
C MET B 1045 19.12 -4.22 -37.63
N ALA B 1046 19.80 -3.10 -37.39
CA ALA B 1046 19.18 -1.94 -36.74
C ALA B 1046 18.36 -1.12 -37.74
N LEU B 1047 18.58 -1.35 -39.03
CA LEU B 1047 17.79 -0.71 -40.07
C LEU B 1047 16.45 -1.40 -40.21
N LEU B 1048 16.48 -2.73 -40.16
CA LEU B 1048 15.27 -3.55 -40.26
C LEU B 1048 14.30 -3.25 -39.12
N GLU B 1049 14.82 -3.00 -37.93
CA GLU B 1049 14.00 -2.68 -36.78
C GLU B 1049 13.24 -1.37 -37.00
N LYS B 1050 13.72 -0.57 -37.94
CA LYS B 1050 13.07 0.68 -38.32
C LYS B 1050 11.76 0.43 -39.08
N SER B 1051 11.76 -0.60 -39.92
CA SER B 1051 10.59 -0.94 -40.73
C SER B 1051 9.63 -1.83 -39.96
N GLN B 1056 12.60 -11.98 -46.27
CA GLN B 1056 13.59 -11.63 -47.28
C GLN B 1056 14.90 -11.16 -46.65
N LYS B 1057 14.88 -9.96 -46.09
CA LYS B 1057 16.06 -9.41 -45.43
C LYS B 1057 16.47 -10.29 -44.26
N LYS B 1058 15.52 -11.03 -43.72
CA LYS B 1058 15.79 -11.93 -42.61
C LYS B 1058 16.66 -13.10 -43.07
N GLU B 1059 16.44 -13.55 -44.30
CA GLU B 1059 17.26 -14.62 -44.87
C GLU B 1059 18.59 -14.09 -45.38
N LYS B 1060 18.58 -12.89 -45.97
CA LYS B 1060 19.81 -12.25 -46.41
C LYS B 1060 20.84 -12.25 -45.30
N LEU B 1061 20.40 -11.92 -44.09
CA LEU B 1061 21.29 -11.84 -42.94
C LEU B 1061 21.92 -13.19 -42.65
N ALA B 1062 21.16 -14.26 -42.89
CA ALA B 1062 21.64 -15.62 -42.65
C ALA B 1062 22.87 -15.92 -43.49
N SER B 1063 22.73 -15.74 -44.80
CA SER B 1063 23.84 -15.96 -45.73
C SER B 1063 25.05 -15.10 -45.37
N LEU B 1064 24.79 -13.91 -44.85
CA LEU B 1064 25.85 -13.03 -44.39
C LEU B 1064 26.54 -13.63 -43.16
N ALA B 1065 25.76 -14.27 -42.30
CA ALA B 1065 26.31 -14.95 -41.14
C ALA B 1065 26.91 -16.30 -41.52
N LYS B 1066 26.36 -16.91 -42.56
CA LYS B 1066 26.90 -18.14 -43.11
C LYS B 1066 28.34 -17.91 -43.58
N GLN B 1067 28.51 -16.89 -44.41
CA GLN B 1067 29.82 -16.56 -44.96
C GLN B 1067 30.86 -16.29 -43.89
N LEU B 1068 30.44 -15.62 -42.82
CA LEU B 1068 31.37 -15.29 -41.74
C LEU B 1068 31.96 -16.55 -41.09
N LEU B 1069 31.18 -17.62 -41.03
CA LEU B 1069 31.64 -18.87 -40.44
C LEU B 1069 32.29 -19.75 -41.50
N CYS B 1070 32.31 -19.27 -42.74
CA CYS B 1070 32.66 -20.12 -43.89
C CYS B 1070 34.04 -19.81 -44.48
N ARG B 1071 34.20 -18.61 -45.06
CA ARG B 1071 35.44 -18.28 -45.76
C ARG B 1071 36.63 -18.15 -44.81
N ALA B 1072 37.83 -18.30 -45.36
CA ALA B 1072 39.07 -18.29 -44.56
C ALA B 1072 39.31 -16.93 -43.90
N TRP B 1073 39.73 -16.96 -42.64
CA TRP B 1073 40.03 -15.75 -41.89
C TRP B 1073 41.47 -15.78 -41.36
N PRO B 1074 42.10 -14.60 -41.24
CA PRO B 1074 43.47 -14.47 -40.73
C PRO B 1074 43.52 -14.27 -39.21
N LYS B 1080 42.12 -18.28 -29.18
CA LYS B 1080 42.93 -18.15 -27.98
C LYS B 1080 42.30 -17.17 -26.99
N ASN B 1081 41.60 -16.17 -27.52
CA ASN B 1081 40.99 -15.14 -26.69
C ASN B 1081 39.46 -15.16 -26.78
N PRO B 1082 38.79 -14.64 -25.73
CA PRO B 1082 37.32 -14.63 -25.67
C PRO B 1082 36.70 -13.73 -26.73
N THR B 1083 37.47 -12.76 -27.22
CA THR B 1083 37.00 -11.88 -28.28
C THR B 1083 36.42 -12.70 -29.42
N PHE B 1084 37.27 -13.49 -30.05
CA PHE B 1084 36.87 -14.34 -31.18
C PHE B 1084 35.70 -15.22 -30.82
N ASN B 1085 35.76 -15.87 -29.67
CA ASN B 1085 34.70 -16.74 -29.20
C ASN B 1085 33.37 -16.01 -29.02
N ASP B 1086 33.44 -14.82 -28.42
CA ASP B 1086 32.25 -14.06 -28.12
C ASP B 1086 31.55 -13.57 -29.39
N HIS B 1087 32.33 -13.16 -30.38
CA HIS B 1087 31.77 -12.65 -31.62
C HIS B 1087 31.14 -13.76 -32.45
N LEU B 1088 31.64 -14.98 -32.28
CA LEU B 1088 31.07 -16.14 -32.93
C LEU B 1088 29.65 -16.33 -32.43
N HIS B 1089 29.51 -16.43 -31.11
CA HIS B 1089 28.21 -16.60 -30.48
C HIS B 1089 27.25 -15.50 -30.90
N ASP B 1090 27.78 -14.31 -31.18
CA ASP B 1090 26.95 -13.21 -31.64
C ASP B 1090 26.48 -13.46 -33.07
N VAL B 1091 27.35 -14.04 -33.90
CA VAL B 1091 27.02 -14.35 -35.29
C VAL B 1091 26.06 -15.55 -35.42
N LEU B 1092 26.41 -16.65 -34.78
CA LEU B 1092 25.55 -17.83 -34.78
C LEU B 1092 24.19 -17.53 -34.20
N TYR B 1093 24.14 -16.54 -33.31
CA TYR B 1093 22.88 -16.12 -32.71
C TYR B 1093 22.03 -15.39 -33.74
N ILE B 1094 22.69 -14.60 -34.58
CA ILE B 1094 22.00 -13.87 -35.64
C ILE B 1094 21.66 -14.79 -36.81
N TYR B 1095 22.57 -15.73 -37.08
CA TYR B 1095 22.38 -16.70 -38.15
C TYR B 1095 21.11 -17.54 -37.96
N LEU B 1096 21.10 -18.38 -36.93
CA LEU B 1096 20.00 -19.30 -36.69
C LEU B 1096 18.68 -18.60 -36.40
N GLU B 1097 18.75 -17.36 -35.95
CA GLU B 1097 17.56 -16.63 -35.50
C GLU B 1097 16.72 -16.10 -36.67
N HIS B 1098 17.39 -15.66 -37.73
CA HIS B 1098 16.72 -14.97 -38.84
C HIS B 1098 16.36 -15.82 -40.08
N THR B 1099 16.74 -17.10 -40.07
CA THR B 1099 16.61 -17.92 -41.28
C THR B 1099 15.34 -18.76 -41.36
N ASP B 1100 15.31 -19.64 -42.36
CA ASP B 1100 14.19 -20.54 -42.61
C ASP B 1100 14.30 -21.73 -41.68
N ASN B 1101 13.53 -22.78 -41.96
CA ASN B 1101 13.50 -23.91 -41.04
C ASN B 1101 14.92 -24.26 -40.69
N VAL B 1102 15.17 -24.36 -39.38
CA VAL B 1102 16.53 -24.37 -38.87
C VAL B 1102 17.19 -25.73 -38.97
N LEU B 1103 16.37 -26.78 -39.12
CA LEU B 1103 16.89 -28.12 -39.27
C LEU B 1103 17.89 -28.19 -40.42
N LYS B 1104 17.58 -27.48 -41.51
CA LYS B 1104 18.42 -27.46 -42.70
C LYS B 1104 19.82 -26.92 -42.39
N ALA B 1105 19.88 -25.81 -41.65
CA ALA B 1105 21.16 -25.20 -41.28
C ALA B 1105 21.85 -26.01 -40.19
N ILE B 1106 21.04 -26.75 -39.43
CA ILE B 1106 21.55 -27.56 -38.33
C ILE B 1106 22.16 -28.88 -38.80
N GLU B 1107 21.55 -29.50 -39.80
CA GLU B 1107 22.10 -30.71 -40.38
C GLU B 1107 23.48 -30.44 -40.98
N GLU B 1108 23.61 -29.30 -41.65
CA GLU B 1108 24.88 -28.89 -42.25
C GLU B 1108 25.98 -28.98 -41.20
N ILE B 1109 25.67 -28.52 -39.99
CA ILE B 1109 26.61 -28.54 -38.89
C ILE B 1109 26.71 -29.93 -38.26
N THR B 1110 25.66 -30.73 -38.43
CA THR B 1110 25.64 -32.10 -37.93
C THR B 1110 26.40 -33.06 -38.86
N GLY B 1111 26.22 -32.89 -40.16
CA GLY B 1111 26.92 -33.68 -41.14
C GLY B 1111 28.39 -33.31 -41.29
N VAL B 1112 28.67 -32.02 -41.37
CA VAL B 1112 30.06 -31.57 -41.50
C VAL B 1112 30.66 -31.25 -40.13
N GLY B 1113 29.92 -31.54 -39.06
CA GLY B 1113 30.47 -31.45 -37.72
C GLY B 1113 31.37 -32.63 -37.41
N VAL B 1114 31.19 -33.72 -38.14
CA VAL B 1114 31.99 -34.94 -37.98
C VAL B 1114 33.48 -34.84 -38.36
N PRO B 1115 33.83 -34.10 -39.42
CA PRO B 1115 35.18 -34.03 -39.98
C PRO B 1115 36.26 -33.64 -38.98
N GLU B 1116 35.86 -33.25 -37.78
CA GLU B 1116 36.78 -32.76 -36.76
C GLU B 1116 37.68 -33.92 -36.29
N LEU B 1117 37.08 -34.93 -35.68
CA LEU B 1117 37.84 -36.10 -35.23
C LEU B 1117 38.49 -36.88 -36.40
N VAL B 1118 37.82 -36.88 -37.55
CA VAL B 1118 38.19 -37.75 -38.65
C VAL B 1118 39.34 -37.25 -39.55
N SER B 1119 39.69 -35.97 -39.47
CA SER B 1119 40.75 -35.47 -40.36
C SER B 1119 42.11 -35.27 -39.68
N ALA B 1120 42.29 -34.14 -39.00
CA ALA B 1120 43.53 -33.88 -38.28
C ALA B 1120 43.33 -33.04 -37.03
N PRO B 1121 42.69 -33.59 -36.00
CA PRO B 1121 42.41 -32.80 -34.79
C PRO B 1121 43.64 -32.05 -34.26
N SER B 1126 39.06 -26.86 -37.77
CA SER B 1126 38.96 -26.62 -39.21
C SER B 1126 37.98 -27.58 -39.89
N SER B 1127 37.32 -27.09 -40.92
CA SER B 1127 36.41 -27.92 -41.71
C SER B 1127 35.99 -27.18 -42.99
N THR B 1128 35.16 -27.81 -43.81
CA THR B 1128 34.52 -27.12 -44.91
C THR B 1128 33.42 -26.32 -44.25
N PHE B 1129 33.39 -25.01 -44.48
CA PHE B 1129 32.51 -24.16 -43.68
C PHE B 1129 32.98 -24.31 -42.22
N PRO B 1130 34.20 -23.82 -41.95
CA PRO B 1130 35.16 -23.94 -40.83
C PRO B 1130 34.78 -23.25 -39.52
N THR B 1131 35.79 -23.07 -38.67
CA THR B 1131 35.64 -22.54 -37.33
C THR B 1131 34.98 -23.53 -36.35
N LEU B 1132 35.36 -24.80 -36.48
CA LEU B 1132 34.92 -25.85 -35.55
C LEU B 1132 36.09 -26.61 -34.95
N THR B 1133 36.25 -26.47 -33.63
CA THR B 1133 37.33 -27.09 -32.89
C THR B 1133 36.76 -27.50 -31.53
N ARG B 1134 37.62 -27.97 -30.63
CA ARG B 1134 37.20 -28.24 -29.27
C ARG B 1134 36.52 -26.99 -28.68
N HIS B 1135 37.19 -25.85 -28.76
CA HIS B 1135 36.67 -24.61 -28.18
C HIS B 1135 35.65 -23.88 -29.04
N THR B 1136 35.65 -24.14 -30.34
CA THR B 1136 34.71 -23.47 -31.23
C THR B 1136 33.42 -24.27 -31.38
N PHE B 1137 33.43 -25.51 -30.91
CA PHE B 1137 32.28 -26.39 -31.03
C PHE B 1137 31.23 -26.07 -29.97
N VAL B 1138 31.67 -25.93 -28.73
CA VAL B 1138 30.76 -25.71 -27.63
C VAL B 1138 29.95 -24.43 -27.85
N ILE B 1139 30.54 -23.48 -28.57
CA ILE B 1139 29.85 -22.23 -28.92
C ILE B 1139 28.67 -22.50 -29.85
N PHE B 1140 28.93 -23.27 -30.91
CA PHE B 1140 27.86 -23.69 -31.82
C PHE B 1140 26.73 -24.34 -31.05
N PHE B 1141 27.03 -25.46 -30.41
CA PHE B 1141 26.02 -26.29 -29.79
C PHE B 1141 25.05 -25.54 -28.87
N ARG B 1142 25.56 -24.55 -28.15
CA ARG B 1142 24.70 -23.76 -27.26
C ARG B 1142 23.65 -22.99 -28.05
N VAL B 1143 24.06 -22.35 -29.13
CA VAL B 1143 23.12 -21.62 -29.99
C VAL B 1143 22.27 -22.59 -30.78
N MET B 1144 22.84 -23.74 -31.11
CA MET B 1144 22.12 -24.79 -31.82
C MET B 1144 20.93 -25.25 -30.98
N MET B 1145 21.22 -25.66 -29.75
CA MET B 1145 20.19 -26.15 -28.84
C MET B 1145 19.12 -25.11 -28.56
N ALA B 1146 19.56 -23.95 -28.10
CA ALA B 1146 18.66 -22.91 -27.61
C ALA B 1146 17.64 -22.50 -28.68
N GLU B 1147 18.09 -22.49 -29.93
CA GLU B 1147 17.22 -22.08 -31.04
C GLU B 1147 16.17 -23.15 -31.36
N LEU B 1148 16.58 -24.41 -31.27
CA LEU B 1148 15.68 -25.54 -31.46
C LEU B 1148 14.59 -25.51 -30.38
N GLU B 1149 15.01 -25.22 -29.15
CA GLU B 1149 14.11 -25.12 -28.02
C GLU B 1149 13.19 -23.92 -28.13
N LYS B 1150 13.66 -22.87 -28.81
CA LYS B 1150 12.88 -21.68 -29.00
C LYS B 1150 11.74 -21.96 -29.99
N THR B 1151 12.05 -22.76 -31.01
CA THR B 1151 11.05 -23.12 -32.01
C THR B 1151 10.13 -24.24 -31.50
N VAL B 1152 10.62 -25.01 -30.54
CA VAL B 1152 9.85 -26.10 -29.92
C VAL B 1152 8.75 -25.54 -29.03
N LYS B 1153 9.08 -24.52 -28.23
CA LYS B 1153 8.10 -23.86 -27.38
C LYS B 1153 7.28 -22.88 -28.19
N GLY B 1154 7.69 -22.64 -29.43
CA GLY B 1154 6.97 -21.77 -30.33
C GLY B 1154 5.69 -22.42 -30.82
N LEU B 1155 5.77 -23.71 -31.15
CA LEU B 1155 4.60 -24.44 -31.63
C LEU B 1155 4.09 -25.41 -30.57
N ALA B 1160 -8.41 -27.43 -38.50
CA ALA B 1160 -7.91 -27.99 -37.25
C ALA B 1160 -7.27 -29.35 -37.48
N ALA B 1161 -7.92 -30.19 -38.28
CA ALA B 1161 -7.39 -31.51 -38.60
C ALA B 1161 -6.33 -31.46 -39.70
N ASP B 1162 -6.56 -30.64 -40.73
CA ASP B 1162 -5.64 -30.54 -41.86
C ASP B 1162 -4.42 -29.70 -41.52
N SER B 1163 -4.59 -28.76 -40.59
CA SER B 1163 -3.47 -27.95 -40.11
C SER B 1163 -2.65 -28.75 -39.09
N GLN B 1164 -3.26 -29.80 -38.55
CA GLN B 1164 -2.60 -30.65 -37.57
C GLN B 1164 -1.51 -31.51 -38.22
N GLN B 1165 -1.64 -31.76 -39.52
CA GLN B 1165 -0.65 -32.55 -40.24
C GLN B 1165 0.66 -31.78 -40.38
N VAL B 1166 0.54 -30.49 -40.65
CA VAL B 1166 1.70 -29.62 -40.84
C VAL B 1166 2.47 -29.38 -39.54
N HIS B 1167 1.75 -29.41 -38.43
CA HIS B 1167 2.34 -29.23 -37.11
C HIS B 1167 3.03 -30.50 -36.61
N GLU B 1168 2.58 -31.64 -37.10
CA GLU B 1168 3.18 -32.92 -36.75
C GLU B 1168 4.47 -33.16 -37.54
N GLU B 1169 4.50 -32.67 -38.77
CA GLU B 1169 5.69 -32.82 -39.60
C GLU B 1169 6.84 -31.98 -39.08
N LYS B 1170 6.51 -30.87 -38.43
CA LYS B 1170 7.53 -30.04 -37.79
C LYS B 1170 8.04 -30.71 -36.52
N LEU B 1171 7.11 -31.18 -35.70
CA LEU B 1171 7.47 -31.86 -34.46
C LEU B 1171 8.17 -33.19 -34.72
N LEU B 1172 8.02 -33.70 -35.93
CA LEU B 1172 8.67 -34.95 -36.34
C LEU B 1172 10.19 -34.79 -36.49
N TYR B 1173 10.61 -33.85 -37.32
CA TYR B 1173 12.05 -33.64 -37.54
C TYR B 1173 12.67 -32.57 -36.65
N TRP B 1174 11.86 -31.99 -35.76
CA TRP B 1174 12.40 -31.21 -34.66
C TRP B 1174 12.94 -32.18 -33.61
N ASN B 1175 12.24 -33.29 -33.44
CA ASN B 1175 12.73 -34.37 -32.60
C ASN B 1175 13.93 -35.04 -33.24
N MET B 1176 13.85 -35.24 -34.55
CA MET B 1176 14.98 -35.77 -35.30
C MET B 1176 16.19 -34.86 -35.10
N ALA B 1177 15.91 -33.60 -34.76
CA ALA B 1177 16.98 -32.63 -34.50
C ALA B 1177 17.60 -32.82 -33.12
N VAL B 1178 16.77 -32.95 -32.09
CA VAL B 1178 17.27 -33.09 -30.72
C VAL B 1178 18.09 -34.37 -30.59
N ARG B 1179 17.69 -35.40 -31.33
CA ARG B 1179 18.39 -36.66 -31.32
C ARG B 1179 19.68 -36.57 -32.14
N ASP B 1180 19.68 -35.63 -33.09
CA ASP B 1180 20.89 -35.33 -33.86
C ASP B 1180 21.93 -34.68 -32.94
N PHE B 1181 21.48 -33.75 -32.12
CA PHE B 1181 22.36 -33.05 -31.20
C PHE B 1181 22.88 -33.97 -30.11
N SER B 1182 21.94 -34.66 -29.46
CA SER B 1182 22.27 -35.53 -28.34
C SER B 1182 23.42 -36.49 -28.69
N ILE B 1183 23.32 -37.12 -29.85
CA ILE B 1183 24.35 -38.04 -30.32
C ILE B 1183 25.66 -37.29 -30.58
N LEU B 1184 25.55 -36.12 -31.18
CA LEU B 1184 26.71 -35.31 -31.52
C LEU B 1184 27.63 -35.13 -30.31
N LEU B 1185 27.08 -34.61 -29.21
CA LEU B 1185 27.89 -34.30 -28.05
C LEU B 1185 28.41 -35.57 -27.36
N ASN B 1186 27.74 -36.68 -27.59
CA ASN B 1186 28.16 -37.94 -27.01
C ASN B 1186 29.34 -38.57 -27.75
N LEU B 1187 29.48 -38.20 -29.02
CA LEU B 1187 30.69 -38.50 -29.76
C LEU B 1187 31.66 -37.32 -29.67
N MET B 1188 31.17 -36.20 -29.19
CA MET B 1188 32.03 -35.05 -28.91
C MET B 1188 32.71 -35.21 -27.56
N LYS B 1189 31.97 -35.65 -26.56
CA LYS B 1189 32.52 -35.82 -25.21
C LYS B 1189 33.56 -36.94 -25.17
N VAL B 1190 33.64 -37.69 -26.27
CA VAL B 1190 34.59 -38.80 -26.38
C VAL B 1190 36.04 -38.33 -26.29
N PHE B 1191 36.42 -37.35 -27.12
CA PHE B 1191 37.77 -36.80 -27.03
C PHE B 1191 37.89 -35.63 -26.00
N ASP B 1192 36.75 -35.06 -25.60
CA ASP B 1192 36.65 -34.22 -24.40
C ASP B 1192 35.26 -33.60 -24.16
N SER B 1193 34.94 -33.30 -22.90
CA SER B 1193 34.21 -32.08 -22.52
C SER B 1193 33.77 -32.06 -21.05
N TYR B 1194 33.80 -30.89 -20.43
CA TYR B 1194 33.03 -30.62 -19.21
C TYR B 1194 31.60 -30.12 -19.48
N PRO B 1195 31.48 -28.97 -20.19
CA PRO B 1195 30.23 -28.22 -20.43
C PRO B 1195 29.32 -28.87 -21.47
N VAL B 1196 29.91 -29.64 -22.37
CA VAL B 1196 29.15 -30.30 -23.41
C VAL B 1196 28.02 -31.19 -22.83
N LEU B 1197 28.31 -31.89 -21.74
CA LEU B 1197 27.28 -32.70 -21.08
C LEU B 1197 26.27 -31.79 -20.38
N HIS B 1198 26.75 -30.65 -19.92
CA HIS B 1198 25.94 -29.67 -19.19
C HIS B 1198 24.83 -29.14 -20.10
N VAL B 1199 25.17 -28.84 -21.34
CA VAL B 1199 24.21 -28.35 -22.32
C VAL B 1199 23.04 -29.32 -22.50
N CYS B 1200 23.37 -30.57 -22.77
CA CYS B 1200 22.35 -31.61 -22.96
C CYS B 1200 21.47 -31.76 -21.72
N LEU B 1201 22.10 -31.80 -20.55
CA LEU B 1201 21.38 -31.99 -19.29
C LEU B 1201 20.27 -30.95 -19.06
N LYS B 1202 20.63 -29.66 -19.09
CA LYS B 1202 19.66 -28.59 -18.83
C LYS B 1202 18.63 -28.43 -19.95
N TYR B 1203 19.09 -28.43 -21.19
CA TYR B 1203 18.19 -28.26 -22.33
C TYR B 1203 17.18 -29.40 -22.43
N GLY B 1204 17.64 -30.62 -22.16
CA GLY B 1204 16.77 -31.77 -22.12
C GLY B 1204 15.62 -31.56 -21.16
N ARG B 1205 15.94 -31.03 -19.98
CA ARG B 1205 14.94 -30.74 -18.96
C ARG B 1205 13.85 -29.81 -19.52
N ARG B 1206 14.27 -28.83 -20.29
CA ARG B 1206 13.34 -27.90 -20.95
C ARG B 1206 12.73 -28.47 -22.22
N PHE B 1207 13.40 -29.46 -22.83
CA PHE B 1207 12.86 -30.15 -24.00
C PHE B 1207 11.77 -31.14 -23.62
N VAL B 1208 12.08 -31.97 -22.62
CA VAL B 1208 11.13 -32.96 -22.12
C VAL B 1208 9.94 -32.26 -21.51
N GLU B 1209 10.20 -31.09 -20.95
CA GLU B 1209 9.12 -30.27 -20.42
C GLU B 1209 8.24 -29.75 -21.55
N ALA B 1210 8.83 -29.48 -22.70
CA ALA B 1210 8.09 -28.95 -23.83
C ALA B 1210 7.22 -30.03 -24.48
N PHE B 1211 7.69 -31.27 -24.40
CA PHE B 1211 7.00 -32.42 -24.96
C PHE B 1211 5.67 -32.69 -24.26
N LEU B 1212 5.73 -32.80 -22.93
CA LEU B 1212 4.56 -33.13 -22.12
C LEU B 1212 3.43 -32.11 -22.28
N LYS B 1213 3.79 -30.83 -22.23
CA LYS B 1213 2.79 -29.76 -22.10
C LYS B 1213 2.31 -29.20 -23.43
N GLN B 1214 2.96 -29.60 -24.53
CA GLN B 1214 2.62 -29.07 -25.84
C GLN B 1214 2.35 -30.15 -26.88
N CYS B 1215 3.34 -30.99 -27.16
CA CYS B 1215 3.23 -32.00 -28.21
C CYS B 1215 2.41 -33.23 -27.81
N MET B 1216 2.39 -33.56 -26.53
CA MET B 1216 1.59 -34.70 -26.06
C MET B 1216 0.07 -34.46 -26.18
N PRO B 1217 -0.41 -33.30 -25.71
CA PRO B 1217 -1.83 -32.98 -25.86
C PRO B 1217 -2.28 -32.97 -27.33
N LEU B 1218 -1.38 -32.59 -28.23
CA LEU B 1218 -1.68 -32.59 -29.66
C LEU B 1218 -1.69 -33.99 -30.23
N LEU B 1219 -0.83 -34.87 -29.69
CA LEU B 1219 -0.77 -36.24 -30.15
C LEU B 1219 -2.11 -36.94 -29.98
N ASP B 1220 -2.68 -36.84 -28.78
CA ASP B 1220 -3.99 -37.39 -28.51
C ASP B 1220 -5.06 -36.63 -29.32
N PHE B 1221 -4.81 -35.34 -29.54
CA PHE B 1221 -5.70 -34.48 -30.30
C PHE B 1221 -5.94 -35.07 -31.70
N SER B 1222 -4.86 -35.30 -32.43
CA SER B 1222 -4.94 -35.82 -33.79
C SER B 1222 -4.77 -37.35 -33.88
N PHE B 1223 -4.58 -38.01 -32.74
CA PHE B 1223 -4.29 -39.45 -32.71
C PHE B 1223 -5.29 -40.31 -33.49
N ARG B 1224 -6.56 -39.95 -33.44
CA ARG B 1224 -7.61 -40.75 -34.07
C ARG B 1224 -7.74 -40.51 -35.59
N LYS B 1225 -7.60 -39.26 -36.02
CA LYS B 1225 -7.70 -38.91 -37.43
C LYS B 1225 -6.49 -39.42 -38.23
N HIS B 1226 -5.29 -39.03 -37.83
CA HIS B 1226 -4.07 -39.51 -38.49
C HIS B 1226 -3.22 -40.34 -37.54
N ARG B 1227 -3.22 -41.66 -37.74
CA ARG B 1227 -2.40 -42.57 -36.93
C ARG B 1227 -0.97 -42.67 -37.42
N GLU B 1228 -0.79 -42.52 -38.73
CA GLU B 1228 0.52 -42.68 -39.36
C GLU B 1228 1.49 -41.55 -38.98
N ASP B 1229 0.96 -40.34 -38.82
CA ASP B 1229 1.76 -39.21 -38.37
C ASP B 1229 1.94 -39.22 -36.85
N VAL B 1230 0.98 -39.81 -36.13
CA VAL B 1230 1.03 -39.89 -34.67
C VAL B 1230 1.94 -41.01 -34.14
N LEU B 1231 1.85 -42.17 -34.75
CA LEU B 1231 2.67 -43.31 -34.33
C LEU B 1231 4.11 -43.13 -34.74
N SER B 1232 4.33 -42.34 -35.78
CA SER B 1232 5.68 -42.03 -36.22
C SER B 1232 6.33 -41.04 -35.27
N LEU B 1233 5.54 -40.08 -34.79
CA LEU B 1233 6.03 -39.07 -33.85
C LEU B 1233 6.36 -39.68 -32.49
N LEU B 1234 5.72 -40.80 -32.17
CA LEU B 1234 5.98 -41.51 -30.93
C LEU B 1234 7.22 -42.38 -31.05
N GLN B 1235 7.61 -42.68 -32.27
CA GLN B 1235 8.84 -43.44 -32.53
C GLN B 1235 10.08 -42.55 -32.47
N THR B 1236 9.91 -41.29 -32.84
CA THR B 1236 11.01 -40.34 -32.76
C THR B 1236 11.17 -39.85 -31.31
N LEU B 1237 10.10 -39.99 -30.53
CA LEU B 1237 10.14 -39.67 -29.11
C LEU B 1237 10.89 -40.76 -28.35
N GLN B 1238 10.64 -42.00 -28.72
CA GLN B 1238 11.29 -43.14 -28.09
C GLN B 1238 12.79 -43.09 -28.30
N LEU B 1239 13.22 -42.69 -29.49
CA LEU B 1239 14.64 -42.62 -29.79
C LEU B 1239 15.30 -41.39 -29.15
N ASN B 1240 14.54 -40.32 -28.97
CA ASN B 1240 15.05 -39.16 -28.24
C ASN B 1240 15.23 -39.48 -26.76
N THR B 1241 14.39 -40.38 -26.26
CA THR B 1241 14.43 -40.78 -24.86
C THR B 1241 15.55 -41.78 -24.58
N ARG B 1242 15.78 -42.68 -25.53
CA ARG B 1242 16.84 -43.67 -25.40
C ARG B 1242 18.19 -42.99 -25.21
N LEU B 1243 18.35 -41.82 -25.82
CA LEU B 1243 19.58 -41.06 -25.73
C LEU B 1243 19.70 -40.34 -24.39
N LEU B 1244 18.58 -39.79 -23.94
CA LEU B 1244 18.53 -39.09 -22.65
C LEU B 1244 18.78 -40.01 -21.47
N HIS B 1245 18.47 -41.30 -21.63
CA HIS B 1245 18.72 -42.29 -20.60
C HIS B 1245 20.20 -42.64 -20.55
N HIS B 1246 20.78 -42.90 -21.72
CA HIS B 1246 22.21 -43.22 -21.78
C HIS B 1246 23.02 -41.99 -21.38
N LEU B 1247 22.36 -40.83 -21.40
CA LEU B 1247 22.99 -39.58 -20.99
C LEU B 1247 23.03 -39.42 -19.48
N CYS B 1248 21.94 -39.76 -18.80
CA CYS B 1248 21.89 -39.62 -17.35
C CYS B 1248 23.02 -40.40 -16.67
N GLY B 1249 22.92 -41.72 -16.63
CA GLY B 1249 24.06 -42.53 -16.24
C GLY B 1249 25.07 -42.35 -17.35
N HIS B 1250 26.27 -41.87 -17.02
CA HIS B 1250 27.26 -41.51 -18.04
C HIS B 1250 28.71 -41.46 -17.54
N SER B 1251 29.65 -41.58 -18.48
CA SER B 1251 31.08 -41.56 -18.16
C SER B 1251 31.53 -40.33 -17.38
N LYS B 1252 31.48 -39.16 -18.02
CA LYS B 1252 31.92 -37.92 -17.39
C LYS B 1252 31.02 -37.47 -16.24
N ILE B 1253 29.83 -38.08 -16.15
CA ILE B 1253 28.91 -37.85 -15.03
C ILE B 1253 29.38 -38.65 -13.82
N ARG B 1254 30.40 -39.50 -14.03
CA ARG B 1254 31.04 -40.26 -12.97
C ARG B 1254 32.08 -39.38 -12.29
N GLN B 1255 32.13 -38.12 -12.72
CA GLN B 1255 32.93 -37.08 -12.09
C GLN B 1255 32.07 -36.22 -11.16
N ASP B 1256 32.68 -35.73 -10.09
CA ASP B 1256 31.97 -35.18 -8.93
C ASP B 1256 31.12 -33.93 -9.18
N THR B 1257 30.22 -33.66 -8.24
CA THR B 1257 29.52 -32.36 -8.18
C THR B 1257 28.69 -32.03 -9.43
N ARG B 1258 29.13 -31.03 -10.19
CA ARG B 1258 28.26 -30.25 -11.05
C ARG B 1258 27.18 -31.07 -11.75
N LEU B 1259 27.50 -32.30 -12.15
CA LEU B 1259 26.58 -33.08 -12.97
C LEU B 1259 25.46 -33.78 -12.20
N THR B 1260 25.48 -33.70 -10.87
CA THR B 1260 24.46 -34.37 -10.05
C THR B 1260 23.26 -33.46 -9.72
N LYS B 1261 23.38 -32.18 -10.01
CA LYS B 1261 22.32 -31.20 -9.74
C LYS B 1261 21.37 -31.12 -10.92
N HIS B 1262 21.59 -32.02 -11.88
CA HIS B 1262 20.84 -32.03 -13.12
C HIS B 1262 20.07 -33.34 -13.27
N VAL B 1263 20.78 -34.46 -13.27
CA VAL B 1263 20.22 -35.79 -13.54
C VAL B 1263 18.83 -36.08 -12.96
N PRO B 1264 18.58 -35.70 -11.70
CA PRO B 1264 17.28 -36.06 -11.09
C PRO B 1264 16.07 -35.40 -11.73
N LEU B 1265 16.20 -34.15 -12.16
CA LEU B 1265 15.08 -33.42 -12.76
C LEU B 1265 14.71 -33.91 -14.15
N LEU B 1266 15.69 -34.46 -14.87
CA LEU B 1266 15.44 -35.10 -16.16
C LEU B 1266 14.79 -36.47 -15.93
N LYS B 1267 15.35 -37.21 -14.98
CA LYS B 1267 14.88 -38.55 -14.65
C LYS B 1267 13.40 -38.55 -14.27
N LYS B 1268 13.01 -37.57 -13.47
CA LYS B 1268 11.64 -37.47 -12.94
C LYS B 1268 10.60 -37.14 -14.02
N SER B 1269 10.95 -36.22 -14.92
CA SER B 1269 10.02 -35.81 -15.98
C SER B 1269 10.03 -36.78 -17.17
N LEU B 1270 11.09 -37.60 -17.26
CA LEU B 1270 11.17 -38.61 -18.30
C LEU B 1270 10.35 -39.85 -17.98
N GLU B 1271 10.28 -40.19 -16.70
CA GLU B 1271 9.47 -41.31 -16.24
C GLU B 1271 8.00 -40.92 -16.36
N LEU B 1272 7.78 -39.67 -16.73
CA LEU B 1272 6.46 -39.16 -17.05
C LEU B 1272 6.21 -39.31 -18.55
N LEU B 1273 7.02 -38.61 -19.35
CA LEU B 1273 6.92 -38.68 -20.81
C LEU B 1273 6.94 -40.12 -21.32
N VAL B 1274 7.86 -40.94 -20.81
CA VAL B 1274 7.92 -42.36 -21.17
C VAL B 1274 6.60 -43.07 -20.90
N CYS B 1275 6.03 -42.84 -19.72
CA CYS B 1275 4.78 -43.48 -19.32
C CYS B 1275 3.57 -42.90 -20.06
N ARG B 1276 3.76 -41.78 -20.75
CA ARG B 1276 2.73 -41.22 -21.62
C ARG B 1276 2.72 -41.95 -22.96
N VAL B 1277 3.89 -42.45 -23.36
CA VAL B 1277 4.02 -43.22 -24.61
C VAL B 1277 3.47 -44.64 -24.44
N LYS B 1278 3.62 -45.21 -23.25
CA LYS B 1278 3.11 -46.55 -22.97
C LYS B 1278 1.64 -46.67 -23.36
N ALA B 1279 0.80 -45.78 -22.83
CA ALA B 1279 -0.63 -45.82 -23.09
C ALA B 1279 -0.94 -45.55 -24.55
N MET B 1280 -0.03 -44.86 -25.23
CA MET B 1280 -0.18 -44.60 -26.66
C MET B 1280 0.22 -45.87 -27.42
N LEU B 1281 1.17 -46.61 -26.87
CA LEU B 1281 1.64 -47.85 -27.48
C LEU B 1281 0.55 -48.91 -27.46
N VAL B 1282 -0.22 -48.97 -26.38
CA VAL B 1282 -1.36 -49.87 -26.37
C VAL B 1282 -2.61 -49.06 -26.65
N LEU B 1283 -2.96 -49.01 -27.93
CA LEU B 1283 -4.32 -48.85 -28.41
C LEU B 1283 -4.32 -49.65 -29.69
N ASN B 1284 -5.04 -50.77 -29.73
CA ASN B 1284 -5.19 -51.55 -30.96
C ASN B 1284 -3.92 -51.54 -31.81
N ASN B 1285 -2.84 -52.16 -31.34
CA ASN B 1285 -1.59 -52.15 -32.11
C ASN B 1285 -1.76 -52.80 -33.48
N CYS B 1286 -1.41 -52.06 -34.54
CA CYS B 1286 -1.54 -52.54 -35.91
C CYS B 1286 -0.34 -52.09 -36.73
N ARG B 1287 0.28 -53.01 -37.46
CA ARG B 1287 1.56 -52.74 -38.10
C ARG B 1287 1.51 -51.68 -39.20
N GLU B 1288 0.30 -51.27 -39.59
CA GLU B 1288 0.17 -50.19 -40.56
C GLU B 1288 0.54 -48.85 -39.95
N ALA B 1289 0.07 -48.61 -38.72
CA ALA B 1289 0.44 -47.41 -38.00
C ALA B 1289 1.95 -47.34 -37.85
N PHE B 1290 2.58 -48.48 -37.57
CA PHE B 1290 4.03 -48.55 -37.41
C PHE B 1290 4.76 -48.58 -38.75
N TRP B 1291 4.15 -49.19 -39.76
CA TRP B 1291 4.80 -49.38 -41.05
C TRP B 1291 5.07 -48.05 -41.77
N LEU B 1292 4.03 -47.24 -41.94
CA LEU B 1292 4.14 -45.98 -42.66
C LEU B 1292 4.70 -44.88 -41.76
N GLY B 1293 4.77 -45.17 -40.46
CA GLY B 1293 5.44 -44.28 -39.52
C GLY B 1293 6.91 -44.64 -39.47
N THR B 1294 7.32 -45.54 -40.36
CA THR B 1294 8.71 -45.96 -40.46
C THR B 1294 9.37 -45.43 -41.73
N LEU B 1295 8.85 -45.85 -42.89
CA LEU B 1295 9.42 -45.43 -44.18
C LEU B 1295 9.19 -43.94 -44.46
N LYS B 1296 8.23 -43.33 -43.76
CA LYS B 1296 8.05 -41.88 -43.85
C LYS B 1296 8.82 -41.18 -42.74
N ASN B 1297 9.42 -41.99 -41.85
CA ASN B 1297 10.33 -41.50 -40.82
C ASN B 1297 11.77 -41.63 -41.30
N ARG B 1298 11.93 -42.22 -42.49
CA ARG B 1298 13.25 -42.54 -43.05
C ARG B 1298 14.23 -41.36 -42.96
N ASP B 1299 13.97 -40.32 -43.75
CA ASP B 1299 14.80 -39.11 -43.74
C ASP B 1299 14.26 -38.04 -44.69
#